data_9G02
#
_entry.id   9G02
#
_cell.length_a   1.00
_cell.length_b   1.00
_cell.length_c   1.00
_cell.angle_alpha   90.00
_cell.angle_beta   90.00
_cell.angle_gamma   90.00
#
_symmetry.space_group_name_H-M   'P 1'
#
loop_
_entity.id
_entity.type
_entity.pdbx_description
1 polymer 'CO-methylating acetyl-CoA synthase'
2 polymer 'Carbon monoxide dehydrogenase/acetyl-CoA synthase beta subunit'
3 non-polymer 'IRON/SULFUR CLUSTER'
4 non-polymer 'NICKEL (II) ION'
5 non-polymer 'Fe(3)-Ni(1)-S(4) cluster'
#
loop_
_entity_poly.entity_id
_entity_poly.type
_entity_poly.pdbx_seq_one_letter_code
_entity_poly.pdbx_strand_id
1 'polypeptide(L)'
;MNLFQTVFTGSKQALAAAEGIVKQAVDEKGRDYKVAFPDTAYSLPVIFAATGKKITNVGELEGALDIVRSLIVEEEMLDK
LLNSGLATAVAAEIIEAAKYVLSDAPYAEPCVGFISDPIIRSLGVPLVTGDIPGVAVILGECPDSETAAKIIKDYQSKGL
LTCLVGKVIDQAIEGKVKMGLDLRVIPLGYDVTSVIHVVTIAIRAALIFGGIKGGQLNDILKYTAERVPAFVNAFGPLSE
LVVSAGAGAIALGFPVLTDQVVPEVPTLLLTQKDYDKMVKTSLEARNIKIKITEIPIPVSFAAAFEGERIRKNDMLAEFG
GNKTKAWELVMCADQGEVEDHKIEVIGPDIDTIDKAPGRMPLGMLIKVSGTNMQKDFEPVLERRLHYFLNYIEGVMHVGQ
RNLTWVRIGKEAFEKGFRLKHFGEVIYAKMLDEFGSVVDKCEVTIITDPGKAEELEGKYAVPRYKERDARLESLVDEKVD
TFYSCNLCQSFAPAHVCIVTPERLGLCGAVSWLDAKATLELNPTGPCQAVPKEGVVDENLGIWEKVNETVSKISQGAVTS
VTLYSILQDPMTSCGCFECITGIMPEANGVVMVNREFGATTPLGMTFGELASMTGGGVQTPGFMGHGRQFIASKKFMKGE
GGLGRIVWMPKELKDFVAEKLNKTAKELYNIDNFADMICDETIATESEEVVKFLEEKGHPALKMDPIM
;
D,A
2 'polypeptide(L)'
;EEKAKSIDQATLQLLDKAKQDGVETVWDRKADMKVQCGFGSAGVCCRNCSMGPCRVSPVPGKGVERGICGATADVIVSRN
FARMVAAGTAAHSDHGRSIALSLYHTSKDGDIKVKDENKLKEVAKSFNVETEGRDIYDIAHDVAKEGLSNYGKQLGEVTL
PPSLPEKRKELWRKLGVYPRAVDREIAAVMHSTHIGCNADAEAMIKMSMRCSLTDGWMGSFMGTEFSDIMFGTPHSIDTE
ANLGVLEKNSVNVVLHGHEPLLSEMVVEAASDPELVELAKSVGADGINLCGMCCTGNEVSMRHGIKIAGNFMQQELAVVT
GAVDGLIVDVQCIMPALAKLSKSYHTKFITTSPKAHITDSIYMEFDEENPLDSAKKILKEAILNFKNRDQSKVMIPELKC
KAILGYSVEEIINKLDKVVNTQIGPMQTVKPLADVLVSGVLRGAAAVVGCNNPKVVQDSAHIETIKGLIKNDVIVVVTGC
AAQAAAKYGLLQKEAAEKYAGPGLATVCKLVDIPPVLHMGSCVDISRILDLVGRVANLLGVDMSDLPVAGVAPEWMSEKA
VAIGTYVVTSGIDTWLGVAPPVTGGPEVVDILTNKMEDWVGAKFFIETDPHKAVEQIVNRMNEKRKKLGI
;
B,C
#
# COMPACT_ATOMS: atom_id res chain seq x y z
N MET A 1 26.34 23.29 9.30
CA MET A 1 25.63 24.59 9.22
C MET A 1 24.74 24.60 7.98
N ASN A 2 23.44 24.72 8.20
CA ASN A 2 22.48 24.66 7.10
C ASN A 2 22.40 26.03 6.42
N LEU A 3 21.53 26.12 5.41
CA LEU A 3 21.42 27.34 4.61
C LEU A 3 21.01 28.53 5.46
N PHE A 4 19.98 28.35 6.29
CA PHE A 4 19.49 29.45 7.13
C PHE A 4 20.57 29.93 8.08
N GLN A 5 21.28 29.00 8.71
CA GLN A 5 22.33 29.39 9.64
C GLN A 5 23.51 30.03 8.93
N THR A 6 23.82 29.58 7.71
CA THR A 6 24.87 30.22 6.94
C THR A 6 24.52 31.66 6.60
N VAL A 7 23.27 31.92 6.21
CA VAL A 7 22.84 33.27 5.86
C VAL A 7 22.83 34.15 7.10
N PHE A 8 22.31 33.64 8.22
CA PHE A 8 22.29 34.43 9.45
C PHE A 8 23.71 34.75 9.90
N THR A 9 24.62 33.78 9.82
CA THR A 9 26.01 34.02 10.19
C THR A 9 26.63 35.10 9.31
N GLY A 10 26.38 35.03 8.00
CA GLY A 10 26.92 36.04 7.11
C GLY A 10 26.40 37.43 7.40
N SER A 11 25.10 37.54 7.69
CA SER A 11 24.51 38.85 7.99
C SER A 11 25.10 39.44 9.26
N LYS A 12 25.34 38.61 10.28
CA LYS A 12 25.97 39.09 11.51
C LYS A 12 27.39 39.56 11.25
N GLN A 13 28.14 38.83 10.42
CA GLN A 13 29.47 39.29 10.04
C GLN A 13 29.41 40.60 9.26
N ALA A 14 28.42 40.73 8.39
CA ALA A 14 28.23 42.00 7.68
C ALA A 14 27.88 43.11 8.65
N LEU A 15 27.04 42.83 9.65
CA LEU A 15 26.73 43.81 10.68
C LEU A 15 27.97 44.16 11.49
N ALA A 16 28.79 43.15 11.81
CA ALA A 16 30.00 43.39 12.59
C ALA A 16 30.98 44.29 11.83
N ALA A 17 31.13 44.07 10.52
CA ALA A 17 32.01 44.90 9.73
C ALA A 17 31.44 46.31 9.56
N ALA A 18 30.12 46.44 9.45
CA ALA A 18 29.51 47.77 9.33
C ALA A 18 29.69 48.58 10.60
N GLU A 19 29.54 47.95 11.77
CA GLU A 19 29.72 48.66 13.03
C GLU A 19 31.16 49.12 13.20
N GLY A 20 32.12 48.29 12.81
CA GLY A 20 33.52 48.66 12.97
C GLY A 20 33.93 49.83 12.09
N ILE A 21 33.46 49.86 10.85
CA ILE A 21 33.87 50.93 9.94
C ILE A 21 33.13 52.22 10.25
N VAL A 22 31.90 52.14 10.76
CA VAL A 22 31.19 53.34 11.18
C VAL A 22 31.87 53.98 12.37
N LYS A 23 32.41 53.15 13.28
CA LYS A 23 33.12 53.68 14.43
C LYS A 23 34.35 54.48 14.00
N GLN A 24 35.06 54.01 12.97
CA GLN A 24 36.21 54.76 12.45
C GLN A 24 35.78 56.10 11.89
N ALA A 25 34.66 56.14 11.17
CA ALA A 25 34.18 57.39 10.58
C ALA A 25 33.81 58.39 11.67
N VAL A 26 33.17 57.91 12.75
CA VAL A 26 32.82 58.80 13.86
C VAL A 26 34.09 59.35 14.52
N ASP A 27 35.08 58.49 14.74
CA ASP A 27 36.29 58.92 15.44
C ASP A 27 37.13 59.86 14.61
N GLU A 28 37.14 59.71 13.28
CA GLU A 28 37.99 60.52 12.42
C GLU A 28 37.28 61.75 11.89
N LYS A 29 35.98 61.65 11.58
CA LYS A 29 35.26 62.73 10.92
C LYS A 29 34.16 63.34 11.77
N GLY A 30 33.69 62.66 12.80
CA GLY A 30 32.61 63.18 13.63
C GLY A 30 31.25 62.91 13.03
N ARG A 31 30.24 62.98 13.91
CA ARG A 31 28.87 62.68 13.48
C ARG A 31 28.26 63.77 12.62
N ASP A 32 28.87 64.94 12.53
CA ASP A 32 28.36 66.01 11.69
C ASP A 32 28.93 65.97 10.28
N TYR A 33 29.92 65.13 10.02
CA TYR A 33 30.53 65.04 8.70
C TYR A 33 29.52 64.47 7.70
N LYS A 34 29.56 65.00 6.49
CA LYS A 34 28.58 64.64 5.47
C LYS A 34 28.82 63.22 4.96
N VAL A 35 27.72 62.53 4.69
CA VAL A 35 27.73 61.19 4.09
C VAL A 35 27.00 61.26 2.76
N ALA A 36 27.68 60.85 1.69
CA ALA A 36 27.05 60.91 0.37
C ALA A 36 27.77 59.95 -0.57
N PHE A 37 27.07 59.59 -1.64
CA PHE A 37 27.60 58.86 -2.78
C PHE A 37 27.76 59.81 -3.96
N PRO A 38 28.78 59.62 -4.80
CA PRO A 38 29.05 60.60 -5.87
C PRO A 38 27.95 60.61 -6.92
N ASP A 39 27.31 61.77 -7.06
CA ASP A 39 26.33 62.03 -8.12
C ASP A 39 25.15 61.05 -8.07
N THR A 40 24.40 61.13 -6.97
CA THR A 40 23.15 60.40 -6.83
C THR A 40 22.12 61.29 -6.16
N ALA A 41 20.85 61.06 -6.50
CA ALA A 41 19.74 61.82 -5.94
C ALA A 41 18.94 61.01 -4.92
N TYR A 42 19.39 59.81 -4.56
CA TYR A 42 18.65 58.95 -3.64
C TYR A 42 19.47 58.60 -2.41
N SER A 43 20.44 59.46 -2.06
CA SER A 43 21.27 59.26 -0.88
C SER A 43 21.93 57.89 -0.88
N LEU A 44 21.61 57.05 0.10
CA LEU A 44 22.01 55.64 0.08
C LEU A 44 20.82 54.86 -0.46
N PRO A 45 20.85 54.36 -1.69
CA PRO A 45 19.62 53.84 -2.32
C PRO A 45 18.96 52.70 -1.56
N VAL A 46 19.72 51.77 -0.98
CA VAL A 46 19.11 50.61 -0.33
C VAL A 46 18.32 51.06 0.90
N ILE A 47 18.91 51.93 1.71
CA ILE A 47 18.21 52.44 2.88
C ILE A 47 17.04 53.32 2.47
N PHE A 48 17.23 54.13 1.44
CA PHE A 48 16.12 54.96 0.95
C PHE A 48 14.99 54.10 0.41
N ALA A 49 15.32 53.03 -0.31
CA ALA A 49 14.30 52.13 -0.82
C ALA A 49 13.56 51.43 0.31
N ALA A 50 14.28 50.96 1.32
CA ALA A 50 13.67 50.17 2.38
C ALA A 50 12.88 51.03 3.36
N THR A 51 13.36 52.23 3.67
CA THR A 51 12.76 53.06 4.71
C THR A 51 12.27 54.41 4.23
N GLY A 52 12.76 54.91 3.09
CA GLY A 52 12.41 56.23 2.62
C GLY A 52 13.23 57.36 3.21
N LYS A 53 14.14 57.06 4.13
CA LYS A 53 14.96 58.07 4.77
C LYS A 53 16.22 58.32 3.97
N LYS A 54 16.56 59.59 3.83
CA LYS A 54 17.83 60.00 3.23
C LYS A 54 18.83 60.25 4.35
N ILE A 55 20.02 59.66 4.21
CA ILE A 55 21.08 59.76 5.21
C ILE A 55 22.11 60.74 4.67
N THR A 56 22.38 61.79 5.44
CA THR A 56 23.25 62.88 4.99
C THR A 56 24.51 63.05 5.81
N ASN A 57 24.49 62.75 7.11
CA ASN A 57 25.63 62.92 7.98
C ASN A 57 26.06 61.57 8.55
N VAL A 58 27.23 61.57 9.20
CA VAL A 58 27.78 60.37 9.80
C VAL A 58 26.92 59.90 10.96
N GLY A 59 26.35 60.84 11.73
CA GLY A 59 25.52 60.45 12.85
C GLY A 59 24.32 59.62 12.44
N GLU A 60 23.73 59.95 11.28
CA GLU A 60 22.62 59.15 10.77
C GLU A 60 23.10 57.82 10.20
N LEU A 61 24.32 57.77 9.70
CA LEU A 61 24.87 56.50 9.23
C LEU A 61 24.99 55.51 10.38
N GLU A 62 25.43 55.99 11.55
CA GLU A 62 25.49 55.14 12.73
C GLU A 62 24.10 54.70 13.17
N GLY A 63 23.10 55.55 12.98
CA GLY A 63 21.73 55.17 13.28
C GLY A 63 21.09 54.24 12.28
N ALA A 64 21.71 54.06 11.11
CA ALA A 64 21.23 53.11 10.11
C ALA A 64 21.63 51.67 10.44
N LEU A 65 22.54 51.49 11.40
CA LEU A 65 22.88 50.14 11.84
C LEU A 65 21.68 49.46 12.49
N ASP A 66 20.75 50.24 13.04
CA ASP A 66 19.54 49.65 13.62
C ASP A 66 18.65 49.03 12.55
N ILE A 67 18.71 49.54 11.32
CA ILE A 67 17.98 48.91 10.22
C ILE A 67 18.53 47.50 9.97
N VAL A 68 19.85 47.35 9.98
CA VAL A 68 20.46 46.04 9.79
C VAL A 68 20.07 45.11 10.93
N ARG A 69 20.08 45.60 12.16
CA ARG A 69 19.77 44.76 13.31
C ARG A 69 18.32 44.28 13.27
N SER A 70 17.39 45.16 12.88
CA SER A 70 15.99 44.77 12.84
C SER A 70 15.67 43.82 11.70
N LEU A 71 16.56 43.69 10.72
CA LEU A 71 16.33 42.79 9.59
C LEU A 71 16.88 41.38 9.84
N ILE A 72 17.56 41.15 10.94
CA ILE A 72 18.13 39.83 11.25
C ILE A 72 17.30 39.22 12.38
N VAL A 73 16.31 38.41 12.02
CA VAL A 73 15.55 37.62 12.97
C VAL A 73 15.87 36.15 12.69
N GLU A 74 16.53 35.51 13.66
CA GLU A 74 17.08 34.18 13.46
C GLU A 74 16.02 33.11 13.72
N GLU A 75 15.07 33.04 12.80
CA GLU A 75 14.04 32.01 12.79
C GLU A 75 14.05 31.38 11.41
N GLU A 76 14.08 30.04 11.37
CA GLU A 76 14.28 29.32 10.10
C GLU A 76 12.96 29.25 9.32
N MET A 77 12.59 30.40 8.77
CA MET A 77 11.49 30.51 7.82
C MET A 77 11.95 31.39 6.66
N LEU A 78 11.36 31.16 5.49
CA LEU A 78 11.88 31.76 4.26
C LEU A 78 11.86 33.29 4.32
N ASP A 79 10.82 33.87 4.91
CA ASP A 79 10.73 35.32 4.98
C ASP A 79 11.89 35.91 5.79
N LYS A 80 12.26 35.27 6.90
CA LYS A 80 13.38 35.77 7.70
C LYS A 80 14.69 35.65 6.92
N LEU A 81 14.86 34.58 6.15
CA LEU A 81 16.07 34.43 5.34
C LEU A 81 16.20 35.54 4.32
N LEU A 82 15.09 35.90 3.66
CA LEU A 82 15.14 36.99 2.69
C LEU A 82 15.38 38.33 3.39
N ASN A 83 14.77 38.55 4.56
CA ASN A 83 15.04 39.76 5.33
C ASN A 83 16.49 39.81 5.77
N SER A 84 17.06 38.67 6.14
CA SER A 84 18.46 38.62 6.52
C SER A 84 19.37 38.91 5.33
N GLY A 85 18.99 38.44 4.14
CA GLY A 85 19.72 38.83 2.94
C GLY A 85 19.69 40.33 2.72
N LEU A 86 18.53 40.94 2.95
CA LEU A 86 18.44 42.39 2.86
C LEU A 86 19.25 43.09 3.95
N ALA A 87 19.42 42.46 5.11
CA ALA A 87 20.27 43.03 6.14
C ALA A 87 21.72 43.12 5.67
N THR A 88 22.20 42.08 4.98
CA THR A 88 23.54 42.13 4.40
C THR A 88 23.66 43.22 3.36
N ALA A 89 22.63 43.39 2.54
CA ALA A 89 22.66 44.44 1.51
C ALA A 89 22.71 45.82 2.13
N VAL A 90 21.93 46.05 3.19
CA VAL A 90 21.99 47.33 3.89
C VAL A 90 23.34 47.52 4.57
N ALA A 91 23.85 46.46 5.21
CA ALA A 91 25.16 46.56 5.86
C ALA A 91 26.26 46.84 4.84
N ALA A 92 26.20 46.19 3.68
CA ALA A 92 27.20 46.41 2.63
C ALA A 92 27.16 47.86 2.15
N GLU A 93 25.96 48.43 2.00
CA GLU A 93 25.85 49.82 1.58
C GLU A 93 26.45 50.77 2.62
N ILE A 94 26.21 50.48 3.91
CA ILE A 94 26.79 51.32 4.96
C ILE A 94 28.30 51.24 4.93
N ILE A 95 28.84 50.04 4.70
CA ILE A 95 30.30 49.89 4.58
C ILE A 95 30.81 50.69 3.39
N GLU A 96 30.13 50.60 2.26
CA GLU A 96 30.55 51.34 1.07
C GLU A 96 30.40 52.83 1.26
N ALA A 97 29.33 53.26 1.93
CA ALA A 97 29.16 54.68 2.22
C ALA A 97 30.28 55.21 3.11
N ALA A 98 30.68 54.43 4.12
CA ALA A 98 31.75 54.86 5.01
C ALA A 98 33.09 54.92 4.29
N LYS A 99 33.25 54.14 3.22
CA LYS A 99 34.50 54.19 2.44
C LYS A 99 34.69 55.57 1.82
N TYR A 100 33.63 56.15 1.27
CA TYR A 100 33.73 57.47 0.67
C TYR A 100 33.91 58.55 1.74
N VAL A 101 33.41 58.31 2.95
CA VAL A 101 33.64 59.25 4.05
C VAL A 101 35.10 59.25 4.46
N LEU A 102 35.67 58.06 4.65
CA LEU A 102 37.05 57.96 5.13
C LEU A 102 38.05 58.38 4.06
N SER A 103 37.87 57.90 2.83
CA SER A 103 38.77 58.21 1.73
C SER A 103 38.00 58.94 0.64
N ASP A 104 38.62 60.00 0.11
CA ASP A 104 37.99 60.78 -0.94
C ASP A 104 37.79 59.95 -2.20
N ALA A 105 38.76 59.10 -2.53
CA ALA A 105 38.68 58.21 -3.70
C ALA A 105 38.96 56.78 -3.24
N PRO A 106 37.97 56.11 -2.65
CA PRO A 106 38.21 54.75 -2.14
C PRO A 106 38.48 53.74 -3.23
N TYR A 107 38.11 54.01 -4.48
CA TYR A 107 38.27 53.06 -5.57
C TYR A 107 39.22 53.62 -6.61
N ALA A 108 40.20 52.81 -7.01
CA ALA A 108 41.13 53.15 -8.07
C ALA A 108 40.84 52.29 -9.28
N GLU A 109 41.31 52.74 -10.43
CA GLU A 109 41.10 52.00 -11.66
C GLU A 109 41.79 50.64 -11.58
N PRO A 110 41.21 49.59 -12.18
CA PRO A 110 40.02 49.58 -13.04
C PRO A 110 38.69 49.60 -12.28
N CYS A 111 38.70 49.45 -10.96
CA CYS A 111 37.44 49.43 -10.21
C CYS A 111 36.76 50.78 -10.26
N VAL A 112 35.43 50.76 -10.45
CA VAL A 112 34.66 51.99 -10.57
C VAL A 112 33.88 52.32 -9.31
N GLY A 113 33.66 51.36 -8.43
CA GLY A 113 32.92 51.64 -7.20
C GLY A 113 31.48 51.98 -7.49
N PHE A 114 31.02 53.09 -6.92
CA PHE A 114 29.63 53.48 -7.05
C PHE A 114 29.32 53.90 -8.48
N ILE A 115 28.11 53.58 -8.93
CA ILE A 115 27.62 53.94 -10.26
C ILE A 115 26.65 55.09 -10.11
N SER A 116 26.97 56.21 -10.73
CA SER A 116 26.17 57.42 -10.56
C SER A 116 24.85 57.31 -11.30
N ASP A 117 23.91 58.16 -10.90
CA ASP A 117 22.58 58.17 -11.53
C ASP A 117 22.61 58.43 -13.03
N PRO A 118 23.39 59.37 -13.56
CA PRO A 118 23.39 59.56 -15.02
C PRO A 118 23.77 58.30 -15.79
N ILE A 119 24.66 57.48 -15.25
CA ILE A 119 25.00 56.22 -15.91
C ILE A 119 23.80 55.29 -15.95
N ILE A 120 23.03 55.23 -14.85
CA ILE A 120 21.86 54.37 -14.81
C ILE A 120 20.84 54.79 -15.88
N ARG A 121 20.59 56.10 -15.99
CA ARG A 121 19.70 56.57 -17.05
C ARG A 121 20.29 56.33 -18.43
N SER A 122 21.62 56.33 -18.55
CA SER A 122 22.26 56.05 -19.83
C SER A 122 21.99 54.62 -20.28
N LEU A 123 22.12 53.65 -19.36
CA LEU A 123 21.87 52.25 -19.69
C LEU A 123 20.43 51.83 -19.40
N GLY A 124 19.60 52.73 -18.88
CA GLY A 124 18.22 52.39 -18.62
C GLY A 124 17.42 52.13 -19.89
N VAL A 125 17.65 52.94 -20.92
CA VAL A 125 16.93 52.74 -22.19
C VAL A 125 17.26 51.40 -22.83
N PRO A 126 18.52 50.99 -22.94
CA PRO A 126 18.78 49.63 -23.45
C PRO A 126 18.18 48.53 -22.60
N LEU A 127 18.01 48.76 -21.29
CA LEU A 127 17.39 47.76 -20.43
C LEU A 127 15.92 47.58 -20.76
N VAL A 128 15.19 48.68 -20.95
CA VAL A 128 13.75 48.58 -21.21
C VAL A 128 13.49 47.97 -22.59
N THR A 129 14.25 48.40 -23.59
CA THR A 129 14.03 47.93 -24.96
C THR A 129 14.63 46.56 -25.22
N GLY A 130 15.36 45.98 -24.27
CA GLY A 130 15.93 44.66 -24.44
C GLY A 130 17.26 44.61 -25.14
N ASP A 131 17.84 45.76 -25.49
CA ASP A 131 19.17 45.77 -26.07
C ASP A 131 20.20 45.20 -25.09
N ILE A 132 19.94 45.35 -23.80
CA ILE A 132 20.70 44.65 -22.78
C ILE A 132 19.83 43.50 -22.29
N PRO A 133 20.10 42.26 -22.72
CA PRO A 133 19.22 41.13 -22.33
C PRO A 133 19.24 40.83 -20.84
N GLY A 134 20.29 41.19 -20.12
CA GLY A 134 20.33 40.91 -18.70
C GLY A 134 21.59 41.48 -18.07
N VAL A 135 21.68 41.32 -16.76
CA VAL A 135 22.83 41.79 -15.98
C VAL A 135 23.47 40.57 -15.32
N ALA A 136 24.71 40.29 -15.69
CA ALA A 136 25.47 39.16 -15.15
C ALA A 136 26.35 39.69 -14.03
N VAL A 137 26.02 39.35 -12.79
CA VAL A 137 26.78 39.75 -11.62
C VAL A 137 27.72 38.59 -11.30
N ILE A 138 28.99 38.75 -11.66
CA ILE A 138 30.01 37.72 -11.49
C ILE A 138 30.90 38.12 -10.33
N LEU A 139 30.95 37.26 -9.31
CA LEU A 139 31.81 37.54 -8.17
C LEU A 139 32.51 36.27 -7.74
N GLY A 140 33.69 36.45 -7.13
CA GLY A 140 34.50 35.33 -6.68
C GLY A 140 35.73 35.14 -7.51
N GLU A 141 36.12 33.88 -7.71
CA GLU A 141 37.29 33.55 -8.52
C GLU A 141 37.04 32.23 -9.24
N CYS A 142 37.36 32.20 -10.52
CA CYS A 142 37.27 30.99 -11.31
C CYS A 142 38.53 30.14 -11.14
N PRO A 143 38.47 28.85 -11.50
CA PRO A 143 39.66 28.00 -11.34
C PRO A 143 40.87 28.51 -12.12
N ASP A 144 40.68 29.20 -13.23
CA ASP A 144 41.79 29.77 -13.98
C ASP A 144 41.31 31.02 -14.71
N SER A 145 42.27 31.82 -15.16
CA SER A 145 41.94 33.11 -15.80
C SER A 145 41.18 32.90 -17.11
N GLU A 146 41.57 31.89 -17.88
CA GLU A 146 40.90 31.67 -19.17
C GLU A 146 39.46 31.24 -18.99
N THR A 147 39.16 30.48 -17.94
CA THR A 147 37.77 30.12 -17.66
C THR A 147 36.93 31.36 -17.39
N ALA A 148 37.45 32.29 -16.58
CA ALA A 148 36.73 33.52 -16.32
C ALA A 148 36.60 34.36 -17.58
N ALA A 149 37.66 34.46 -18.36
CA ALA A 149 37.61 35.26 -19.58
C ALA A 149 36.60 34.69 -20.57
N LYS A 150 36.55 33.37 -20.69
CA LYS A 150 35.59 32.74 -21.61
C LYS A 150 34.16 33.06 -21.21
N ILE A 151 33.83 32.91 -19.93
CA ILE A 151 32.47 33.14 -19.48
C ILE A 151 32.11 34.61 -19.63
N ILE A 152 33.01 35.50 -19.21
CA ILE A 152 32.75 36.94 -19.28
C ILE A 152 32.57 37.38 -20.73
N LYS A 153 33.46 36.94 -21.61
CA LYS A 153 33.34 37.33 -23.01
C LYS A 153 32.14 36.68 -23.68
N ASP A 154 31.72 35.50 -23.20
CA ASP A 154 30.49 34.91 -23.69
C ASP A 154 29.29 35.78 -23.35
N TYR A 155 29.21 36.29 -22.11
CA TYR A 155 28.16 37.21 -21.75
C TYR A 155 28.25 38.51 -22.54
N GLN A 156 29.47 39.02 -22.73
CA GLN A 156 29.66 40.27 -23.44
C GLN A 156 29.25 40.14 -24.92
N SER A 157 29.61 39.02 -25.55
CA SER A 157 29.24 38.81 -26.94
C SER A 157 27.75 38.64 -27.14
N LYS A 158 27.02 38.32 -26.08
CA LYS A 158 25.56 38.21 -26.15
C LYS A 158 24.86 39.52 -25.81
N GLY A 159 25.60 40.60 -25.57
CA GLY A 159 25.00 41.88 -25.30
C GLY A 159 24.64 42.13 -23.85
N LEU A 160 24.93 41.20 -22.95
CA LEU A 160 24.62 41.39 -21.54
C LEU A 160 25.62 42.35 -20.88
N LEU A 161 25.13 43.10 -19.92
CA LEU A 161 25.99 43.91 -19.07
C LEU A 161 26.49 43.04 -17.92
N THR A 162 27.81 42.86 -17.82
CA THR A 162 28.40 42.05 -16.77
C THR A 162 29.15 42.94 -15.79
N CYS A 163 28.91 42.71 -14.50
CA CYS A 163 29.61 43.39 -13.42
C CYS A 163 30.48 42.40 -12.67
N LEU A 164 31.65 42.85 -12.24
CA LEU A 164 32.66 41.97 -11.67
C LEU A 164 32.99 42.40 -10.23
N VAL A 165 33.04 41.42 -9.33
CA VAL A 165 33.43 41.63 -7.95
C VAL A 165 34.47 40.58 -7.60
N GLY A 166 35.56 41.01 -6.98
CA GLY A 166 36.57 40.08 -6.50
C GLY A 166 37.66 39.78 -7.51
N LYS A 167 38.29 38.63 -7.30
CA LYS A 167 39.47 38.25 -8.08
C LYS A 167 39.17 37.99 -9.54
N VAL A 168 37.90 37.85 -9.93
CA VAL A 168 37.58 37.73 -11.34
C VAL A 168 37.96 38.99 -12.08
N ILE A 169 38.06 40.13 -11.38
CA ILE A 169 38.54 41.35 -12.02
C ILE A 169 39.98 41.17 -12.50
N ASP A 170 40.82 40.58 -11.65
CA ASP A 170 42.21 40.33 -12.05
C ASP A 170 42.30 39.19 -13.06
N GLN A 171 41.49 38.14 -12.87
CA GLN A 171 41.51 37.02 -13.80
C GLN A 171 41.10 37.45 -15.19
N ALA A 172 40.09 38.31 -15.29
CA ALA A 172 39.68 38.81 -16.60
C ALA A 172 40.74 39.70 -17.23
N ILE A 173 41.48 40.47 -16.43
CA ILE A 173 42.58 41.27 -16.95
C ILE A 173 43.67 40.36 -17.49
N GLU A 174 44.00 39.29 -16.77
CA GLU A 174 44.94 38.30 -17.28
C GLU A 174 44.41 37.63 -18.55
N GLY A 175 43.09 37.46 -18.64
CA GLY A 175 42.45 36.95 -19.83
C GLY A 175 42.22 37.98 -20.91
N LYS A 176 42.62 39.22 -20.68
CA LYS A 176 42.53 40.29 -21.66
C LYS A 176 41.09 40.55 -22.10
N VAL A 177 40.22 40.74 -21.11
CA VAL A 177 38.84 41.15 -21.35
C VAL A 177 38.82 42.68 -21.36
N LYS A 178 38.28 43.26 -22.43
CA LYS A 178 38.24 44.70 -22.60
C LYS A 178 37.12 45.27 -21.74
N MET A 179 37.46 46.06 -20.72
CA MET A 179 36.51 46.55 -19.74
C MET A 179 36.11 47.99 -20.02
N GLY A 180 34.86 48.29 -19.73
CA GLY A 180 34.33 49.63 -19.90
C GLY A 180 32.82 49.64 -19.88
N LEU A 181 32.26 50.82 -19.65
CA LEU A 181 30.80 50.95 -19.67
C LEU A 181 30.27 50.71 -21.08
N ASP A 182 30.96 51.23 -22.11
CA ASP A 182 30.55 50.96 -23.48
C ASP A 182 30.85 49.52 -23.88
N LEU A 183 31.86 48.91 -23.28
CA LEU A 183 32.16 47.49 -23.48
C LEU A 183 31.31 46.59 -22.59
N ARG A 184 30.51 47.17 -21.69
CA ARG A 184 29.58 46.42 -20.84
C ARG A 184 30.29 45.39 -19.97
N VAL A 185 31.47 45.75 -19.48
CA VAL A 185 32.24 44.94 -18.54
C VAL A 185 32.70 45.88 -17.43
N ILE A 186 31.97 45.91 -16.32
CA ILE A 186 32.17 46.90 -15.26
C ILE A 186 32.75 46.20 -14.04
N PRO A 187 34.02 46.45 -13.68
CA PRO A 187 34.53 45.97 -12.40
C PRO A 187 34.16 46.92 -11.26
N LEU A 188 33.45 46.38 -10.26
CA LEU A 188 32.96 47.19 -9.17
C LEU A 188 33.98 47.34 -8.04
N GLY A 189 34.64 46.26 -7.65
CA GLY A 189 35.61 46.30 -6.58
C GLY A 189 36.03 44.92 -6.15
N TYR A 190 37.15 44.82 -5.44
CA TYR A 190 37.67 43.53 -5.01
C TYR A 190 37.01 43.00 -3.74
N ASP A 191 36.29 43.83 -3.00
CA ASP A 191 35.63 43.40 -1.78
C ASP A 191 34.20 42.97 -2.08
N VAL A 192 33.70 42.04 -1.27
CA VAL A 192 32.36 41.49 -1.48
C VAL A 192 31.32 42.60 -1.40
N THR A 193 31.52 43.55 -0.48
CA THR A 193 30.55 44.64 -0.32
C THR A 193 30.38 45.47 -1.58
N SER A 194 31.33 45.43 -2.53
CA SER A 194 31.20 46.17 -3.77
C SER A 194 30.07 45.66 -4.65
N VAL A 195 29.52 44.48 -4.37
CA VAL A 195 28.38 43.98 -5.13
C VAL A 195 27.13 44.83 -4.88
N ILE A 196 27.12 45.63 -3.81
CA ILE A 196 25.98 46.51 -3.55
C ILE A 196 25.87 47.58 -4.63
N HIS A 197 26.96 47.86 -5.36
CA HIS A 197 26.94 48.93 -6.34
C HIS A 197 26.14 48.54 -7.58
N VAL A 198 26.02 47.25 -7.88
CA VAL A 198 25.09 46.81 -8.93
C VAL A 198 23.70 46.57 -8.35
N VAL A 199 23.61 46.27 -7.05
CA VAL A 199 22.31 46.16 -6.41
C VAL A 199 21.58 47.50 -6.44
N THR A 200 22.30 48.58 -6.15
CA THR A 200 21.68 49.91 -6.19
C THR A 200 21.27 50.32 -7.60
N ILE A 201 21.89 49.74 -8.62
CA ILE A 201 21.43 49.97 -9.99
C ILE A 201 20.01 49.43 -10.16
N ALA A 202 19.77 48.21 -9.71
CA ALA A 202 18.42 47.66 -9.77
C ALA A 202 17.46 48.42 -8.87
N ILE A 203 17.93 48.83 -7.69
CA ILE A 203 17.06 49.58 -6.77
C ILE A 203 16.67 50.92 -7.39
N ARG A 204 17.65 51.65 -7.92
CA ARG A 204 17.35 52.95 -8.51
C ARG A 204 16.60 52.83 -9.83
N ALA A 205 16.71 51.69 -10.52
CA ALA A 205 15.87 51.47 -11.70
C ALA A 205 14.40 51.49 -11.31
N ALA A 206 14.06 50.87 -10.18
CA ALA A 206 12.70 50.96 -9.66
C ALA A 206 12.35 52.40 -9.26
N LEU A 207 13.30 53.09 -8.64
CA LEU A 207 13.05 54.47 -8.22
C LEU A 207 12.90 55.40 -9.41
N ILE A 208 13.73 55.22 -10.44
CA ILE A 208 13.74 56.13 -11.57
C ILE A 208 12.72 55.73 -12.63
N PHE A 209 12.76 54.49 -13.08
CA PHE A 209 11.88 54.06 -14.17
C PHE A 209 10.56 53.51 -13.69
N GLY A 210 10.53 52.82 -12.54
CA GLY A 210 9.28 52.31 -12.01
C GLY A 210 8.43 53.36 -11.33
N GLY A 211 9.00 54.50 -10.99
CA GLY A 211 8.23 55.54 -10.31
C GLY A 211 7.69 55.12 -8.96
N ILE A 212 8.49 54.38 -8.20
CA ILE A 212 8.09 53.90 -6.88
C ILE A 212 8.77 54.78 -5.84
N LYS A 213 7.98 55.31 -4.91
CA LYS A 213 8.54 56.19 -3.89
C LYS A 213 9.35 55.39 -2.88
N GLY A 214 10.26 56.07 -2.21
CA GLY A 214 11.07 55.42 -1.20
C GLY A 214 10.23 54.95 -0.02
N GLY A 215 10.65 53.82 0.56
CA GLY A 215 9.92 53.21 1.64
C GLY A 215 8.92 52.15 1.20
N GLN A 216 8.57 52.11 -0.08
CA GLN A 216 7.69 51.07 -0.62
C GLN A 216 8.54 49.85 -1.01
N LEU A 217 9.07 49.19 0.02
CA LEU A 217 10.07 48.15 -0.20
C LEU A 217 9.50 46.98 -1.00
N ASN A 218 8.27 46.55 -0.67
CA ASN A 218 7.69 45.41 -1.37
C ASN A 218 7.45 45.72 -2.83
N ASP A 219 7.00 46.94 -3.14
CA ASP A 219 6.83 47.33 -4.54
C ASP A 219 8.18 47.37 -5.26
N ILE A 220 9.23 47.82 -4.56
CA ILE A 220 10.55 47.85 -5.17
C ILE A 220 11.09 46.44 -5.38
N LEU A 221 10.91 45.55 -4.39
CA LEU A 221 11.34 44.17 -4.57
C LEU A 221 10.55 43.49 -5.67
N LYS A 222 9.26 43.78 -5.77
CA LYS A 222 8.46 43.24 -6.87
C LYS A 222 8.96 43.75 -8.21
N TYR A 223 9.35 45.02 -8.28
CA TYR A 223 9.81 45.59 -9.54
C TYR A 223 11.11 44.93 -10.00
N THR A 224 12.10 44.81 -9.11
CA THR A 224 13.37 44.21 -9.50
C THR A 224 13.21 42.74 -9.90
N ALA A 225 12.28 42.03 -9.26
CA ALA A 225 12.07 40.63 -9.58
C ALA A 225 11.47 40.44 -10.96
N GLU A 226 10.59 41.35 -11.39
CA GLU A 226 9.93 41.24 -12.67
C GLU A 226 10.59 42.04 -13.78
N ARG A 227 11.23 43.16 -13.45
CA ARG A 227 11.69 44.09 -14.47
C ARG A 227 13.19 44.11 -14.68
N VAL A 228 13.99 43.77 -13.66
CA VAL A 228 15.45 43.81 -13.77
C VAL A 228 15.93 42.38 -14.03
N PRO A 229 16.48 42.08 -15.21
CA PRO A 229 16.94 40.70 -15.52
C PRO A 229 18.36 40.44 -15.05
N ALA A 230 18.58 40.53 -13.75
CA ALA A 230 19.89 40.32 -13.15
C ALA A 230 20.00 38.91 -12.57
N PHE A 231 21.22 38.39 -12.55
CA PHE A 231 21.50 37.09 -11.95
C PHE A 231 22.95 37.10 -11.46
N VAL A 232 23.26 36.17 -10.56
CA VAL A 232 24.55 36.12 -9.89
C VAL A 232 25.26 34.83 -10.25
N ASN A 233 26.51 34.95 -10.68
CA ASN A 233 27.41 33.81 -10.86
C ASN A 233 28.50 33.90 -9.81
N ALA A 234 28.40 33.06 -8.79
CA ALA A 234 29.34 33.04 -7.68
C ALA A 234 30.34 31.91 -7.91
N PHE A 235 31.57 32.26 -8.22
CA PHE A 235 32.63 31.30 -8.50
C PHE A 235 33.60 31.24 -7.33
N GLY A 236 34.18 30.05 -7.13
CA GLY A 236 35.13 29.85 -6.06
C GLY A 236 34.47 29.61 -4.71
N PRO A 237 35.27 29.29 -3.70
CA PRO A 237 34.69 29.00 -2.38
C PRO A 237 33.91 30.19 -1.85
N LEU A 238 32.78 29.89 -1.21
CA LEU A 238 31.84 30.91 -0.77
C LEU A 238 31.84 30.97 0.76
N SER A 239 32.17 32.13 1.30
CA SER A 239 32.09 32.33 2.74
C SER A 239 30.64 32.55 3.15
N GLU A 240 30.41 32.61 4.46
CA GLU A 240 29.08 32.87 4.96
C GLU A 240 28.58 34.24 4.54
N LEU A 241 29.48 35.23 4.50
CA LEU A 241 29.11 36.57 4.06
C LEU A 241 28.67 36.56 2.60
N VAL A 242 29.37 35.81 1.75
CA VAL A 242 28.99 35.72 0.35
C VAL A 242 27.61 35.09 0.20
N VAL A 243 27.34 34.03 0.99
CA VAL A 243 26.04 33.38 0.93
C VAL A 243 24.94 34.32 1.41
N SER A 244 25.21 35.08 2.47
CA SER A 244 24.21 36.02 2.96
C SER A 244 23.97 37.15 1.96
N ALA A 245 25.01 37.59 1.27
CA ALA A 245 24.82 38.58 0.19
C ALA A 245 24.00 37.97 -0.95
N GLY A 246 24.21 36.69 -1.24
CA GLY A 246 23.39 36.01 -2.23
C GLY A 246 21.93 35.94 -1.84
N ALA A 247 21.66 35.74 -0.55
CA ALA A 247 20.29 35.80 -0.07
C ALA A 247 19.69 37.18 -0.31
N GLY A 248 20.51 38.23 -0.31
CA GLY A 248 20.02 39.54 -0.70
C GLY A 248 19.66 39.60 -2.17
N ALA A 249 20.48 38.99 -3.03
CA ALA A 249 20.15 38.92 -4.45
C ALA A 249 18.87 38.12 -4.66
N ILE A 250 18.71 37.02 -3.93
CA ILE A 250 17.49 36.24 -4.01
C ILE A 250 16.30 37.06 -3.51
N ALA A 251 16.52 37.88 -2.47
CA ALA A 251 15.46 38.74 -1.96
C ALA A 251 14.98 39.73 -3.03
N LEU A 252 15.86 40.14 -3.93
CA LEU A 252 15.48 41.02 -5.04
C LEU A 252 14.98 40.24 -6.26
N GLY A 253 14.80 38.93 -6.13
CA GLY A 253 14.35 38.13 -7.24
C GLY A 253 15.43 37.73 -8.22
N PHE A 254 16.70 37.91 -7.86
CA PHE A 254 17.79 37.56 -8.74
C PHE A 254 18.30 36.17 -8.39
N PRO A 255 18.22 35.18 -9.28
CA PRO A 255 18.72 33.84 -8.95
C PRO A 255 20.24 33.83 -8.85
N VAL A 256 20.74 32.97 -7.97
CA VAL A 256 22.17 32.86 -7.70
C VAL A 256 22.65 31.51 -8.23
N LEU A 257 23.64 31.56 -9.12
CA LEU A 257 24.28 30.39 -9.71
C LEU A 257 25.70 30.30 -9.18
N THR A 258 26.15 29.08 -8.91
CA THR A 258 27.49 28.88 -8.36
C THR A 258 28.05 27.55 -8.85
N ASP A 259 29.38 27.45 -8.80
CA ASP A 259 30.06 26.18 -9.08
C ASP A 259 30.35 25.39 -7.81
N GLN A 260 29.90 25.87 -6.66
CA GLN A 260 30.11 25.21 -5.39
C GLN A 260 28.88 24.39 -5.01
N VAL A 261 29.11 23.39 -4.15
CA VAL A 261 28.04 22.58 -3.60
C VAL A 261 27.34 23.41 -2.53
N VAL A 262 26.04 23.65 -2.74
CA VAL A 262 25.23 24.46 -1.83
C VAL A 262 23.89 23.78 -1.65
N PRO A 263 23.15 24.17 -0.60
CA PRO A 263 21.77 23.70 -0.45
C PRO A 263 20.84 24.31 -1.48
N GLU A 264 20.79 23.71 -2.65
CA GLU A 264 20.07 24.26 -3.80
C GLU A 264 18.61 24.53 -3.47
N VAL A 265 18.11 25.66 -3.97
CA VAL A 265 16.70 26.02 -3.95
C VAL A 265 16.24 26.18 -5.39
N PRO A 266 15.24 25.42 -5.84
CA PRO A 266 14.84 25.49 -7.25
C PRO A 266 14.50 26.91 -7.69
N THR A 267 15.03 27.27 -8.87
CA THR A 267 14.86 28.56 -9.54
C THR A 267 15.56 29.71 -8.82
N LEU A 268 16.13 29.49 -7.64
CA LEU A 268 16.72 30.58 -6.87
C LEU A 268 18.21 30.37 -6.58
N LEU A 269 18.59 29.20 -6.10
CA LEU A 269 19.99 28.90 -5.79
C LEU A 269 20.35 27.59 -6.48
N LEU A 270 21.24 27.65 -7.44
CA LEU A 270 21.55 26.51 -8.31
C LEU A 270 23.05 26.28 -8.39
N THR A 271 23.44 25.02 -8.43
CA THR A 271 24.83 24.63 -8.58
C THR A 271 25.05 24.15 -10.00
N GLN A 272 26.05 24.72 -10.67
CA GLN A 272 26.44 24.29 -12.02
C GLN A 272 27.97 24.25 -12.04
N LYS A 273 28.52 23.03 -11.96
CA LYS A 273 29.97 22.89 -12.01
C LYS A 273 30.53 23.08 -13.41
N ASP A 274 29.80 22.66 -14.44
CA ASP A 274 30.27 22.72 -15.82
C ASP A 274 30.35 24.17 -16.27
N TYR A 275 31.56 24.70 -16.35
CA TYR A 275 31.77 26.09 -16.76
C TYR A 275 31.39 26.32 -18.22
N ASP A 276 31.37 25.26 -19.04
CA ASP A 276 30.95 25.39 -20.42
C ASP A 276 29.45 25.58 -20.58
N LYS A 277 28.67 25.31 -19.53
CA LYS A 277 27.22 25.50 -19.58
C LYS A 277 26.71 26.54 -18.60
N MET A 278 27.60 27.25 -17.90
CA MET A 278 27.14 28.21 -16.88
C MET A 278 26.36 29.36 -17.51
N VAL A 279 26.81 29.86 -18.66
CA VAL A 279 26.11 30.96 -19.32
C VAL A 279 24.70 30.52 -19.72
N LYS A 280 24.59 29.35 -20.35
CA LYS A 280 23.29 28.85 -20.78
C LYS A 280 22.39 28.55 -19.58
N THR A 281 22.97 28.03 -18.49
CA THR A 281 22.20 27.78 -17.28
C THR A 281 21.65 29.07 -16.71
N SER A 282 22.45 30.14 -16.71
CA SER A 282 22.02 31.41 -16.15
C SER A 282 20.92 32.05 -17.00
N LEU A 283 21.06 31.99 -18.33
CA LEU A 283 20.05 32.58 -19.20
C LEU A 283 18.71 31.89 -19.03
N GLU A 284 18.71 30.56 -18.90
CA GLU A 284 17.48 29.85 -18.61
C GLU A 284 16.94 30.20 -17.23
N ALA A 285 17.82 30.30 -16.23
CA ALA A 285 17.37 30.57 -14.86
C ALA A 285 16.78 31.97 -14.73
N ARG A 286 17.27 32.92 -15.51
CA ARG A 286 16.76 34.27 -15.49
C ARG A 286 15.76 34.55 -16.62
N ASN A 287 15.39 33.52 -17.39
CA ASN A 287 14.44 33.66 -18.51
C ASN A 287 14.89 34.70 -19.53
N ILE A 288 16.18 34.72 -19.81
CA ILE A 288 16.75 35.71 -20.72
C ILE A 288 16.78 35.13 -22.12
N LYS A 289 16.26 35.90 -23.08
CA LYS A 289 16.21 35.50 -24.48
C LYS A 289 17.14 36.39 -25.28
N ILE A 290 18.03 35.78 -26.06
CA ILE A 290 18.95 36.49 -26.93
C ILE A 290 18.71 36.02 -28.36
N LYS A 291 18.55 36.97 -29.28
CA LYS A 291 18.42 36.65 -30.69
C LYS A 291 19.78 36.16 -31.19
N ILE A 292 19.93 34.85 -31.31
CA ILE A 292 21.19 34.28 -31.77
C ILE A 292 21.31 34.49 -33.27
N THR A 293 22.48 34.95 -33.71
CA THR A 293 22.75 35.20 -35.12
C THR A 293 23.97 34.40 -35.55
N GLU A 294 23.86 33.75 -36.71
CA GLU A 294 24.95 32.95 -37.26
C GLU A 294 25.93 33.89 -37.94
N ILE A 295 27.07 34.13 -37.30
CA ILE A 295 28.10 34.99 -37.84
C ILE A 295 29.39 34.18 -37.93
N PRO A 296 29.68 33.58 -39.10
CA PRO A 296 30.89 32.74 -39.22
C PRO A 296 32.15 33.60 -39.30
N ILE A 297 32.91 33.64 -38.21
CA ILE A 297 34.04 34.55 -38.11
C ILE A 297 34.89 34.17 -36.90
N PRO A 298 36.22 34.09 -37.04
CA PRO A 298 37.05 33.68 -35.89
C PRO A 298 37.10 34.72 -34.77
N VAL A 299 36.78 35.98 -35.03
CA VAL A 299 36.80 37.01 -34.00
C VAL A 299 35.38 37.35 -33.58
N SER A 300 35.26 37.93 -32.38
CA SER A 300 33.95 38.16 -31.78
C SER A 300 33.17 39.22 -32.54
N PHE A 301 31.84 39.05 -32.55
CA PHE A 301 30.91 39.99 -33.17
C PHE A 301 29.90 40.38 -32.11
N ALA A 302 29.97 41.61 -31.63
CA ALA A 302 29.08 42.07 -30.57
C ALA A 302 28.85 43.57 -30.72
N ALA A 303 27.75 44.04 -30.11
CA ALA A 303 27.44 45.46 -30.16
C ALA A 303 28.34 46.26 -29.23
N ALA A 304 28.85 45.64 -28.16
CA ALA A 304 29.72 46.33 -27.21
C ALA A 304 31.05 46.71 -27.82
N PHE A 305 31.41 46.16 -28.96
CA PHE A 305 32.68 46.46 -29.61
C PHE A 305 32.57 47.57 -30.64
N GLU A 306 31.41 48.22 -30.74
CA GLU A 306 31.24 49.28 -31.71
C GLU A 306 32.15 50.47 -31.42
N GLY A 307 32.35 50.79 -30.14
CA GLY A 307 33.12 51.96 -29.77
C GLY A 307 34.62 51.69 -29.62
N GLU A 308 35.09 50.57 -30.15
CA GLU A 308 36.50 50.24 -30.04
C GLU A 308 37.35 51.24 -30.81
N ARG A 309 38.57 51.44 -30.34
CA ARG A 309 39.53 52.35 -30.97
C ARG A 309 40.81 51.60 -31.27
N ILE A 310 41.33 51.79 -32.48
CA ILE A 310 42.52 51.10 -32.97
C ILE A 310 43.58 52.15 -33.29
N ARG A 311 44.76 52.00 -32.69
CA ARG A 311 45.85 52.94 -32.89
C ARG A 311 46.83 52.40 -33.93
N LYS A 312 47.73 53.29 -34.38
CA LYS A 312 48.65 52.95 -35.45
C LYS A 312 49.60 51.85 -35.04
N ASN A 313 49.99 51.80 -33.76
CA ASN A 313 50.93 50.78 -33.30
C ASN A 313 50.31 49.38 -33.38
N ASP A 314 49.04 49.25 -33.00
CA ASP A 314 48.33 47.98 -33.09
C ASP A 314 47.46 47.89 -34.34
N MET A 315 47.91 48.48 -35.44
CA MET A 315 47.17 48.52 -36.69
C MET A 315 47.81 47.56 -37.69
N LEU A 316 46.98 46.70 -38.29
CA LEU A 316 47.46 45.77 -39.31
C LEU A 316 47.34 46.37 -40.71
N ALA A 317 46.29 47.13 -40.98
CA ALA A 317 46.12 47.78 -42.26
C ALA A 317 45.10 48.90 -42.09
N GLU A 318 45.01 49.75 -43.12
CA GLU A 318 44.07 50.86 -43.10
C GLU A 318 43.61 51.12 -44.52
N PHE A 319 42.33 50.94 -44.79
CA PHE A 319 41.77 51.20 -46.11
C PHE A 319 40.69 52.28 -46.01
N GLY A 320 40.56 53.04 -47.07
CA GLY A 320 39.53 54.07 -47.10
C GLY A 320 39.85 55.13 -48.14
N GLY A 321 38.93 56.07 -48.27
CA GLY A 321 39.08 57.18 -49.19
C GLY A 321 39.91 58.33 -48.67
N ASN A 322 40.39 58.26 -47.44
CA ASN A 322 41.20 59.33 -46.87
C ASN A 322 42.49 59.52 -47.65
N LYS A 323 43.36 58.52 -47.62
CA LYS A 323 44.63 58.55 -48.33
C LYS A 323 44.66 57.60 -49.52
N THR A 324 44.06 56.42 -49.37
CA THR A 324 43.85 55.53 -50.50
C THR A 324 42.54 55.90 -51.18
N LYS A 325 42.15 55.13 -52.19
CA LYS A 325 40.92 55.37 -52.94
C LYS A 325 40.02 54.14 -52.77
N ALA A 326 39.12 54.21 -51.79
CA ALA A 326 38.22 53.12 -51.48
C ALA A 326 36.79 53.62 -51.48
N TRP A 327 35.84 52.68 -51.57
CA TRP A 327 34.44 53.04 -51.68
C TRP A 327 33.58 51.85 -51.26
N GLU A 328 32.31 52.13 -50.99
CA GLU A 328 31.32 51.11 -50.68
C GLU A 328 30.01 51.47 -51.36
N LEU A 329 29.19 50.46 -51.64
CA LEU A 329 27.93 50.71 -52.31
C LEU A 329 27.04 49.48 -52.17
N VAL A 330 25.73 49.74 -52.08
CA VAL A 330 24.70 48.71 -52.20
C VAL A 330 23.77 49.13 -53.32
N MET A 331 23.54 48.24 -54.27
CA MET A 331 22.71 48.53 -55.43
C MET A 331 21.61 47.48 -55.54
N CYS A 332 20.38 47.94 -55.71
CA CYS A 332 19.27 47.02 -55.94
C CYS A 332 19.38 46.41 -57.33
N ALA A 333 19.08 45.13 -57.43
CA ALA A 333 19.10 44.42 -58.71
C ALA A 333 17.90 43.49 -58.78
N ASP A 334 17.40 43.29 -59.99
CA ASP A 334 16.29 42.37 -60.18
C ASP A 334 16.75 40.94 -59.98
N GLN A 335 15.79 40.08 -59.65
CA GLN A 335 16.11 38.67 -59.45
C GLN A 335 16.62 38.07 -60.75
N GLY A 336 17.74 37.33 -60.64
CA GLY A 336 18.46 36.82 -61.78
C GLY A 336 19.81 37.48 -61.94
N GLU A 337 19.94 38.73 -61.50
CA GLU A 337 21.23 39.40 -61.47
C GLU A 337 21.97 39.21 -60.14
N VAL A 338 21.43 38.40 -59.23
CA VAL A 338 22.05 38.18 -57.93
C VAL A 338 22.07 36.68 -57.64
N GLU A 339 23.15 36.21 -57.04
CA GLU A 339 23.28 34.83 -56.58
C GLU A 339 23.51 34.86 -55.08
N ASP A 340 22.70 34.10 -54.35
CA ASP A 340 22.72 34.19 -52.90
C ASP A 340 24.01 33.63 -52.32
N HIS A 341 24.51 34.30 -51.29
CA HIS A 341 25.68 33.86 -50.52
C HIS A 341 26.87 33.59 -51.44
N LYS A 342 27.26 34.62 -52.17
CA LYS A 342 28.46 34.58 -53.01
C LYS A 342 29.42 35.65 -52.51
N ILE A 343 30.66 35.26 -52.29
CA ILE A 343 31.70 36.18 -51.82
C ILE A 343 32.96 35.94 -52.64
N GLU A 344 33.51 37.01 -53.20
CA GLU A 344 34.71 36.92 -54.02
C GLU A 344 35.68 38.01 -53.58
N VAL A 345 36.84 37.60 -53.07
CA VAL A 345 37.89 38.53 -52.65
C VAL A 345 38.76 38.78 -53.87
N ILE A 346 38.35 39.75 -54.68
CA ILE A 346 39.07 40.08 -55.90
C ILE A 346 40.28 40.92 -55.56
N GLY A 347 41.46 40.47 -56.01
CA GLY A 347 42.69 41.16 -55.71
C GLY A 347 43.38 40.58 -54.50
N PRO A 348 44.55 41.13 -54.14
CA PRO A 348 45.27 40.61 -52.98
C PRO A 348 44.47 40.75 -51.70
N ASP A 349 44.59 39.75 -50.84
CA ASP A 349 43.92 39.74 -49.55
C ASP A 349 44.83 40.35 -48.50
N ILE A 350 44.31 40.50 -47.28
CA ILE A 350 45.09 41.09 -46.20
C ILE A 350 46.22 40.17 -45.74
N ASP A 351 46.19 38.90 -46.16
CA ASP A 351 47.30 38.01 -45.85
C ASP A 351 48.54 38.38 -46.65
N THR A 352 48.36 38.85 -47.88
CA THR A 352 49.48 39.23 -48.72
C THR A 352 50.24 40.41 -48.13
N ILE A 353 49.52 41.35 -47.51
CA ILE A 353 50.12 42.55 -46.97
C ILE A 353 50.79 42.24 -45.64
N ASP A 354 52.13 42.45 -45.58
CA ASP A 354 52.90 42.16 -44.38
C ASP A 354 53.93 43.22 -44.05
N LYS A 355 54.11 44.25 -44.91
CA LYS A 355 55.03 45.35 -44.61
C LYS A 355 54.47 46.13 -43.43
N ALA A 356 55.11 47.29 -43.12
CA ALA A 356 54.54 48.19 -42.12
C ALA A 356 53.04 48.25 -42.38
N PRO A 357 52.17 48.41 -41.37
CA PRO A 357 50.72 48.35 -41.66
C PRO A 357 50.46 49.10 -42.97
N GLY A 358 50.03 48.42 -44.06
CA GLY A 358 49.93 49.02 -45.37
C GLY A 358 48.50 49.47 -45.69
N ARG A 359 48.33 50.06 -46.90
CA ARG A 359 47.05 50.71 -47.20
C ARG A 359 46.70 50.47 -48.66
N MET A 360 45.62 49.71 -48.89
CA MET A 360 45.20 49.29 -50.22
C MET A 360 43.73 49.61 -50.42
N PRO A 361 43.29 49.90 -51.65
CA PRO A 361 41.88 50.24 -51.86
C PRO A 361 40.96 49.10 -51.46
N LEU A 362 39.81 49.46 -50.89
CA LEU A 362 38.82 48.50 -50.41
C LEU A 362 37.46 48.90 -50.99
N GLY A 363 37.10 48.29 -52.11
CA GLY A 363 35.79 48.48 -52.70
C GLY A 363 34.86 47.36 -52.27
N MET A 364 33.72 47.74 -51.70
CA MET A 364 32.75 46.78 -51.18
C MET A 364 31.43 46.99 -51.91
N LEU A 365 31.25 46.28 -53.02
CA LEU A 365 30.05 46.38 -53.83
C LEU A 365 29.09 45.25 -53.47
N ILE A 366 27.83 45.61 -53.23
CA ILE A 366 26.80 44.65 -52.86
C ILE A 366 25.60 44.84 -53.78
N LYS A 367 25.15 43.77 -54.42
CA LYS A 367 23.94 43.78 -55.22
C LYS A 367 22.90 42.88 -54.56
N VAL A 368 21.70 43.43 -54.37
CA VAL A 368 20.68 42.79 -53.55
C VAL A 368 19.35 42.86 -54.29
N SER A 369 18.61 41.76 -54.26
CA SER A 369 17.29 41.65 -54.88
C SER A 369 16.24 41.42 -53.81
N GLY A 370 14.99 41.69 -54.18
CA GLY A 370 13.88 41.46 -53.28
C GLY A 370 12.56 41.71 -53.98
N THR A 371 11.49 41.21 -53.35
CA THR A 371 10.15 41.43 -53.90
C THR A 371 9.81 42.91 -53.90
N ASN A 372 10.12 43.61 -52.81
CA ASN A 372 9.89 45.04 -52.68
C ASN A 372 11.15 45.86 -52.96
N MET A 373 12.24 45.21 -53.33
CA MET A 373 13.50 45.92 -53.51
C MET A 373 13.43 46.94 -54.62
N GLN A 374 13.96 48.13 -54.35
CA GLN A 374 13.99 49.20 -55.34
C GLN A 374 15.07 50.18 -54.91
N LYS A 375 15.39 51.13 -55.79
CA LYS A 375 16.43 52.10 -55.51
C LYS A 375 16.11 52.94 -54.27
N ASP A 376 14.85 52.98 -53.86
CA ASP A 376 14.47 53.77 -52.69
C ASP A 376 15.05 53.21 -51.40
N PHE A 377 15.20 51.89 -51.32
CA PHE A 377 15.66 51.24 -50.09
C PHE A 377 17.16 51.01 -50.06
N GLU A 378 17.88 51.42 -51.10
CA GLU A 378 19.34 51.30 -51.09
C GLU A 378 19.99 52.09 -49.96
N PRO A 379 19.67 53.36 -49.74
CA PRO A 379 20.34 54.09 -48.66
C PRO A 379 20.14 53.50 -47.28
N VAL A 380 19.02 52.81 -47.04
CA VAL A 380 18.81 52.18 -45.74
C VAL A 380 19.89 51.16 -45.46
N LEU A 381 20.11 50.25 -46.41
CA LEU A 381 21.16 49.24 -46.26
C LEU A 381 22.53 49.90 -46.25
N GLU A 382 22.72 50.93 -47.06
CA GLU A 382 24.01 51.61 -47.09
C GLU A 382 24.35 52.20 -45.73
N ARG A 383 23.36 52.80 -45.07
CA ARG A 383 23.59 53.35 -43.73
C ARG A 383 23.80 52.25 -42.70
N ARG A 384 23.01 51.18 -42.77
CA ARG A 384 23.17 50.09 -41.80
C ARG A 384 24.49 49.37 -41.97
N LEU A 385 25.14 49.51 -43.12
CA LEU A 385 26.45 48.89 -43.30
C LEU A 385 27.44 49.38 -42.25
N HIS A 386 27.40 50.66 -41.92
CA HIS A 386 28.36 51.19 -40.95
C HIS A 386 28.21 50.49 -39.60
N TYR A 387 26.98 50.35 -39.12
CA TYR A 387 26.78 49.67 -37.84
C TYR A 387 27.06 48.18 -37.92
N PHE A 388 26.77 47.56 -39.07
CA PHE A 388 27.09 46.13 -39.20
C PHE A 388 28.58 45.89 -39.14
N LEU A 389 29.37 46.74 -39.80
CA LEU A 389 30.82 46.57 -39.81
C LEU A 389 31.42 46.94 -38.45
N ASN A 390 30.89 47.97 -37.80
CA ASN A 390 31.50 48.42 -36.56
C ASN A 390 31.33 47.42 -35.41
N TYR A 391 30.39 46.49 -35.52
CA TYR A 391 30.19 45.51 -34.45
C TYR A 391 31.28 44.45 -34.42
N ILE A 392 31.98 44.22 -35.53
CA ILE A 392 33.04 43.22 -35.55
C ILE A 392 34.20 43.70 -34.69
N GLU A 393 34.65 42.86 -33.79
CA GLU A 393 35.79 43.19 -32.96
C GLU A 393 37.05 43.31 -33.81
N GLY A 394 37.89 44.28 -33.47
CA GLY A 394 39.16 44.46 -34.15
C GLY A 394 39.11 45.19 -35.47
N VAL A 395 37.94 45.69 -35.88
CA VAL A 395 37.81 46.48 -37.09
C VAL A 395 37.06 47.75 -36.76
N MET A 396 37.28 48.77 -37.58
CA MET A 396 36.66 50.07 -37.38
C MET A 396 36.20 50.63 -38.72
N HIS A 397 35.00 51.18 -38.74
CA HIS A 397 34.43 51.77 -39.96
C HIS A 397 33.86 53.14 -39.65
N VAL A 398 34.29 54.14 -40.42
CA VAL A 398 33.72 55.49 -40.37
C VAL A 398 33.63 56.00 -41.79
N GLY A 399 32.68 56.91 -42.03
CA GLY A 399 32.48 57.48 -43.35
C GLY A 399 31.26 56.92 -44.05
N GLN A 400 30.94 57.54 -45.19
CA GLN A 400 29.74 57.20 -45.93
C GLN A 400 30.02 57.23 -47.43
N ARG A 401 29.18 56.49 -48.18
CA ARG A 401 29.21 56.50 -49.63
C ARG A 401 30.60 56.17 -50.18
N ASN A 402 31.37 57.20 -50.53
CA ASN A 402 32.71 57.02 -51.07
C ASN A 402 33.80 57.42 -50.11
N LEU A 403 33.56 58.39 -49.23
CA LEU A 403 34.56 58.80 -48.26
C LEU A 403 34.58 57.84 -47.09
N THR A 404 34.69 56.55 -47.38
CA THR A 404 34.66 55.53 -46.34
C THR A 404 36.04 55.36 -45.73
N TRP A 405 36.10 54.57 -44.65
CA TRP A 405 37.33 54.41 -43.90
C TRP A 405 37.22 53.14 -43.07
N VAL A 406 38.05 52.15 -43.38
CA VAL A 406 38.04 50.86 -42.70
C VAL A 406 39.43 50.57 -42.16
N ARG A 407 39.53 50.39 -40.85
CA ARG A 407 40.78 50.07 -40.18
C ARG A 407 40.61 48.75 -39.43
N ILE A 408 41.54 47.84 -39.61
CA ILE A 408 41.52 46.54 -38.95
C ILE A 408 42.80 46.38 -38.15
N GLY A 409 42.68 45.79 -36.95
CA GLY A 409 43.81 45.59 -36.08
C GLY A 409 44.56 44.30 -36.35
N LYS A 410 45.65 44.12 -35.62
CA LYS A 410 46.47 42.91 -35.77
C LYS A 410 45.86 41.70 -35.10
N GLU A 411 45.09 41.89 -34.03
CA GLU A 411 44.51 40.75 -33.33
C GLU A 411 43.52 40.01 -34.21
N ALA A 412 42.66 40.73 -34.94
CA ALA A 412 41.71 40.08 -35.82
C ALA A 412 42.42 39.30 -36.91
N PHE A 413 43.45 39.89 -37.52
CA PHE A 413 44.20 39.19 -38.54
C PHE A 413 44.87 37.95 -37.96
N GLU A 414 45.40 38.06 -36.75
CA GLU A 414 46.04 36.92 -36.11
C GLU A 414 45.04 35.78 -35.88
N LYS A 415 43.84 36.12 -35.41
CA LYS A 415 42.84 35.08 -35.16
C LYS A 415 42.34 34.45 -36.45
N GLY A 416 42.57 35.09 -37.59
CA GLY A 416 42.19 34.50 -38.87
C GLY A 416 41.07 35.22 -39.57
N PHE A 417 40.94 36.53 -39.35
CA PHE A 417 39.88 37.32 -39.96
C PHE A 417 40.25 37.54 -41.43
N ARG A 418 39.89 36.54 -42.25
CA ARG A 418 40.08 36.69 -43.68
C ARG A 418 39.08 37.69 -44.24
N LEU A 419 39.42 38.22 -45.41
CA LEU A 419 38.64 39.29 -46.00
C LEU A 419 37.21 38.83 -46.32
N LYS A 420 37.03 37.58 -46.69
CA LYS A 420 35.69 37.11 -47.04
C LYS A 420 34.75 37.15 -45.85
N HIS A 421 35.28 37.26 -44.63
CA HIS A 421 34.41 37.38 -43.47
C HIS A 421 33.62 38.68 -43.50
N PHE A 422 34.14 39.71 -44.18
CA PHE A 422 33.32 40.90 -44.43
C PHE A 422 32.03 40.51 -45.14
N GLY A 423 32.15 39.76 -46.23
CA GLY A 423 30.98 39.32 -46.96
C GLY A 423 30.10 38.39 -46.15
N GLU A 424 30.72 37.48 -45.39
CA GLU A 424 29.94 36.59 -44.54
C GLU A 424 29.07 37.38 -43.57
N VAL A 425 29.69 38.32 -42.84
CA VAL A 425 28.95 39.11 -41.86
C VAL A 425 27.89 39.96 -42.54
N ILE A 426 28.22 40.57 -43.67
CA ILE A 426 27.25 41.44 -44.35
C ILE A 426 26.06 40.63 -44.82
N TYR A 427 26.30 39.46 -45.41
CA TYR A 427 25.21 38.62 -45.87
C TYR A 427 24.35 38.17 -44.69
N ALA A 428 24.98 37.76 -43.59
CA ALA A 428 24.21 37.31 -42.43
C ALA A 428 23.35 38.44 -41.88
N LYS A 429 23.90 39.65 -41.80
CA LYS A 429 23.14 40.76 -41.24
C LYS A 429 22.04 41.23 -42.19
N MET A 430 22.28 41.18 -43.50
CA MET A 430 21.23 41.51 -44.45
C MET A 430 20.08 40.54 -44.33
N LEU A 431 20.37 39.24 -44.21
CA LEU A 431 19.30 38.27 -44.05
C LEU A 431 18.59 38.44 -42.71
N ASP A 432 19.34 38.75 -41.65
CA ASP A 432 18.74 38.83 -40.32
C ASP A 432 17.87 40.06 -40.18
N GLU A 433 18.47 41.25 -40.30
CA GLU A 433 17.74 42.47 -40.01
C GLU A 433 16.72 42.80 -41.08
N PHE A 434 17.02 42.50 -42.34
CA PHE A 434 16.20 42.92 -43.48
C PHE A 434 15.47 41.74 -44.12
N GLY A 435 14.93 40.85 -43.28
CA GLY A 435 14.16 39.73 -43.81
C GLY A 435 12.97 40.20 -44.64
N SER A 436 12.65 39.38 -45.65
CA SER A 436 11.55 39.61 -46.58
C SER A 436 11.84 40.76 -47.53
N VAL A 437 12.88 41.55 -47.24
CA VAL A 437 13.36 42.56 -48.18
C VAL A 437 14.55 41.99 -48.93
N VAL A 438 15.57 41.58 -48.19
CA VAL A 438 16.71 40.86 -48.75
C VAL A 438 16.41 39.38 -48.67
N ASP A 439 16.19 38.75 -49.82
CA ASP A 439 16.13 37.30 -49.93
C ASP A 439 17.41 36.72 -50.54
N LYS A 440 17.95 37.38 -51.56
CA LYS A 440 19.22 37.02 -52.17
C LYS A 440 20.17 38.20 -52.06
N CYS A 441 21.39 37.92 -51.60
CA CYS A 441 22.41 38.95 -51.42
C CYS A 441 23.73 38.45 -52.00
N GLU A 442 24.30 39.22 -52.91
CA GLU A 442 25.62 38.93 -53.47
C GLU A 442 26.58 40.01 -53.00
N VAL A 443 27.70 39.58 -52.42
CA VAL A 443 28.69 40.49 -51.86
C VAL A 443 30.02 40.25 -52.54
N THR A 444 30.64 41.33 -53.03
CA THR A 444 31.94 41.24 -53.69
C THR A 444 32.81 42.41 -53.22
N ILE A 445 33.79 42.11 -52.40
CA ILE A 445 34.75 43.14 -51.99
C ILE A 445 35.85 43.22 -53.01
N ILE A 446 36.17 44.44 -53.45
CA ILE A 446 37.17 44.69 -54.48
C ILE A 446 38.43 45.21 -53.81
N THR A 447 39.51 44.47 -53.97
CA THR A 447 40.84 44.95 -53.60
C THR A 447 41.75 45.07 -54.81
N ASP A 448 41.34 44.58 -55.97
CA ASP A 448 42.10 44.77 -57.20
C ASP A 448 42.08 46.25 -57.57
N PRO A 449 43.25 46.89 -57.73
CA PRO A 449 43.25 48.35 -57.97
C PRO A 449 42.46 48.77 -59.19
N GLY A 450 42.54 48.02 -60.29
CA GLY A 450 41.80 48.39 -61.47
C GLY A 450 40.30 48.29 -61.29
N LYS A 451 39.85 47.20 -60.69
CA LYS A 451 38.42 46.99 -60.54
C LYS A 451 37.79 47.97 -59.55
N ALA A 452 38.57 48.50 -58.61
CA ALA A 452 38.04 49.46 -57.65
C ALA A 452 37.50 50.70 -58.35
N GLU A 453 38.29 51.29 -59.24
CA GLU A 453 37.83 52.42 -60.02
C GLU A 453 36.95 52.00 -61.19
N GLU A 454 37.04 50.75 -61.63
CA GLU A 454 36.17 50.27 -62.70
C GLU A 454 34.71 50.24 -62.26
N LEU A 455 34.44 49.61 -61.11
CA LEU A 455 33.07 49.51 -60.62
C LEU A 455 32.57 50.81 -60.02
N GLU A 456 33.47 51.62 -59.44
CA GLU A 456 33.04 52.86 -58.82
C GLU A 456 32.52 53.85 -59.85
N GLY A 457 33.28 54.05 -60.93
CA GLY A 457 32.92 55.05 -61.92
C GLY A 457 31.81 54.66 -62.86
N LYS A 458 31.40 53.38 -62.87
CA LYS A 458 30.36 52.91 -63.76
C LYS A 458 29.07 52.52 -63.05
N TYR A 459 29.11 52.24 -61.75
CA TYR A 459 27.93 51.79 -61.05
C TYR A 459 27.70 52.48 -59.71
N ALA A 460 28.63 53.31 -59.25
CA ALA A 460 28.51 54.00 -57.96
C ALA A 460 28.35 55.50 -58.11
N VAL A 461 29.15 56.13 -58.96
CA VAL A 461 29.04 57.57 -59.15
C VAL A 461 27.68 57.98 -59.68
N PRO A 462 27.10 57.33 -60.69
CA PRO A 462 25.76 57.74 -61.12
C PRO A 462 24.72 57.66 -60.01
N ARG A 463 24.76 56.61 -59.19
CA ARG A 463 23.81 56.51 -58.09
C ARG A 463 24.13 57.52 -57.00
N TYR A 464 25.41 57.83 -56.80
CA TYR A 464 25.77 58.88 -55.86
C TYR A 464 25.18 60.22 -56.29
N LYS A 465 25.20 60.51 -57.59
CA LYS A 465 24.56 61.71 -58.09
C LYS A 465 23.04 61.65 -57.93
N GLU A 466 22.45 60.49 -58.23
CA GLU A 466 21.01 60.36 -58.18
C GLU A 466 20.47 60.53 -56.76
N ARG A 467 21.18 60.00 -55.77
CA ARG A 467 20.72 60.10 -54.40
C ARG A 467 20.57 61.55 -53.97
N ASP A 468 21.54 62.40 -54.34
CA ASP A 468 21.46 63.81 -53.99
C ASP A 468 20.48 64.57 -54.88
N ALA A 469 20.36 64.20 -56.15
CA ALA A 469 19.42 64.88 -57.02
C ALA A 469 17.99 64.66 -56.56
N ARG A 470 17.66 63.44 -56.11
CA ARG A 470 16.31 63.14 -55.67
C ARG A 470 15.90 64.00 -54.48
N LEU A 471 16.85 64.33 -53.59
CA LEU A 471 16.57 65.25 -52.50
C LEU A 471 16.60 66.71 -52.96
N GLU A 472 17.43 67.04 -53.95
CA GLU A 472 17.40 68.38 -54.51
C GLU A 472 16.04 68.70 -55.11
N SER A 473 15.34 67.67 -55.60
CA SER A 473 13.99 67.86 -56.11
C SER A 473 12.99 68.25 -55.02
N LEU A 474 13.34 68.14 -53.75
CA LEU A 474 12.44 68.43 -52.66
C LEU A 474 12.49 69.90 -52.27
N VAL A 475 11.38 70.37 -51.68
CA VAL A 475 11.28 71.73 -51.15
C VAL A 475 10.85 71.62 -49.68
N ASP A 476 11.57 72.33 -48.82
CA ASP A 476 11.27 72.27 -47.38
C ASP A 476 9.91 72.86 -47.07
N GLU A 477 9.56 73.98 -47.71
CA GLU A 477 8.33 74.69 -47.41
C GLU A 477 7.10 74.09 -48.08
N LYS A 478 7.24 72.94 -48.73
CA LYS A 478 6.12 72.25 -49.37
C LYS A 478 5.64 71.02 -48.62
N VAL A 479 6.54 70.28 -47.99
CA VAL A 479 6.22 69.04 -47.29
C VAL A 479 5.47 69.35 -46.00
N ASP A 480 4.90 68.32 -45.38
CA ASP A 480 4.06 68.47 -44.21
C ASP A 480 4.50 67.61 -43.03
N THR A 481 5.63 66.90 -43.14
CA THR A 481 6.09 66.05 -42.05
C THR A 481 7.59 65.88 -42.14
N PHE A 482 8.28 66.15 -41.04
CA PHE A 482 9.70 65.87 -40.90
C PHE A 482 9.89 64.65 -40.03
N TYR A 483 11.13 64.16 -39.98
CA TYR A 483 11.41 62.92 -39.28
C TYR A 483 12.51 63.13 -38.26
N SER A 484 12.39 62.39 -37.17
CA SER A 484 13.25 62.46 -36.00
C SER A 484 14.00 61.14 -35.90
N CYS A 485 15.31 61.23 -35.72
CA CYS A 485 16.12 60.05 -35.56
C CYS A 485 16.87 60.16 -34.24
N ASN A 486 17.09 58.99 -33.64
CA ASN A 486 17.65 58.88 -32.31
C ASN A 486 18.70 57.78 -32.26
N LEU A 487 19.30 57.45 -33.39
CA LEU A 487 20.23 56.35 -33.47
C LEU A 487 21.54 56.65 -32.75
N CYS A 488 21.89 57.92 -32.61
CA CYS A 488 23.11 58.33 -31.93
C CYS A 488 22.91 58.53 -30.44
N GLN A 489 21.75 58.15 -29.91
CA GLN A 489 21.53 58.16 -28.48
C GLN A 489 22.33 57.08 -27.75
N SER A 490 22.99 56.18 -28.47
CA SER A 490 23.78 55.14 -27.83
C SER A 490 24.91 55.76 -27.00
N PHE A 491 25.54 56.81 -27.51
CA PHE A 491 26.60 57.50 -26.79
C PHE A 491 26.21 58.89 -26.32
N ALA A 492 25.17 59.49 -26.89
CA ALA A 492 24.70 60.82 -26.52
C ALA A 492 23.20 60.73 -26.26
N PRO A 493 22.80 60.31 -25.05
CA PRO A 493 21.37 60.15 -24.75
C PRO A 493 20.56 61.42 -24.90
N ALA A 494 21.17 62.58 -24.71
CA ALA A 494 20.45 63.84 -24.81
C ALA A 494 20.40 64.38 -26.24
N HIS A 495 20.90 63.62 -27.21
CA HIS A 495 20.98 64.07 -28.59
C HIS A 495 19.78 63.58 -29.40
N VAL A 496 19.12 64.50 -30.09
CA VAL A 496 18.04 64.20 -31.01
C VAL A 496 18.30 64.94 -32.32
N CYS A 497 18.27 64.21 -33.43
CA CYS A 497 18.47 64.79 -34.75
C CYS A 497 17.13 65.05 -35.42
N ILE A 498 17.03 66.18 -36.11
CA ILE A 498 15.83 66.54 -36.86
C ILE A 498 16.22 66.57 -38.33
N VAL A 499 15.49 65.82 -39.15
CA VAL A 499 15.76 65.66 -40.57
C VAL A 499 14.63 66.30 -41.36
N THR A 500 14.99 67.19 -42.26
CA THR A 500 14.06 67.87 -43.17
C THR A 500 14.60 67.74 -44.58
N PRO A 501 13.75 67.98 -45.59
CA PRO A 501 14.23 67.87 -46.98
C PRO A 501 15.38 68.81 -47.28
N GLU A 502 15.59 69.84 -46.47
CA GLU A 502 16.70 70.77 -46.67
C GLU A 502 17.81 70.52 -45.67
N ARG A 503 17.46 70.19 -44.42
CA ARG A 503 18.43 69.94 -43.37
C ARG A 503 18.45 68.43 -43.13
N LEU A 504 19.55 67.78 -43.49
CA LEU A 504 19.67 66.34 -43.30
C LEU A 504 20.31 66.05 -41.94
N GLY A 505 20.51 64.77 -41.65
CA GLY A 505 21.06 64.38 -40.37
C GLY A 505 22.53 64.77 -40.23
N LEU A 506 22.99 64.76 -38.98
CA LEU A 506 24.37 65.16 -38.70
C LEU A 506 25.37 64.13 -39.15
N CYS A 507 24.97 62.85 -39.28
CA CYS A 507 25.87 61.84 -39.81
C CYS A 507 26.11 62.02 -41.31
N GLY A 508 25.21 62.67 -42.01
CA GLY A 508 25.35 62.91 -43.43
C GLY A 508 24.81 61.81 -44.31
N ALA A 509 24.36 60.70 -43.75
CA ALA A 509 23.84 59.59 -44.52
C ALA A 509 22.33 59.40 -44.37
N VAL A 510 21.66 60.29 -43.66
CA VAL A 510 20.22 60.20 -43.46
C VAL A 510 19.59 61.46 -44.02
N SER A 511 18.66 61.30 -44.95
CA SER A 511 17.92 62.41 -45.54
C SER A 511 16.44 62.16 -45.37
N TRP A 512 15.63 63.12 -45.85
CA TRP A 512 14.19 63.05 -45.63
C TRP A 512 13.59 61.81 -46.28
N LEU A 513 13.92 61.57 -47.55
CA LEU A 513 13.42 60.37 -48.22
C LEU A 513 13.96 59.11 -47.58
N ASP A 514 15.23 59.11 -47.20
CA ASP A 514 15.81 57.94 -46.55
C ASP A 514 15.17 57.71 -45.18
N ALA A 515 14.90 58.77 -44.42
CA ALA A 515 14.22 58.62 -43.15
C ALA A 515 12.82 58.05 -43.36
N LYS A 516 12.11 58.52 -44.37
CA LYS A 516 10.79 57.97 -44.68
C LYS A 516 10.90 56.50 -45.06
N ALA A 517 11.94 56.13 -45.81
CA ALA A 517 12.13 54.74 -46.20
C ALA A 517 12.38 53.86 -44.99
N THR A 518 13.25 54.29 -44.08
CA THR A 518 13.48 53.50 -42.87
C THR A 518 12.20 53.40 -42.03
N LEU A 519 11.44 54.50 -41.95
CA LEU A 519 10.20 54.48 -41.18
C LEU A 519 9.21 53.47 -41.76
N GLU A 520 9.00 53.51 -43.07
CA GLU A 520 8.05 52.58 -43.67
C GLU A 520 8.56 51.15 -43.59
N LEU A 521 9.88 50.96 -43.64
CA LEU A 521 10.45 49.63 -43.43
C LEU A 521 10.35 49.22 -41.97
N ASN A 522 10.70 50.12 -41.05
CA ASN A 522 10.73 49.81 -39.63
C ASN A 522 9.81 50.77 -38.88
N PRO A 523 8.56 50.39 -38.59
CA PRO A 523 7.70 51.28 -37.80
C PRO A 523 8.24 51.56 -36.41
N THR A 524 8.98 50.63 -35.82
CA THR A 524 9.56 50.80 -34.50
C THR A 524 11.02 51.22 -34.55
N GLY A 525 11.51 51.63 -35.72
CA GLY A 525 12.89 52.02 -35.87
C GLY A 525 13.17 53.41 -35.34
N PRO A 526 14.45 53.80 -35.45
CA PRO A 526 14.84 55.13 -34.93
C PRO A 526 14.12 56.28 -35.60
N CYS A 527 13.81 56.16 -36.90
CA CYS A 527 13.13 57.24 -37.59
C CYS A 527 11.63 57.15 -37.35
N GLN A 528 11.03 58.26 -36.91
CA GLN A 528 9.60 58.32 -36.64
C GLN A 528 9.03 59.57 -37.28
N ALA A 529 7.79 59.46 -37.77
CA ALA A 529 7.15 60.56 -38.47
C ALA A 529 6.66 61.59 -37.46
N VAL A 530 7.09 62.84 -37.64
CA VAL A 530 6.63 63.94 -36.80
C VAL A 530 5.99 64.97 -37.72
N PRO A 531 4.67 65.10 -37.73
CA PRO A 531 4.03 66.00 -38.70
C PRO A 531 4.36 67.45 -38.43
N LYS A 532 4.33 68.24 -39.51
CA LYS A 532 4.56 69.68 -39.40
C LYS A 532 3.31 70.32 -38.79
N GLU A 533 3.38 70.62 -37.50
CA GLU A 533 2.24 71.14 -36.76
C GLU A 533 2.66 72.31 -35.89
N GLY A 534 1.80 73.33 -35.81
CA GLY A 534 2.04 74.47 -34.96
C GLY A 534 3.22 75.33 -35.38
N VAL A 535 3.11 75.94 -36.55
CA VAL A 535 4.15 76.87 -37.01
C VAL A 535 4.00 78.18 -36.25
N VAL A 536 5.11 78.64 -35.66
CA VAL A 536 5.10 79.86 -34.86
C VAL A 536 5.88 80.98 -35.55
N ASP A 537 7.14 80.73 -35.90
CA ASP A 537 7.98 81.70 -36.59
C ASP A 537 8.70 81.01 -37.73
N GLU A 538 8.34 81.37 -38.96
CA GLU A 538 9.00 80.78 -40.11
C GLU A 538 10.46 81.17 -40.18
N ASN A 539 10.79 82.40 -39.79
CA ASN A 539 12.18 82.87 -39.87
C ASN A 539 13.10 82.03 -39.01
N LEU A 540 12.67 81.69 -37.79
CA LEU A 540 13.48 80.87 -36.92
C LEU A 540 13.19 79.38 -37.06
N GLY A 541 12.04 79.03 -37.63
CA GLY A 541 11.66 77.63 -37.75
C GLY A 541 11.15 77.00 -36.47
N ILE A 542 10.90 77.79 -35.44
CA ILE A 542 10.40 77.27 -34.16
C ILE A 542 8.96 76.83 -34.35
N TRP A 543 8.73 75.52 -34.36
CA TRP A 543 7.39 74.95 -34.45
C TRP A 543 7.14 74.10 -33.23
N GLU A 544 5.86 74.01 -32.84
CA GLU A 544 5.51 73.30 -31.62
C GLU A 544 5.88 71.83 -31.71
N LYS A 545 5.60 71.21 -32.85
CA LYS A 545 5.72 69.76 -32.94
C LYS A 545 7.15 69.29 -32.76
N VAL A 546 8.11 70.00 -33.36
CA VAL A 546 9.51 69.62 -33.20
C VAL A 546 9.92 69.76 -31.74
N ASN A 547 9.40 70.78 -31.06
CA ASN A 547 9.71 70.96 -29.64
C ASN A 547 9.19 69.80 -28.80
N GLU A 548 7.93 69.42 -29.02
CA GLU A 548 7.37 68.32 -28.25
C GLU A 548 8.07 67.00 -28.54
N THR A 549 8.43 66.76 -29.81
CA THR A 549 9.06 65.48 -30.13
C THR A 549 10.48 65.41 -29.58
N VAL A 550 11.21 66.54 -29.57
CA VAL A 550 12.54 66.51 -28.98
C VAL A 550 12.46 66.37 -27.47
N SER A 551 11.46 67.00 -26.85
CA SER A 551 11.28 66.84 -25.41
C SER A 551 10.93 65.40 -25.05
N LYS A 552 10.08 64.76 -25.86
CA LYS A 552 9.65 63.39 -25.57
C LYS A 552 10.80 62.41 -25.80
N ILE A 553 11.48 62.51 -26.93
CA ILE A 553 12.51 61.54 -27.28
C ILE A 553 13.73 61.70 -26.38
N SER A 554 14.15 62.94 -26.12
CA SER A 554 15.31 63.19 -25.27
C SER A 554 14.96 63.12 -23.78
N GLN A 555 13.74 62.71 -23.45
CA GLN A 555 13.31 62.58 -22.06
C GLN A 555 13.43 63.90 -21.29
N GLY A 556 13.10 65.00 -21.97
CA GLY A 556 13.05 66.30 -21.34
C GLY A 556 14.38 66.98 -21.15
N ALA A 557 15.49 66.39 -21.62
CA ALA A 557 16.78 67.05 -21.50
C ALA A 557 16.83 68.34 -22.30
N VAL A 558 16.28 68.32 -23.51
CA VAL A 558 16.22 69.49 -24.38
C VAL A 558 14.80 69.63 -24.89
N THR A 559 14.24 70.84 -24.78
CA THR A 559 12.87 71.10 -25.17
C THR A 559 12.70 72.20 -26.21
N SER A 560 13.74 72.99 -26.50
CA SER A 560 13.67 74.09 -27.45
C SER A 560 14.69 73.88 -28.55
N VAL A 561 14.26 73.99 -29.80
CA VAL A 561 15.11 73.79 -30.96
C VAL A 561 14.77 74.82 -32.04
N THR A 562 15.80 75.23 -32.78
CA THR A 562 15.63 76.13 -33.93
C THR A 562 16.33 75.50 -35.13
N LEU A 563 15.53 74.97 -36.05
CA LEU A 563 16.05 74.16 -37.15
C LEU A 563 16.86 74.97 -38.16
N TYR A 564 16.80 76.29 -38.13
CA TYR A 564 17.45 77.11 -39.15
C TYR A 564 18.52 78.05 -38.61
N SER A 565 18.78 78.07 -37.30
CA SER A 565 19.73 79.00 -36.71
C SER A 565 20.60 78.26 -35.71
N ILE A 566 21.60 78.97 -35.18
CA ILE A 566 22.55 78.37 -34.25
C ILE A 566 22.65 79.16 -32.95
N LEU A 567 22.37 80.46 -33.00
CA LEU A 567 22.61 81.28 -31.81
C LEU A 567 21.49 81.19 -30.79
N GLN A 568 20.27 80.91 -31.21
CA GLN A 568 19.17 80.74 -30.27
C GLN A 568 18.60 79.33 -30.45
N ASP A 569 18.47 78.62 -29.34
CA ASP A 569 17.96 77.25 -29.32
C ASP A 569 18.57 76.34 -30.38
N PRO A 570 19.89 76.16 -30.36
CA PRO A 570 20.50 75.23 -31.32
C PRO A 570 20.17 73.78 -30.97
N MET A 571 20.23 72.93 -32.00
CA MET A 571 20.04 71.51 -31.78
C MET A 571 21.29 70.89 -31.17
N THR A 572 21.12 69.69 -30.64
CA THR A 572 22.23 68.94 -30.08
C THR A 572 23.14 68.44 -31.20
N SER A 573 24.40 68.18 -30.83
CA SER A 573 25.39 67.60 -31.74
C SER A 573 25.99 66.36 -31.08
N CYS A 574 25.92 65.22 -31.76
CA CYS A 574 26.36 63.97 -31.14
C CYS A 574 27.87 63.80 -31.22
N GLY A 575 28.41 63.66 -32.42
CA GLY A 575 29.84 63.38 -32.52
C GLY A 575 30.20 62.54 -33.74
N CYS A 576 29.18 62.19 -34.50
CA CYS A 576 29.35 61.50 -35.77
C CYS A 576 29.51 62.47 -36.93
N PHE A 577 29.42 63.78 -36.70
CA PHE A 577 29.48 64.74 -37.78
C PHE A 577 30.86 64.75 -38.42
N GLU A 578 30.87 64.84 -39.75
CA GLU A 578 32.11 64.92 -40.52
C GLU A 578 32.67 66.33 -40.60
N CYS A 579 31.89 67.34 -40.22
CA CYS A 579 32.35 68.72 -40.23
C CYS A 579 31.93 69.41 -38.94
N ILE A 580 32.73 70.40 -38.53
CA ILE A 580 32.39 71.26 -37.40
C ILE A 580 32.39 72.70 -37.90
N THR A 581 31.59 73.53 -37.25
CA THR A 581 31.38 74.92 -37.65
C THR A 581 31.72 75.82 -36.48
N GLY A 582 32.64 76.77 -36.71
CA GLY A 582 33.17 77.59 -35.65
C GLY A 582 32.99 79.08 -35.89
N ILE A 583 32.55 79.81 -34.87
CA ILE A 583 32.07 81.18 -34.99
C ILE A 583 33.19 82.14 -34.65
N MET A 584 33.34 83.19 -35.48
CA MET A 584 34.29 84.25 -35.23
C MET A 584 33.57 85.46 -34.66
N PRO A 585 33.87 85.88 -33.42
CA PRO A 585 33.19 87.06 -32.85
C PRO A 585 33.57 88.36 -33.55
N GLU A 586 34.87 88.60 -33.72
CA GLU A 586 35.31 89.87 -34.27
C GLU A 586 34.90 90.02 -35.73
N ALA A 587 34.89 88.94 -36.49
CA ALA A 587 34.55 88.98 -37.90
C ALA A 587 33.06 88.81 -38.15
N ASN A 588 32.26 88.63 -37.10
CA ASN A 588 30.82 88.41 -37.20
C ASN A 588 30.47 87.38 -38.27
N GLY A 589 31.41 86.48 -38.56
CA GLY A 589 31.21 85.40 -39.51
C GLY A 589 31.41 84.07 -38.80
N VAL A 590 31.67 83.01 -39.56
CA VAL A 590 31.82 81.67 -39.00
C VAL A 590 32.81 80.90 -39.85
N VAL A 591 33.42 79.87 -39.24
CA VAL A 591 34.48 79.08 -39.85
C VAL A 591 34.09 77.61 -39.83
N MET A 592 34.60 76.86 -40.80
CA MET A 592 34.32 75.44 -40.94
C MET A 592 35.61 74.66 -41.12
N VAL A 593 35.65 73.46 -40.54
CA VAL A 593 36.76 72.53 -40.75
C VAL A 593 36.22 71.12 -40.55
N ASN A 594 36.64 70.22 -41.42
CA ASN A 594 36.06 68.89 -41.41
C ASN A 594 36.87 67.90 -40.57
N ARG A 595 36.27 66.71 -40.37
CA ARG A 595 36.84 65.75 -39.42
C ARG A 595 38.22 65.26 -39.85
N GLU A 596 38.38 64.98 -41.16
CA GLU A 596 39.64 64.47 -41.64
C GLU A 596 40.78 65.48 -41.52
N PHE A 597 40.47 66.75 -41.26
CA PHE A 597 41.44 67.83 -41.30
C PHE A 597 41.75 68.26 -39.87
N GLY A 598 42.91 67.86 -39.37
CA GLY A 598 43.39 68.27 -38.07
C GLY A 598 44.21 69.54 -38.08
N ALA A 599 44.29 70.23 -39.22
CA ALA A 599 45.07 71.44 -39.29
C ALA A 599 44.44 72.56 -38.48
N THR A 600 45.27 73.52 -38.08
CA THR A 600 44.80 74.64 -37.28
C THR A 600 43.90 75.54 -38.13
N THR A 601 42.97 76.19 -37.44
CA THR A 601 42.00 77.09 -38.04
C THR A 601 42.27 78.52 -37.60
N PRO A 602 41.63 79.51 -38.24
CA PRO A 602 41.74 80.88 -37.74
C PRO A 602 41.29 81.03 -36.30
N LEU A 603 40.40 80.14 -35.82
CA LEU A 603 40.07 80.10 -34.40
C LEU A 603 41.23 79.61 -33.55
N GLY A 604 42.33 79.19 -34.16
CA GLY A 604 43.48 78.70 -33.42
C GLY A 604 43.20 77.42 -32.65
N MET A 605 42.43 76.51 -33.24
CA MET A 605 42.02 75.28 -32.57
C MET A 605 41.86 74.19 -33.61
N THR A 606 42.13 72.96 -33.21
CA THR A 606 42.05 71.81 -34.10
C THR A 606 40.70 71.09 -33.93
N PHE A 607 40.38 70.26 -34.93
CA PHE A 607 39.03 69.69 -35.00
C PHE A 607 38.68 68.91 -33.74
N GLY A 608 39.65 68.20 -33.16
CA GLY A 608 39.35 67.42 -31.98
C GLY A 608 38.83 68.25 -30.82
N GLU A 609 39.42 69.44 -30.63
CA GLU A 609 39.00 70.29 -29.53
C GLU A 609 37.64 70.92 -29.79
N LEU A 610 37.38 71.32 -31.03
CA LEU A 610 36.04 71.79 -31.39
C LEU A 610 35.01 70.71 -31.17
N ALA A 611 35.31 69.47 -31.54
CA ALA A 611 34.38 68.37 -31.32
C ALA A 611 34.16 68.13 -29.84
N SER A 612 35.21 68.22 -29.04
CA SER A 612 35.06 68.04 -27.59
C SER A 612 34.18 69.13 -27.00
N MET A 613 34.34 70.37 -27.45
CA MET A 613 33.51 71.46 -26.93
C MET A 613 32.07 71.36 -27.42
N THR A 614 31.86 70.94 -28.67
CA THR A 614 30.53 70.93 -29.27
C THR A 614 29.83 69.58 -29.15
N GLY A 615 30.51 68.50 -29.53
CA GLY A 615 29.89 67.19 -29.44
C GLY A 615 29.61 66.80 -28.01
N GLY A 616 28.51 66.06 -27.82
CA GLY A 616 28.09 65.66 -26.50
C GLY A 616 26.61 65.89 -26.26
N GLY A 617 25.89 66.21 -27.33
CA GLY A 617 24.45 66.43 -27.23
C GLY A 617 24.08 67.55 -26.29
N VAL A 618 24.81 68.66 -26.35
CA VAL A 618 24.61 69.81 -25.48
C VAL A 618 24.12 70.97 -26.32
N GLN A 619 23.07 71.64 -25.85
CA GLN A 619 22.51 72.79 -26.55
C GLN A 619 23.37 74.01 -26.23
N THR A 620 24.42 74.20 -27.03
CA THR A 620 25.31 75.34 -26.89
C THR A 620 25.18 76.24 -28.11
N PRO A 621 24.83 77.51 -27.97
CA PRO A 621 24.75 78.38 -29.15
C PRO A 621 26.06 78.45 -29.91
N GLY A 622 27.19 78.44 -29.21
CA GLY A 622 28.47 78.39 -29.87
C GLY A 622 28.69 77.12 -30.66
N PHE A 623 29.06 77.29 -31.93
CA PHE A 623 29.43 76.20 -32.82
C PHE A 623 28.25 75.29 -33.14
N MET A 624 28.43 74.38 -34.08
CA MET A 624 27.40 73.42 -34.44
C MET A 624 28.04 72.32 -35.28
N GLY A 625 27.60 71.09 -35.06
CA GLY A 625 28.00 69.95 -35.87
C GLY A 625 26.95 69.65 -36.93
N HIS A 626 27.40 69.28 -38.11
CA HIS A 626 26.50 69.00 -39.22
C HIS A 626 27.23 68.11 -40.22
N GLY A 627 26.50 67.69 -41.26
CA GLY A 627 27.04 66.83 -42.28
C GLY A 627 27.78 67.60 -43.37
N ARG A 628 28.20 66.84 -44.38
CA ARG A 628 28.96 67.44 -45.47
C ARG A 628 28.09 68.22 -46.44
N GLN A 629 26.89 67.72 -46.73
CA GLN A 629 26.01 68.33 -47.71
C GLN A 629 25.15 69.46 -47.13
N PHE A 630 25.16 69.66 -45.83
CA PHE A 630 24.31 70.67 -45.22
C PHE A 630 24.83 72.08 -45.41
N ILE A 631 26.12 72.24 -45.74
CA ILE A 631 26.70 73.57 -45.84
C ILE A 631 26.15 74.33 -47.03
N ALA A 632 25.84 73.63 -48.12
CA ALA A 632 25.33 74.26 -49.33
C ALA A 632 23.82 74.40 -49.33
N SER A 633 23.15 73.90 -48.29
CA SER A 633 21.69 73.96 -48.25
C SER A 633 21.21 75.39 -48.13
N LYS A 634 20.03 75.65 -48.70
CA LYS A 634 19.45 76.99 -48.65
C LYS A 634 19.13 77.40 -47.23
N LYS A 635 18.86 76.44 -46.34
CA LYS A 635 18.48 76.72 -44.97
C LYS A 635 19.68 76.61 -44.02
N PHE A 636 20.89 76.88 -44.51
CA PHE A 636 22.07 76.90 -43.67
C PHE A 636 22.17 78.27 -42.98
N MET A 637 21.90 78.29 -41.69
CA MET A 637 21.99 79.51 -40.89
C MET A 637 21.14 80.63 -41.47
N LYS A 638 19.93 80.28 -41.93
CA LYS A 638 19.02 81.30 -42.45
C LYS A 638 18.62 82.28 -41.37
N GLY A 639 18.33 81.78 -40.16
CA GLY A 639 18.09 82.67 -39.05
C GLY A 639 19.28 83.53 -38.69
N GLU A 640 20.49 83.08 -39.04
CA GLU A 640 21.69 83.88 -38.85
C GLU A 640 21.98 84.78 -40.04
N GLY A 641 21.50 84.43 -41.23
CA GLY A 641 21.70 85.26 -42.40
C GLY A 641 21.93 84.52 -43.69
N GLY A 642 22.38 83.26 -43.63
CA GLY A 642 22.55 82.43 -44.81
C GLY A 642 24.00 82.05 -45.02
N LEU A 643 24.42 82.00 -46.29
CA LEU A 643 25.74 81.52 -46.68
C LEU A 643 26.84 82.55 -46.48
N GLY A 644 26.51 83.81 -46.20
CA GLY A 644 27.54 84.83 -46.09
C GLY A 644 28.41 84.69 -44.86
N ARG A 645 27.95 83.96 -43.84
CA ARG A 645 28.68 83.88 -42.57
C ARG A 645 30.01 83.15 -42.71
N ILE A 646 30.14 82.28 -43.70
CA ILE A 646 31.37 81.53 -43.88
C ILE A 646 32.49 82.50 -44.24
N VAL A 647 33.60 82.43 -43.51
CA VAL A 647 34.76 83.27 -43.79
C VAL A 647 36.02 82.48 -44.06
N TRP A 648 36.06 81.19 -43.73
CA TRP A 648 37.26 80.39 -43.97
C TRP A 648 36.86 78.92 -43.94
N MET A 649 37.29 78.18 -44.96
CA MET A 649 37.13 76.73 -44.97
C MET A 649 38.33 76.12 -45.67
N PRO A 650 38.68 74.88 -45.35
CA PRO A 650 39.82 74.24 -46.03
C PRO A 650 39.56 74.05 -47.52
N LYS A 651 40.65 73.95 -48.26
CA LYS A 651 40.59 73.96 -49.72
C LYS A 651 39.84 72.75 -50.26
N GLU A 652 40.05 71.57 -49.66
CA GLU A 652 39.45 70.37 -50.22
C GLU A 652 37.94 70.38 -50.08
N LEU A 653 37.41 71.03 -49.04
CA LEU A 653 35.97 71.23 -48.97
C LEU A 653 35.49 72.05 -50.17
N LYS A 654 36.25 73.08 -50.54
CA LYS A 654 35.91 73.86 -51.74
C LYS A 654 35.96 72.97 -52.97
N ASP A 655 37.00 72.17 -53.11
CA ASP A 655 37.10 71.28 -54.27
C ASP A 655 35.90 70.33 -54.32
N PHE A 656 35.42 69.91 -53.15
CA PHE A 656 34.31 68.95 -53.12
C PHE A 656 32.99 69.61 -53.48
N VAL A 657 32.71 70.79 -52.93
CA VAL A 657 31.36 71.35 -52.99
C VAL A 657 31.31 72.69 -53.73
N ALA A 658 32.28 72.95 -54.60
CA ALA A 658 32.31 74.22 -55.32
C ALA A 658 31.05 74.42 -56.16
N GLU A 659 30.62 73.39 -56.88
CA GLU A 659 29.46 73.54 -57.77
C GLU A 659 28.20 73.86 -56.97
N LYS A 660 27.96 73.10 -55.89
CA LYS A 660 26.77 73.33 -55.08
C LYS A 660 26.80 74.70 -54.43
N LEU A 661 27.96 75.09 -53.87
CA LEU A 661 28.07 76.40 -53.25
C LEU A 661 27.85 77.51 -54.26
N ASN A 662 28.41 77.37 -55.47
CA ASN A 662 28.25 78.39 -56.49
C ASN A 662 26.79 78.53 -56.90
N LYS A 663 26.09 77.41 -57.11
CA LYS A 663 24.68 77.49 -57.49
C LYS A 663 23.85 78.14 -56.40
N THR A 664 24.05 77.70 -55.15
CA THR A 664 23.23 78.23 -54.06
C THR A 664 23.50 79.72 -53.85
N ALA A 665 24.77 80.14 -53.99
CA ALA A 665 25.07 81.57 -53.88
C ALA A 665 24.51 82.36 -55.06
N LYS A 666 24.52 81.77 -56.25
CA LYS A 666 23.94 82.44 -57.41
C LYS A 666 22.45 82.64 -57.24
N GLU A 667 21.81 81.81 -56.43
CA GLU A 667 20.43 82.13 -56.06
C GLU A 667 20.33 83.47 -55.34
N LEU A 668 21.41 83.97 -54.74
CA LEU A 668 21.44 85.26 -54.05
C LEU A 668 22.22 86.31 -54.84
N TYR A 669 22.26 86.19 -56.17
CA TYR A 669 22.84 87.16 -57.10
C TYR A 669 24.32 87.46 -56.82
N ASN A 670 24.96 86.72 -55.91
CA ASN A 670 26.36 86.97 -55.60
C ASN A 670 27.25 86.48 -56.74
N ILE A 671 28.54 86.79 -56.63
CA ILE A 671 29.50 86.44 -57.68
C ILE A 671 29.91 84.98 -57.52
N ASP A 672 30.13 84.33 -58.65
CA ASP A 672 30.36 82.88 -58.67
C ASP A 672 31.65 82.46 -57.97
N ASN A 673 32.62 83.36 -57.83
CA ASN A 673 33.90 82.96 -57.21
C ASN A 673 33.85 83.02 -55.69
N PHE A 674 32.65 82.95 -55.11
CA PHE A 674 32.51 83.00 -53.66
C PHE A 674 33.39 81.95 -53.00
N ALA A 675 33.54 80.78 -53.61
CA ALA A 675 34.46 79.79 -53.09
C ALA A 675 35.89 80.31 -53.09
N ASP A 676 36.29 80.94 -54.20
CA ASP A 676 37.61 81.60 -54.22
C ASP A 676 37.63 82.78 -53.27
N MET A 677 36.50 83.48 -53.11
CA MET A 677 36.47 84.64 -52.22
C MET A 677 36.65 84.23 -50.77
N ILE A 678 36.20 83.04 -50.38
CA ILE A 678 36.48 82.51 -49.04
C ILE A 678 37.91 81.97 -49.06
N CYS A 679 38.74 82.47 -48.15
CA CYS A 679 40.14 82.09 -48.13
C CYS A 679 40.33 80.71 -47.47
N ASP A 680 41.40 80.04 -47.88
CA ASP A 680 41.79 78.73 -47.34
C ASP A 680 43.13 78.85 -46.62
N GLU A 681 43.61 77.71 -46.12
CA GLU A 681 44.84 77.71 -45.34
C GLU A 681 46.08 78.03 -46.17
N THR A 682 46.04 77.79 -47.48
CA THR A 682 47.20 78.10 -48.31
C THR A 682 47.50 79.59 -48.30
N ILE A 683 46.46 80.43 -48.38
CA ILE A 683 46.66 81.87 -48.32
C ILE A 683 47.05 82.29 -46.91
N ALA A 684 46.22 81.94 -45.93
CA ALA A 684 46.51 82.24 -44.54
C ALA A 684 45.74 81.26 -43.66
N THR A 685 46.25 81.05 -42.45
CA THR A 685 45.66 80.10 -41.52
C THR A 685 45.11 80.73 -40.25
N GLU A 686 45.52 81.95 -39.90
CA GLU A 686 45.02 82.66 -38.73
C GLU A 686 44.27 83.91 -39.16
N SER A 687 43.63 84.56 -38.17
CA SER A 687 42.81 85.73 -38.46
C SER A 687 43.65 86.87 -39.03
N GLU A 688 44.93 86.93 -38.68
CA GLU A 688 45.74 88.10 -38.98
C GLU A 688 45.69 88.48 -40.45
N GLU A 689 45.98 87.52 -41.33
CA GLU A 689 45.96 87.78 -42.76
C GLU A 689 44.63 87.42 -43.42
N VAL A 690 43.89 86.47 -42.82
CA VAL A 690 42.59 86.12 -43.38
C VAL A 690 41.66 87.31 -43.36
N VAL A 691 41.65 88.08 -42.27
CA VAL A 691 40.75 89.23 -42.18
C VAL A 691 41.07 90.26 -43.25
N LYS A 692 42.36 90.59 -43.42
CA LYS A 692 42.71 91.60 -44.40
C LYS A 692 42.48 91.12 -45.83
N PHE A 693 42.68 89.82 -46.09
CA PHE A 693 42.38 89.32 -47.44
C PHE A 693 40.89 89.28 -47.71
N LEU A 694 40.08 88.95 -46.70
CA LEU A 694 38.64 89.02 -46.85
C LEU A 694 38.17 90.44 -47.12
N GLU A 695 38.74 91.41 -46.39
CA GLU A 695 38.41 92.81 -46.62
C GLU A 695 38.86 93.27 -48.01
N GLU A 696 40.02 92.79 -48.46
CA GLU A 696 40.48 93.10 -49.81
C GLU A 696 39.52 92.56 -50.86
N LYS A 697 39.06 91.32 -50.68
CA LYS A 697 38.12 90.74 -51.63
C LYS A 697 36.68 91.20 -51.40
N GLY A 698 36.38 91.79 -50.24
CA GLY A 698 35.03 92.18 -49.93
C GLY A 698 34.24 90.99 -49.43
N HIS A 699 33.57 91.13 -48.29
CA HIS A 699 32.94 89.98 -47.63
C HIS A 699 31.50 90.27 -47.28
N PRO A 700 30.53 89.51 -47.80
CA PRO A 700 29.13 89.72 -47.40
C PRO A 700 28.88 89.44 -45.93
N ALA A 701 29.78 88.72 -45.26
CA ALA A 701 29.61 88.50 -43.82
C ALA A 701 29.47 89.81 -43.08
N LEU A 702 30.34 90.78 -43.40
CA LEU A 702 30.16 92.14 -42.89
C LEU A 702 28.91 92.79 -43.48
N LYS A 703 28.64 92.54 -44.75
CA LYS A 703 27.53 93.21 -45.43
C LYS A 703 26.17 92.62 -45.05
N MET A 704 26.08 91.32 -44.78
CA MET A 704 24.79 90.69 -44.52
C MET A 704 24.10 91.27 -43.30
N ASP A 705 24.67 91.03 -42.11
CA ASP A 705 24.11 91.49 -40.85
C ASP A 705 25.24 91.48 -39.82
N PRO A 706 25.11 92.27 -38.75
CA PRO A 706 26.14 92.24 -37.71
C PRO A 706 26.10 90.96 -36.90
N ILE A 707 27.01 90.84 -35.94
CA ILE A 707 27.10 89.65 -35.08
C ILE A 707 25.88 89.60 -34.16
N MET B 1 -37.21 -52.54 7.34
CA MET B 1 -37.19 -53.31 8.61
C MET B 1 -35.76 -53.73 8.93
N ASN B 2 -35.23 -53.23 10.05
CA ASN B 2 -33.87 -53.52 10.44
C ASN B 2 -33.80 -54.88 11.13
N LEU B 3 -32.60 -55.26 11.58
CA LEU B 3 -32.38 -56.57 12.17
C LEU B 3 -33.23 -56.78 13.42
N PHE B 4 -33.24 -55.78 14.32
CA PHE B 4 -33.99 -55.90 15.56
C PHE B 4 -35.47 -56.06 15.28
N GLN B 5 -36.00 -55.26 14.36
CA GLN B 5 -37.42 -55.34 14.04
C GLN B 5 -37.74 -56.66 13.35
N THR B 6 -36.85 -57.16 12.51
CA THR B 6 -37.07 -58.47 11.89
C THR B 6 -37.14 -59.56 12.95
N VAL B 7 -36.22 -59.55 13.92
CA VAL B 7 -36.22 -60.57 14.96
C VAL B 7 -37.46 -60.47 15.83
N PHE B 8 -37.87 -59.24 16.20
CA PHE B 8 -39.07 -59.06 17.00
C PHE B 8 -40.32 -59.55 16.25
N THR B 9 -40.41 -59.24 14.96
CA THR B 9 -41.54 -59.71 14.17
C THR B 9 -41.58 -61.23 14.09
N GLY B 10 -40.42 -61.84 13.88
CA GLY B 10 -40.34 -63.29 13.87
C GLY B 10 -40.75 -63.91 15.19
N SER B 11 -40.31 -63.33 16.31
CA SER B 11 -40.68 -63.86 17.61
C SER B 11 -42.18 -63.73 17.86
N LYS B 12 -42.77 -62.62 17.43
CA LYS B 12 -44.21 -62.45 17.59
C LYS B 12 -44.98 -63.46 16.74
N GLN B 13 -44.51 -63.72 15.52
CA GLN B 13 -45.15 -64.75 14.69
C GLN B 13 -45.03 -66.13 15.32
N ALA B 14 -43.86 -66.43 15.88
CA ALA B 14 -43.69 -67.71 16.57
C ALA B 14 -44.64 -67.82 17.77
N LEU B 15 -44.78 -66.72 18.51
CA LEU B 15 -45.70 -66.71 19.64
C LEU B 15 -47.14 -66.91 19.18
N ALA B 16 -47.53 -66.29 18.07
CA ALA B 16 -48.88 -66.46 17.56
C ALA B 16 -49.13 -67.90 17.13
N ALA B 17 -48.17 -68.52 16.45
CA ALA B 17 -48.33 -69.92 16.05
C ALA B 17 -48.42 -70.83 17.27
N ALA B 18 -47.59 -70.57 18.29
CA ALA B 18 -47.64 -71.37 19.51
C ALA B 18 -48.98 -71.22 20.21
N GLU B 19 -49.50 -69.99 20.29
CA GLU B 19 -50.81 -69.78 20.91
C GLU B 19 -51.91 -70.51 20.16
N GLY B 20 -51.88 -70.45 18.83
CA GLY B 20 -52.90 -71.16 18.07
C GLY B 20 -52.85 -72.66 18.27
N ILE B 21 -51.66 -73.24 18.20
CA ILE B 21 -51.55 -74.69 18.34
C ILE B 21 -51.87 -75.13 19.76
N VAL B 22 -51.52 -74.32 20.76
CA VAL B 22 -51.87 -74.64 22.14
C VAL B 22 -53.38 -74.57 22.35
N LYS B 23 -54.02 -73.58 21.73
CA LYS B 23 -55.48 -73.52 21.80
C LYS B 23 -56.12 -74.74 21.17
N GLN B 24 -55.58 -75.18 20.03
CA GLN B 24 -56.10 -76.39 19.40
C GLN B 24 -55.92 -77.60 20.30
N ALA B 25 -54.74 -77.73 20.93
CA ALA B 25 -54.50 -78.84 21.85
C ALA B 25 -55.44 -78.80 23.05
N VAL B 26 -55.68 -77.61 23.60
CA VAL B 26 -56.60 -77.46 24.72
C VAL B 26 -58.01 -77.86 24.31
N ASP B 27 -58.42 -77.48 23.10
CA ASP B 27 -59.76 -77.82 22.64
C ASP B 27 -59.91 -79.33 22.46
N GLU B 28 -58.98 -79.94 21.73
CA GLU B 28 -59.10 -81.37 21.45
C GLU B 28 -58.84 -82.23 22.68
N LYS B 29 -57.72 -82.02 23.39
CA LYS B 29 -57.32 -83.00 24.39
C LYS B 29 -57.53 -82.63 25.86
N GLY B 30 -57.72 -81.38 26.23
CA GLY B 30 -57.90 -81.17 27.65
C GLY B 30 -56.63 -80.78 28.38
N ARG B 31 -56.80 -80.00 29.46
CA ARG B 31 -55.67 -79.44 30.18
C ARG B 31 -54.99 -80.43 31.10
N ASP B 32 -55.66 -81.53 31.44
CA ASP B 32 -55.08 -82.63 32.21
C ASP B 32 -54.34 -83.64 31.34
N TYR B 33 -54.49 -83.53 30.02
CA TYR B 33 -53.83 -84.46 29.12
C TYR B 33 -52.33 -84.29 29.19
N LYS B 34 -51.61 -85.42 29.13
CA LYS B 34 -50.18 -85.43 29.33
C LYS B 34 -49.44 -84.78 28.17
N VAL B 35 -48.36 -84.07 28.49
CA VAL B 35 -47.48 -83.46 27.51
C VAL B 35 -46.08 -84.00 27.73
N ALA B 36 -45.49 -84.59 26.70
CA ALA B 36 -44.16 -85.17 26.83
C ALA B 36 -43.55 -85.34 25.45
N PHE B 37 -42.21 -85.49 25.42
CA PHE B 37 -41.37 -85.84 24.29
C PHE B 37 -40.91 -87.30 24.41
N PRO B 38 -40.77 -88.02 23.30
CA PRO B 38 -40.46 -89.46 23.40
C PRO B 38 -39.07 -89.70 23.96
N ASP B 39 -39.03 -90.40 25.10
CA ASP B 39 -37.79 -90.87 25.71
C ASP B 39 -36.83 -89.71 26.02
N THR B 40 -37.27 -88.83 26.93
CA THR B 40 -36.44 -87.77 27.47
C THR B 40 -36.65 -87.69 28.98
N ALA B 41 -35.63 -87.23 29.68
CA ALA B 41 -35.65 -87.06 31.13
C ALA B 41 -35.68 -85.60 31.55
N TYR B 42 -35.83 -84.66 30.61
CA TYR B 42 -35.81 -83.23 30.91
C TYR B 42 -37.07 -82.54 30.42
N SER B 43 -38.17 -83.30 30.33
CA SER B 43 -39.45 -82.76 29.90
C SER B 43 -39.33 -81.98 28.59
N LEU B 44 -39.57 -80.68 28.61
CA LEU B 44 -39.30 -79.83 27.47
C LEU B 44 -37.94 -79.17 27.71
N PRO B 45 -36.88 -79.56 27.00
CA PRO B 45 -35.53 -79.13 27.41
C PRO B 45 -35.31 -77.62 27.46
N VAL B 46 -35.87 -76.86 26.52
CA VAL B 46 -35.61 -75.42 26.50
C VAL B 46 -36.26 -74.74 27.70
N ILE B 47 -37.52 -75.08 27.98
CA ILE B 47 -38.20 -74.50 29.13
C ILE B 47 -37.53 -74.96 30.42
N PHE B 48 -37.12 -76.23 30.48
CA PHE B 48 -36.45 -76.72 31.68
C PHE B 48 -35.14 -76.00 31.92
N ALA B 49 -34.37 -75.74 30.86
CA ALA B 49 -33.12 -75.01 31.02
C ALA B 49 -33.36 -73.55 31.39
N ALA B 50 -34.39 -72.93 30.80
CA ALA B 50 -34.62 -71.51 31.03
C ALA B 50 -35.17 -71.25 32.42
N THR B 51 -36.05 -72.11 32.92
CA THR B 51 -36.76 -71.86 34.18
C THR B 51 -36.64 -72.99 35.20
N GLY B 52 -36.31 -74.22 34.79
CA GLY B 52 -36.31 -75.35 35.70
C GLY B 52 -37.63 -76.05 35.83
N LYS B 53 -38.70 -75.51 35.26
CA LYS B 53 -40.01 -76.12 35.33
C LYS B 53 -40.14 -77.24 34.30
N LYS B 54 -40.80 -78.32 34.69
CA LYS B 54 -41.08 -79.44 33.81
C LYS B 54 -42.55 -79.35 33.39
N ILE B 55 -42.78 -79.32 32.08
CA ILE B 55 -44.13 -79.26 31.52
C ILE B 55 -44.64 -80.69 31.39
N THR B 56 -45.72 -81.01 32.10
CA THR B 56 -46.24 -82.38 32.11
C THR B 56 -47.64 -82.52 31.54
N ASN B 57 -48.48 -81.49 31.62
CA ASN B 57 -49.84 -81.53 31.11
C ASN B 57 -50.06 -80.35 30.16
N VAL B 58 -51.20 -80.38 29.47
CA VAL B 58 -51.53 -79.35 28.48
C VAL B 58 -51.74 -78.00 29.14
N GLY B 59 -52.31 -77.98 30.35
CA GLY B 59 -52.48 -76.70 31.05
C GLY B 59 -51.16 -76.01 31.32
N GLU B 60 -50.15 -76.77 31.73
CA GLU B 60 -48.83 -76.20 31.93
C GLU B 60 -48.22 -75.73 30.61
N LEU B 61 -48.49 -76.44 29.52
CA LEU B 61 -48.02 -76.00 28.21
C LEU B 61 -48.64 -74.66 27.84
N GLU B 62 -49.93 -74.49 28.13
CA GLU B 62 -50.58 -73.21 27.91
C GLU B 62 -50.00 -72.13 28.82
N GLY B 63 -49.64 -72.48 30.05
CA GLY B 63 -48.98 -71.53 30.93
C GLY B 63 -47.55 -71.22 30.57
N ALA B 64 -46.94 -72.01 29.68
CA ALA B 64 -45.57 -71.78 29.23
C ALA B 64 -45.49 -70.67 28.19
N LEU B 65 -46.62 -70.25 27.62
CA LEU B 65 -46.61 -69.13 26.69
C LEU B 65 -46.20 -67.84 27.38
N ASP B 66 -46.40 -67.74 28.70
CA ASP B 66 -45.97 -66.55 29.42
C ASP B 66 -44.46 -66.37 29.39
N ILE B 67 -43.70 -67.47 29.34
CA ILE B 67 -42.26 -67.38 29.18
C ILE B 67 -41.92 -66.72 27.85
N VAL B 68 -42.58 -67.14 26.79
CA VAL B 68 -42.36 -66.54 25.47
C VAL B 68 -42.73 -65.06 25.49
N ARG B 69 -43.85 -64.73 26.13
CA ARG B 69 -44.29 -63.34 26.20
C ARG B 69 -43.29 -62.48 26.97
N SER B 70 -42.77 -62.98 28.09
CA SER B 70 -41.84 -62.21 28.90
C SER B 70 -40.46 -62.13 28.27
N LEU B 71 -40.13 -63.03 27.35
CA LEU B 71 -38.83 -62.97 26.69
C LEU B 71 -38.80 -62.02 25.49
N ILE B 72 -39.91 -61.39 25.12
CA ILE B 72 -39.97 -60.48 23.99
C ILE B 72 -40.14 -59.07 24.55
N VAL B 73 -39.05 -58.31 24.59
CA VAL B 73 -39.07 -56.90 24.97
C VAL B 73 -38.53 -56.13 23.77
N GLU B 74 -39.38 -55.30 23.17
CA GLU B 74 -39.07 -54.64 21.90
C GLU B 74 -38.30 -53.34 22.14
N GLU B 75 -37.05 -53.50 22.55
CA GLU B 75 -36.10 -52.40 22.68
C GLU B 75 -34.83 -52.76 21.95
N GLU B 76 -34.33 -51.85 21.11
CA GLU B 76 -33.24 -52.15 20.19
C GLU B 76 -31.90 -52.11 20.92
N MET B 77 -31.68 -53.14 21.75
CA MET B 77 -30.41 -53.40 22.39
C MET B 77 -30.12 -54.90 22.25
N LEU B 78 -28.83 -55.23 22.24
CA LEU B 78 -28.42 -56.59 21.87
C LEU B 78 -29.00 -57.64 22.81
N ASP B 79 -29.04 -57.35 24.11
CA ASP B 79 -29.58 -58.32 25.07
C ASP B 79 -31.04 -58.64 24.76
N LYS B 80 -31.85 -57.62 24.41
CA LYS B 80 -33.24 -57.87 24.05
C LYS B 80 -33.35 -58.72 22.79
N LEU B 81 -32.46 -58.50 21.82
CA LEU B 81 -32.46 -59.31 20.61
C LEU B 81 -32.16 -60.77 20.94
N LEU B 82 -31.18 -61.02 21.80
CA LEU B 82 -30.87 -62.39 22.19
C LEU B 82 -32.03 -63.03 22.96
N ASN B 83 -32.67 -62.26 23.84
CA ASN B 83 -33.83 -62.77 24.57
C ASN B 83 -34.99 -63.07 23.63
N SER B 84 -35.15 -62.26 22.57
CA SER B 84 -36.20 -62.51 21.59
C SER B 84 -35.91 -63.76 20.76
N GLY B 85 -34.64 -63.99 20.43
CA GLY B 85 -34.28 -65.26 19.81
C GLY B 85 -34.62 -66.43 20.71
N LEU B 86 -34.33 -66.31 22.00
CA LEU B 86 -34.69 -67.36 22.96
C LEU B 86 -36.21 -67.52 23.07
N ALA B 87 -36.96 -66.43 22.95
CA ALA B 87 -38.41 -66.54 22.93
C ALA B 87 -38.88 -67.34 21.72
N THR B 88 -38.28 -67.11 20.57
CA THR B 88 -38.59 -67.92 19.39
C THR B 88 -38.27 -69.38 19.63
N ALA B 89 -37.14 -69.67 20.28
CA ALA B 89 -36.80 -71.06 20.55
C ALA B 89 -37.81 -71.71 21.49
N VAL B 90 -38.23 -71.00 22.54
CA VAL B 90 -39.23 -71.55 23.46
C VAL B 90 -40.55 -71.77 22.73
N ALA B 91 -40.96 -70.82 21.89
CA ALA B 91 -42.19 -70.97 21.12
C ALA B 91 -42.13 -72.17 20.18
N ALA B 92 -40.98 -72.37 19.53
CA ALA B 92 -40.82 -73.53 18.65
C ALA B 92 -40.91 -74.82 19.43
N GLU B 93 -40.32 -74.87 20.62
CA GLU B 93 -40.43 -76.06 21.46
C GLU B 93 -41.88 -76.32 21.86
N ILE B 94 -42.63 -75.27 22.20
CA ILE B 94 -44.03 -75.44 22.55
C ILE B 94 -44.82 -75.97 21.35
N ILE B 95 -44.53 -75.46 20.16
CA ILE B 95 -45.20 -75.95 18.96
C ILE B 95 -44.90 -77.43 18.75
N GLU B 96 -43.64 -77.83 18.92
CA GLU B 96 -43.29 -79.25 18.73
C GLU B 96 -43.96 -80.13 19.78
N ALA B 97 -44.01 -79.68 21.03
CA ALA B 97 -44.70 -80.43 22.07
C ALA B 97 -46.19 -80.58 21.76
N ALA B 98 -46.81 -79.51 21.27
CA ALA B 98 -48.22 -79.58 20.89
C ALA B 98 -48.42 -80.54 19.72
N LYS B 99 -47.49 -80.55 18.78
CA LYS B 99 -47.55 -81.52 17.69
C LYS B 99 -47.51 -82.94 18.23
N TYR B 100 -46.64 -83.21 19.19
CA TYR B 100 -46.54 -84.56 19.73
C TYR B 100 -47.77 -84.96 20.52
N VAL B 101 -48.40 -84.02 21.22
CA VAL B 101 -49.59 -84.39 21.99
C VAL B 101 -50.84 -84.43 21.11
N LEU B 102 -50.82 -83.81 19.93
CA LEU B 102 -51.97 -83.87 19.03
C LEU B 102 -51.97 -85.11 18.16
N SER B 103 -50.82 -85.50 17.63
CA SER B 103 -50.70 -86.64 16.73
C SER B 103 -49.83 -87.71 17.37
N ASP B 104 -50.21 -88.96 17.16
CA ASP B 104 -49.44 -90.10 17.69
C ASP B 104 -48.06 -90.16 17.06
N ALA B 105 -47.96 -89.93 15.76
CA ALA B 105 -46.70 -89.95 15.02
C ALA B 105 -46.59 -88.66 14.21
N PRO B 106 -46.18 -87.56 14.84
CA PRO B 106 -46.09 -86.28 14.10
C PRO B 106 -45.14 -86.32 12.91
N TYR B 107 -44.04 -87.08 13.00
CA TYR B 107 -43.02 -87.10 11.97
C TYR B 107 -42.96 -88.47 11.31
N ALA B 108 -42.93 -88.49 9.98
CA ALA B 108 -42.75 -89.70 9.21
C ALA B 108 -41.36 -89.70 8.59
N GLU B 109 -40.91 -90.88 8.17
CA GLU B 109 -39.59 -90.98 7.56
C GLU B 109 -39.54 -90.18 6.26
N PRO B 110 -38.38 -89.56 5.94
CA PRO B 110 -37.09 -89.66 6.64
C PRO B 110 -36.98 -88.70 7.83
N CYS B 111 -37.98 -87.87 8.13
CA CYS B 111 -37.86 -86.96 9.27
C CYS B 111 -37.90 -87.74 10.57
N VAL B 112 -37.06 -87.33 11.52
CA VAL B 112 -36.96 -88.02 12.80
C VAL B 112 -37.58 -87.23 13.94
N GLY B 113 -37.77 -85.93 13.78
CA GLY B 113 -38.38 -85.14 14.84
C GLY B 113 -37.48 -85.06 16.05
N PHE B 114 -38.05 -85.36 17.21
CA PHE B 114 -37.34 -85.24 18.46
C PHE B 114 -36.24 -86.29 18.55
N ILE B 115 -35.13 -85.93 19.19
CA ILE B 115 -34.00 -86.82 19.39
C ILE B 115 -33.98 -87.21 20.86
N SER B 116 -34.01 -88.50 21.14
CA SER B 116 -34.13 -88.99 22.51
C SER B 116 -32.81 -88.85 23.25
N ASP B 117 -32.88 -88.95 24.57
CA ASP B 117 -31.69 -88.88 25.40
C ASP B 117 -30.64 -89.95 25.09
N PRO B 118 -30.99 -91.23 24.88
CA PRO B 118 -29.94 -92.21 24.56
C PRO B 118 -29.14 -91.85 23.32
N ILE B 119 -29.77 -91.26 22.31
CA ILE B 119 -29.03 -90.81 21.13
C ILE B 119 -28.06 -89.69 21.51
N ILE B 120 -28.48 -88.78 22.38
CA ILE B 120 -27.59 -87.72 22.84
C ILE B 120 -26.38 -88.32 23.55
N ARG B 121 -26.61 -89.29 24.43
CA ARG B 121 -25.50 -89.94 25.13
C ARG B 121 -24.59 -90.70 24.18
N SER B 122 -25.17 -91.34 23.16
CA SER B 122 -24.35 -92.03 22.17
C SER B 122 -23.47 -91.06 21.41
N LEU B 123 -24.02 -89.90 21.04
CA LEU B 123 -23.24 -88.91 20.31
C LEU B 123 -22.28 -88.13 21.19
N GLY B 124 -22.46 -88.16 22.52
CA GLY B 124 -21.56 -87.43 23.39
C GLY B 124 -20.13 -87.94 23.33
N VAL B 125 -19.95 -89.25 23.24
CA VAL B 125 -18.59 -89.80 23.20
C VAL B 125 -17.81 -89.31 21.98
N PRO B 126 -18.33 -89.40 20.76
CA PRO B 126 -17.59 -88.82 19.62
C PRO B 126 -17.62 -87.30 19.59
N LEU B 127 -18.49 -86.67 20.36
CA LEU B 127 -18.54 -85.21 20.35
C LEU B 127 -17.30 -84.64 21.03
N VAL B 128 -17.06 -85.04 22.28
CA VAL B 128 -15.92 -84.55 23.02
C VAL B 128 -14.62 -85.12 22.47
N THR B 129 -14.67 -86.36 21.93
CA THR B 129 -13.45 -86.98 21.44
C THR B 129 -12.86 -86.20 20.27
N GLY B 130 -13.70 -85.72 19.37
CA GLY B 130 -13.24 -85.02 18.18
C GLY B 130 -13.59 -85.71 16.88
N ASP B 131 -14.11 -86.94 16.94
CA ASP B 131 -14.63 -87.59 15.74
C ASP B 131 -15.79 -86.81 15.16
N ILE B 132 -16.53 -86.09 16.01
CA ILE B 132 -17.51 -85.13 15.55
C ILE B 132 -16.96 -83.73 15.86
N PRO B 133 -16.29 -83.08 14.91
CA PRO B 133 -15.72 -81.76 15.18
C PRO B 133 -16.71 -80.61 15.11
N GLY B 134 -17.97 -80.86 14.76
CA GLY B 134 -18.95 -79.79 14.72
C GLY B 134 -20.31 -80.32 14.36
N VAL B 135 -21.31 -79.44 14.48
CA VAL B 135 -22.69 -79.76 14.13
C VAL B 135 -23.14 -78.71 13.11
N ALA B 136 -23.45 -79.17 11.90
CA ALA B 136 -23.88 -78.30 10.80
C ALA B 136 -25.40 -78.34 10.76
N VAL B 137 -26.04 -77.22 11.11
CA VAL B 137 -27.49 -77.09 11.08
C VAL B 137 -27.83 -76.41 9.77
N ILE B 138 -28.34 -77.19 8.81
CA ILE B 138 -28.65 -76.69 7.48
C ILE B 138 -30.16 -76.49 7.39
N LEU B 139 -30.57 -75.25 7.11
CA LEU B 139 -31.98 -74.89 7.09
C LEU B 139 -32.28 -74.17 5.80
N GLY B 140 -33.46 -74.46 5.23
CA GLY B 140 -33.94 -73.76 4.06
C GLY B 140 -33.86 -74.58 2.80
N GLU B 141 -33.57 -73.92 1.68
CA GLU B 141 -33.46 -74.56 0.37
C GLU B 141 -32.31 -73.94 -0.40
N CYS B 142 -31.46 -74.77 -0.99
CA CYS B 142 -30.40 -74.31 -1.88
C CYS B 142 -30.95 -74.07 -3.28
N PRO B 143 -30.27 -73.25 -4.09
CA PRO B 143 -30.76 -73.03 -5.47
C PRO B 143 -30.90 -74.31 -6.27
N ASP B 144 -30.08 -75.33 -6.01
CA ASP B 144 -30.15 -76.60 -6.71
C ASP B 144 -30.05 -77.75 -5.71
N SER B 145 -30.52 -78.92 -6.15
CA SER B 145 -30.28 -80.13 -5.36
C SER B 145 -28.81 -80.51 -5.38
N GLU B 146 -28.12 -80.23 -6.48
CA GLU B 146 -26.72 -80.62 -6.60
C GLU B 146 -25.86 -79.89 -5.58
N THR B 147 -26.07 -78.57 -5.44
CA THR B 147 -25.26 -77.81 -4.49
C THR B 147 -25.57 -78.19 -3.06
N ALA B 148 -26.85 -78.44 -2.74
CA ALA B 148 -27.19 -78.91 -1.41
C ALA B 148 -26.52 -80.23 -1.09
N ALA B 149 -26.57 -81.17 -2.05
CA ALA B 149 -25.91 -82.45 -1.85
C ALA B 149 -24.41 -82.27 -1.70
N LYS B 150 -23.81 -81.40 -2.50
CA LYS B 150 -22.37 -81.17 -2.42
C LYS B 150 -21.98 -80.65 -1.04
N ILE B 151 -22.70 -79.65 -0.53
CA ILE B 151 -22.37 -79.08 0.78
C ILE B 151 -22.58 -80.12 1.87
N ILE B 152 -23.70 -80.84 1.82
CA ILE B 152 -24.00 -81.82 2.86
C ILE B 152 -22.96 -82.92 2.86
N LYS B 153 -22.57 -83.42 1.68
CA LYS B 153 -21.59 -84.49 1.64
C LYS B 153 -20.19 -83.99 1.97
N ASP B 154 -19.89 -82.72 1.70
CA ASP B 154 -18.64 -82.15 2.17
C ASP B 154 -18.58 -82.13 3.70
N TYR B 155 -19.67 -81.72 4.34
CA TYR B 155 -19.71 -81.77 5.80
C TYR B 155 -19.61 -83.20 6.31
N GLN B 156 -20.30 -84.13 5.63
CA GLN B 156 -20.31 -85.51 6.08
C GLN B 156 -18.92 -86.13 5.96
N SER B 157 -18.21 -85.86 4.88
CA SER B 157 -16.88 -86.42 4.68
C SER B 157 -15.88 -85.87 5.66
N LYS B 158 -16.20 -84.74 6.31
CA LYS B 158 -15.34 -84.16 7.31
C LYS B 158 -15.68 -84.61 8.73
N GLY B 159 -16.67 -85.47 8.88
CA GLY B 159 -17.03 -86.04 10.16
C GLY B 159 -18.08 -85.27 10.94
N LEU B 160 -18.51 -84.12 10.43
CA LEU B 160 -19.49 -83.29 11.12
C LEU B 160 -20.86 -83.96 11.16
N LEU B 161 -21.59 -83.77 12.25
CA LEU B 161 -22.96 -84.25 12.36
C LEU B 161 -23.88 -83.17 11.78
N THR B 162 -24.42 -83.41 10.59
CA THR B 162 -25.27 -82.41 9.91
C THR B 162 -26.74 -82.73 10.15
N CYS B 163 -27.52 -81.71 10.51
CA CYS B 163 -28.97 -81.80 10.67
C CYS B 163 -29.65 -80.96 9.61
N LEU B 164 -30.77 -81.45 9.09
CA LEU B 164 -31.46 -80.83 7.95
C LEU B 164 -32.86 -80.38 8.34
N VAL B 165 -33.18 -79.13 8.03
CA VAL B 165 -34.51 -78.58 8.28
C VAL B 165 -35.00 -77.96 6.97
N GLY B 166 -36.23 -78.29 6.58
CA GLY B 166 -36.84 -77.67 5.42
C GLY B 166 -36.66 -78.45 4.13
N LYS B 167 -36.81 -77.73 3.02
CA LYS B 167 -36.78 -78.35 1.69
C LYS B 167 -35.41 -78.88 1.33
N VAL B 168 -34.37 -78.55 2.10
CA VAL B 168 -33.05 -79.12 1.86
C VAL B 168 -33.07 -80.62 2.05
N ILE B 169 -34.03 -81.15 2.82
CA ILE B 169 -34.16 -82.60 2.97
C ILE B 169 -34.51 -83.23 1.63
N ASP B 170 -35.48 -82.65 0.92
CA ASP B 170 -35.86 -83.18 -0.38
C ASP B 170 -34.74 -83.02 -1.40
N GLN B 171 -34.05 -81.87 -1.35
CA GLN B 171 -32.93 -81.66 -2.25
C GLN B 171 -31.82 -82.67 -2.00
N ALA B 172 -31.55 -82.97 -0.73
CA ALA B 172 -30.53 -83.97 -0.41
C ALA B 172 -30.96 -85.36 -0.85
N ILE B 173 -32.25 -85.68 -0.71
CA ILE B 173 -32.75 -86.96 -1.21
C ILE B 173 -32.58 -87.07 -2.71
N GLU B 174 -32.90 -86.00 -3.43
CA GLU B 174 -32.66 -85.98 -4.88
C GLU B 174 -31.18 -86.06 -5.20
N GLY B 175 -30.32 -85.59 -4.30
CA GLY B 175 -28.88 -85.63 -4.46
C GLY B 175 -28.23 -86.91 -3.99
N LYS B 176 -29.02 -87.93 -3.63
CA LYS B 176 -28.49 -89.23 -3.24
C LYS B 176 -27.59 -89.15 -2.00
N VAL B 177 -27.97 -88.30 -1.04
CA VAL B 177 -27.27 -88.22 0.23
C VAL B 177 -27.79 -89.32 1.14
N LYS B 178 -26.89 -90.16 1.64
CA LYS B 178 -27.28 -91.27 2.52
C LYS B 178 -27.45 -90.75 3.94
N MET B 179 -28.63 -90.95 4.51
CA MET B 179 -29.01 -90.32 5.76
C MET B 179 -29.14 -91.36 6.88
N GLY B 180 -29.01 -90.89 8.10
CA GLY B 180 -29.13 -91.73 9.27
C GLY B 180 -28.25 -91.20 10.39
N LEU B 181 -28.43 -91.80 11.57
CA LEU B 181 -27.63 -91.41 12.72
C LEU B 181 -26.18 -91.87 12.57
N ASP B 182 -25.96 -93.07 12.03
CA ASP B 182 -24.61 -93.55 11.81
C ASP B 182 -23.94 -92.83 10.64
N LEU B 183 -24.73 -92.38 9.66
CA LEU B 183 -24.22 -91.62 8.53
C LEU B 183 -24.13 -90.12 8.84
N ARG B 184 -24.58 -89.70 10.02
CA ARG B 184 -24.44 -88.33 10.49
C ARG B 184 -25.17 -87.31 9.60
N VAL B 185 -26.29 -87.71 9.00
CA VAL B 185 -27.15 -86.81 8.25
C VAL B 185 -28.56 -87.02 8.80
N ILE B 186 -29.03 -86.11 9.64
CA ILE B 186 -30.27 -86.30 10.40
C ILE B 186 -31.31 -85.32 9.84
N PRO B 187 -32.38 -85.79 9.21
CA PRO B 187 -33.47 -84.88 8.82
C PRO B 187 -34.44 -84.69 9.99
N LEU B 188 -34.57 -83.45 10.45
CA LEU B 188 -35.41 -83.17 11.61
C LEU B 188 -36.87 -82.96 11.24
N GLY B 189 -37.13 -82.17 10.20
CA GLY B 189 -38.49 -81.90 9.80
C GLY B 189 -38.56 -80.79 8.78
N TYR B 190 -39.67 -80.70 8.05
CA TYR B 190 -39.82 -79.70 7.00
C TYR B 190 -40.20 -78.33 7.53
N ASP B 191 -40.70 -78.24 8.75
CA ASP B 191 -41.06 -76.97 9.35
C ASP B 191 -39.88 -76.34 10.07
N VAL B 192 -39.89 -75.01 10.13
CA VAL B 192 -38.78 -74.27 10.73
C VAL B 192 -38.64 -74.65 12.20
N THR B 193 -39.77 -74.84 12.90
CA THR B 193 -39.73 -75.17 14.32
C THR B 193 -38.96 -76.46 14.59
N SER B 194 -38.83 -77.35 13.60
CA SER B 194 -38.07 -78.58 13.79
C SER B 194 -36.61 -78.32 14.13
N VAL B 195 -36.10 -77.12 13.84
CA VAL B 195 -34.73 -76.78 14.20
C VAL B 195 -34.55 -76.86 15.73
N ILE B 196 -35.63 -76.67 16.49
CA ILE B 196 -35.52 -76.78 17.93
C ILE B 196 -35.02 -78.16 18.32
N HIS B 197 -35.30 -79.18 17.50
CA HIS B 197 -34.89 -80.53 17.82
C HIS B 197 -33.37 -80.71 17.82
N VAL B 198 -32.61 -79.82 17.18
CA VAL B 198 -31.16 -79.83 17.35
C VAL B 198 -30.75 -78.87 18.47
N VAL B 199 -31.56 -77.83 18.69
CA VAL B 199 -31.25 -76.93 19.80
C VAL B 199 -31.28 -77.68 21.12
N THR B 200 -32.32 -78.50 21.32
CA THR B 200 -32.38 -79.32 22.53
C THR B 200 -31.24 -80.32 22.63
N ILE B 201 -30.60 -80.67 21.50
CA ILE B 201 -29.39 -81.49 21.56
C ILE B 201 -28.30 -80.73 22.31
N ALA B 202 -28.13 -79.46 21.97
CA ALA B 202 -27.13 -78.66 22.68
C ALA B 202 -27.54 -78.43 24.13
N ILE B 203 -28.80 -78.07 24.35
CA ILE B 203 -29.25 -77.75 25.71
C ILE B 203 -29.04 -78.96 26.62
N ARG B 204 -29.51 -80.13 26.20
CA ARG B 204 -29.31 -81.34 27.00
C ARG B 204 -27.84 -81.71 27.11
N ALA B 205 -27.02 -81.34 26.12
CA ALA B 205 -25.59 -81.55 26.26
C ALA B 205 -25.05 -80.79 27.47
N ALA B 206 -25.60 -79.60 27.71
CA ALA B 206 -25.25 -78.88 28.94
C ALA B 206 -25.87 -79.54 30.16
N LEU B 207 -27.04 -80.14 30.01
CA LEU B 207 -27.71 -80.76 31.16
C LEU B 207 -27.06 -82.09 31.54
N ILE B 208 -26.58 -82.85 30.56
CA ILE B 208 -26.03 -84.17 30.80
C ILE B 208 -24.52 -84.08 30.99
N PHE B 209 -23.80 -83.61 29.96
CA PHE B 209 -22.35 -83.61 30.02
C PHE B 209 -21.83 -82.50 30.94
N GLY B 210 -22.41 -81.30 30.86
CA GLY B 210 -21.95 -80.20 31.66
C GLY B 210 -22.36 -80.25 33.12
N GLY B 211 -23.44 -80.98 33.43
CA GLY B 211 -23.89 -81.04 34.80
C GLY B 211 -24.59 -79.80 35.32
N ILE B 212 -24.89 -78.84 34.45
CA ILE B 212 -25.58 -77.63 34.88
C ILE B 212 -27.03 -77.97 35.22
N LYS B 213 -27.46 -77.55 36.39
CA LYS B 213 -28.83 -77.82 36.81
C LYS B 213 -29.81 -76.95 36.02
N GLY B 214 -31.06 -77.42 35.97
CA GLY B 214 -32.08 -76.67 35.25
C GLY B 214 -32.35 -75.34 35.90
N GLY B 215 -32.66 -74.34 35.07
CA GLY B 215 -32.90 -73.00 35.54
C GLY B 215 -31.68 -72.09 35.50
N GLN B 216 -30.48 -72.65 35.38
CA GLN B 216 -29.26 -71.85 35.27
C GLN B 216 -29.02 -71.49 33.80
N LEU B 217 -29.87 -70.59 33.31
CA LEU B 217 -29.90 -70.30 31.88
C LEU B 217 -28.58 -69.74 31.38
N ASN B 218 -27.97 -68.82 32.14
CA ASN B 218 -26.70 -68.23 31.70
C ASN B 218 -25.60 -69.29 31.63
N ASP B 219 -25.58 -70.20 32.60
CA ASP B 219 -24.59 -71.28 32.55
C ASP B 219 -24.83 -72.17 31.34
N ILE B 220 -26.09 -72.45 31.03
CA ILE B 220 -26.40 -73.27 29.85
C ILE B 220 -25.93 -72.57 28.57
N LEU B 221 -26.20 -71.27 28.46
CA LEU B 221 -25.79 -70.53 27.27
C LEU B 221 -24.28 -70.47 27.14
N LYS B 222 -23.59 -70.24 28.26
CA LYS B 222 -22.13 -70.26 28.24
C LYS B 222 -21.60 -71.62 27.83
N TYR B 223 -22.21 -72.70 28.34
CA TYR B 223 -21.75 -74.03 27.97
C TYR B 223 -21.96 -74.31 26.49
N THR B 224 -23.12 -73.95 25.94
CA THR B 224 -23.37 -74.19 24.51
C THR B 224 -22.41 -73.35 23.67
N ALA B 225 -22.12 -72.13 24.11
CA ALA B 225 -21.22 -71.26 23.35
C ALA B 225 -19.79 -71.80 23.35
N GLU B 226 -19.32 -72.32 24.49
CA GLU B 226 -17.92 -72.69 24.60
C GLU B 226 -17.64 -74.17 24.39
N ARG B 227 -18.66 -75.01 24.29
CA ARG B 227 -18.45 -76.45 24.24
C ARG B 227 -19.11 -77.11 23.04
N VAL B 228 -20.27 -76.65 22.62
CA VAL B 228 -21.02 -77.26 21.52
C VAL B 228 -20.59 -76.57 20.22
N PRO B 229 -19.91 -77.27 19.30
CA PRO B 229 -19.44 -76.63 18.06
C PRO B 229 -20.48 -76.65 16.94
N ALA B 230 -21.62 -76.01 17.20
CA ALA B 230 -22.73 -75.95 16.25
C ALA B 230 -22.72 -74.62 15.50
N PHE B 231 -23.23 -74.67 14.26
CA PHE B 231 -23.37 -73.48 13.43
C PHE B 231 -24.55 -73.72 12.49
N VAL B 232 -25.09 -72.63 11.95
CA VAL B 232 -26.30 -72.67 11.11
C VAL B 232 -25.94 -72.19 9.71
N ASN B 233 -26.33 -72.97 8.71
CA ASN B 233 -26.27 -72.55 7.31
C ASN B 233 -27.71 -72.42 6.80
N ALA B 234 -28.17 -71.17 6.70
CA ALA B 234 -29.53 -70.86 6.26
C ALA B 234 -29.48 -70.52 4.79
N PHE B 235 -30.07 -71.39 3.96
CA PHE B 235 -30.09 -71.21 2.51
C PHE B 235 -31.48 -70.80 2.05
N GLY B 236 -31.55 -70.04 0.96
CA GLY B 236 -32.81 -69.59 0.43
C GLY B 236 -33.36 -68.37 1.13
N PRO B 237 -34.45 -67.82 0.61
CA PRO B 237 -35.03 -66.61 1.23
C PRO B 237 -35.41 -66.88 2.67
N LEU B 238 -35.17 -65.89 3.52
CA LEU B 238 -35.34 -66.03 4.97
C LEU B 238 -36.52 -65.17 5.41
N SER B 239 -37.52 -65.79 6.02
CA SER B 239 -38.63 -65.04 6.59
C SER B 239 -38.21 -64.46 7.94
N GLU B 240 -39.11 -63.66 8.51
CA GLU B 240 -38.83 -63.07 9.82
C GLU B 240 -38.70 -64.15 10.88
N LEU B 241 -39.52 -65.20 10.78
CA LEU B 241 -39.43 -66.30 11.74
C LEU B 241 -38.08 -67.00 11.64
N VAL B 242 -37.57 -67.19 10.43
CA VAL B 242 -36.25 -67.82 10.27
C VAL B 242 -35.17 -66.94 10.89
N VAL B 243 -35.27 -65.62 10.71
CA VAL B 243 -34.28 -64.71 11.28
C VAL B 243 -34.37 -64.72 12.80
N SER B 244 -35.58 -64.82 13.34
CA SER B 244 -35.75 -64.89 14.79
C SER B 244 -35.19 -66.19 15.36
N ALA B 245 -35.38 -67.30 14.65
CA ALA B 245 -34.78 -68.58 15.05
C ALA B 245 -33.25 -68.50 15.00
N GLY B 246 -32.72 -67.82 13.99
CA GLY B 246 -31.29 -67.58 13.92
C GLY B 246 -30.79 -66.72 15.07
N ALA B 247 -31.60 -65.76 15.49
CA ALA B 247 -31.27 -64.98 16.68
C ALA B 247 -31.20 -65.89 17.90
N GLY B 248 -32.09 -66.89 17.97
CA GLY B 248 -31.98 -67.87 19.04
C GLY B 248 -30.69 -68.67 18.96
N ALA B 249 -30.31 -69.09 17.75
CA ALA B 249 -29.05 -69.81 17.58
C ALA B 249 -27.87 -68.95 18.00
N ILE B 250 -27.90 -67.66 17.67
CA ILE B 250 -26.87 -66.73 18.10
C ILE B 250 -26.87 -66.61 19.62
N ALA B 251 -28.06 -66.56 20.23
CA ALA B 251 -28.13 -66.52 21.68
C ALA B 251 -27.46 -67.73 22.31
N LEU B 252 -27.56 -68.90 21.67
CA LEU B 252 -26.80 -70.06 22.13
C LEU B 252 -25.34 -70.02 21.71
N GLY B 253 -24.85 -68.92 21.17
CA GLY B 253 -23.47 -68.85 20.76
C GLY B 253 -23.15 -69.52 19.45
N PHE B 254 -24.16 -69.89 18.66
CA PHE B 254 -23.94 -70.57 17.39
C PHE B 254 -23.98 -69.56 16.25
N PRO B 255 -22.90 -69.36 15.50
CA PRO B 255 -22.95 -68.40 14.39
C PRO B 255 -23.87 -68.86 13.27
N VAL B 256 -24.50 -67.89 12.61
CA VAL B 256 -25.46 -68.15 11.55
C VAL B 256 -24.87 -67.63 10.25
N LEU B 257 -24.74 -68.51 9.26
CA LEU B 257 -24.23 -68.17 7.94
C LEU B 257 -25.33 -68.40 6.93
N THR B 258 -25.42 -67.50 5.94
CA THR B 258 -26.50 -67.56 4.97
C THR B 258 -25.96 -67.09 3.62
N ASP B 259 -26.67 -67.46 2.56
CA ASP B 259 -26.39 -66.98 1.22
C ASP B 259 -27.21 -65.74 0.88
N GLN B 260 -28.02 -65.24 1.82
CA GLN B 260 -28.87 -64.09 1.61
C GLN B 260 -28.21 -62.83 2.15
N VAL B 261 -28.65 -61.69 1.61
CA VAL B 261 -28.22 -60.38 2.07
C VAL B 261 -28.93 -60.09 3.40
N VAL B 262 -28.17 -60.01 4.47
CA VAL B 262 -28.72 -59.73 5.80
C VAL B 262 -27.85 -58.67 6.46
N PRO B 263 -28.35 -57.98 7.49
CA PRO B 263 -27.47 -57.07 8.25
C PRO B 263 -26.44 -57.86 9.03
N GLU B 264 -25.20 -57.86 8.55
CA GLU B 264 -24.17 -58.74 9.09
C GLU B 264 -23.72 -58.29 10.47
N VAL B 265 -23.42 -59.26 11.32
CA VAL B 265 -22.81 -59.05 12.62
C VAL B 265 -21.52 -59.87 12.65
N PRO B 266 -20.36 -59.25 12.84
CA PRO B 266 -19.09 -60.02 12.78
C PRO B 266 -19.09 -61.19 13.75
N THR B 267 -18.62 -62.33 13.24
CA THR B 267 -18.48 -63.59 13.96
C THR B 267 -19.83 -64.22 14.33
N LEU B 268 -20.95 -63.55 14.09
CA LEU B 268 -22.26 -64.06 14.49
C LEU B 268 -23.21 -64.26 13.33
N LEU B 269 -23.38 -63.27 12.46
CA LEU B 269 -24.29 -63.35 11.33
C LEU B 269 -23.50 -62.95 10.10
N LEU B 270 -23.31 -63.90 9.18
CA LEU B 270 -22.40 -63.73 8.05
C LEU B 270 -23.08 -64.14 6.75
N THR B 271 -22.82 -63.38 5.70
CA THR B 271 -23.33 -63.69 4.37
C THR B 271 -22.21 -64.26 3.53
N GLN B 272 -22.46 -65.42 2.92
CA GLN B 272 -21.49 -66.06 2.03
C GLN B 272 -22.30 -66.58 0.83
N LYS B 273 -22.22 -65.84 -0.29
CA LYS B 273 -22.94 -66.26 -1.49
C LYS B 273 -22.29 -67.48 -2.13
N ASP B 274 -20.97 -67.55 -2.11
CA ASP B 274 -20.23 -68.61 -2.80
C ASP B 274 -20.44 -69.95 -2.12
N TYR B 275 -21.24 -70.82 -2.75
CA TYR B 275 -21.52 -72.14 -2.18
C TYR B 275 -20.28 -73.02 -2.16
N ASP B 276 -19.28 -72.73 -2.99
CA ASP B 276 -18.05 -73.48 -2.98
C ASP B 276 -17.17 -73.18 -1.78
N LYS B 277 -17.43 -72.10 -1.06
CA LYS B 277 -16.66 -71.73 0.11
C LYS B 277 -17.48 -71.71 1.40
N MET B 278 -18.73 -72.15 1.35
CA MET B 278 -19.58 -72.10 2.54
C MET B 278 -19.06 -73.02 3.64
N VAL B 279 -18.57 -74.22 3.28
CA VAL B 279 -18.08 -75.15 4.29
C VAL B 279 -16.86 -74.58 5.01
N LYS B 280 -15.89 -74.07 4.26
CA LYS B 280 -14.70 -73.47 4.87
C LYS B 280 -15.06 -72.24 5.68
N THR B 281 -15.99 -71.42 5.18
CA THR B 281 -16.43 -70.24 5.92
C THR B 281 -17.05 -70.64 7.25
N SER B 282 -17.88 -71.68 7.26
CA SER B 282 -18.50 -72.12 8.51
C SER B 282 -17.47 -72.72 9.46
N LEU B 283 -16.53 -73.51 8.95
CA LEU B 283 -15.50 -74.08 9.81
C LEU B 283 -14.65 -72.99 10.45
N GLU B 284 -14.32 -71.96 9.68
CA GLU B 284 -13.60 -70.83 10.27
C GLU B 284 -14.46 -70.07 11.27
N ALA B 285 -15.73 -69.85 10.96
CA ALA B 285 -16.59 -69.07 11.84
C ALA B 285 -16.85 -69.78 13.15
N ARG B 286 -16.91 -71.10 13.13
CA ARG B 286 -17.10 -71.88 14.34
C ARG B 286 -15.77 -72.37 14.92
N ASN B 287 -14.65 -71.99 14.33
CA ASN B 287 -13.32 -72.34 14.83
C ASN B 287 -13.14 -73.86 14.91
N ILE B 288 -13.55 -74.56 13.85
CA ILE B 288 -13.54 -76.02 13.80
C ILE B 288 -12.28 -76.47 13.06
N LYS B 289 -11.55 -77.41 13.66
CA LYS B 289 -10.37 -78.01 13.05
C LYS B 289 -10.69 -79.42 12.61
N ILE B 290 -10.35 -79.74 11.37
CA ILE B 290 -10.59 -81.08 10.83
C ILE B 290 -9.31 -81.89 10.98
N LYS C 3 -19.12 -25.15 45.33
CA LYS C 3 -18.97 -26.18 44.28
C LYS C 3 -17.59 -26.80 44.34
N ALA C 4 -17.54 -28.11 44.10
CA ALA C 4 -16.29 -28.82 44.03
C ALA C 4 -15.49 -28.33 42.82
N LYS C 5 -14.17 -28.32 42.97
CA LYS C 5 -13.32 -27.84 41.89
C LYS C 5 -13.01 -28.93 40.87
N SER C 6 -13.03 -30.19 41.29
CA SER C 6 -12.71 -31.28 40.38
C SER C 6 -13.28 -32.57 40.95
N ILE C 7 -13.42 -33.57 40.09
CA ILE C 7 -13.75 -34.92 40.53
C ILE C 7 -12.50 -35.77 40.75
N ASP C 8 -11.32 -35.27 40.36
CA ASP C 8 -10.08 -36.02 40.46
C ASP C 8 -9.44 -35.83 41.83
N GLN C 9 -9.16 -36.94 42.52
CA GLN C 9 -8.65 -36.87 43.88
C GLN C 9 -7.24 -36.28 43.93
N ALA C 10 -6.38 -36.62 42.96
CA ALA C 10 -5.04 -36.03 42.93
C ALA C 10 -5.12 -34.53 42.74
N THR C 11 -6.04 -34.07 41.89
CA THR C 11 -6.28 -32.64 41.73
C THR C 11 -6.68 -31.98 43.04
N LEU C 12 -7.55 -32.63 43.82
CA LEU C 12 -7.98 -32.07 45.09
C LEU C 12 -6.85 -32.01 46.12
N GLN C 13 -6.02 -33.05 46.18
CA GLN C 13 -4.88 -33.03 47.10
C GLN C 13 -3.93 -31.89 46.75
N LEU C 14 -3.65 -31.71 45.46
CA LEU C 14 -2.76 -30.62 45.07
C LEU C 14 -3.39 -29.25 45.25
N LEU C 15 -4.72 -29.13 45.16
CA LEU C 15 -5.36 -27.86 45.47
C LEU C 15 -5.22 -27.54 46.95
N ASP C 16 -5.36 -28.53 47.82
CA ASP C 16 -5.09 -28.30 49.24
C ASP C 16 -3.64 -27.87 49.46
N LYS C 17 -2.70 -28.52 48.76
CA LYS C 17 -1.30 -28.11 48.89
C LYS C 17 -1.08 -26.68 48.40
N ALA C 18 -1.72 -26.31 47.29
CA ALA C 18 -1.57 -24.95 46.77
C ALA C 18 -2.14 -23.93 47.72
N LYS C 19 -3.26 -24.25 48.37
CA LYS C 19 -3.77 -23.38 49.41
C LYS C 19 -2.78 -23.25 50.56
N GLN C 20 -2.16 -24.36 50.98
CA GLN C 20 -1.18 -24.30 52.06
C GLN C 20 0.07 -23.52 51.68
N ASP C 21 0.44 -23.54 50.41
CA ASP C 21 1.63 -22.85 49.92
C ASP C 21 1.38 -21.39 49.60
N GLY C 22 0.14 -20.94 49.67
CA GLY C 22 -0.17 -19.56 49.35
C GLY C 22 0.02 -19.19 47.90
N VAL C 23 -0.33 -20.07 46.96
CA VAL C 23 -0.21 -19.76 45.54
C VAL C 23 -1.61 -19.79 44.94
N GLU C 24 -1.80 -18.99 43.90
CA GLU C 24 -3.11 -18.89 43.27
C GLU C 24 -3.20 -19.87 42.10
N THR C 25 -4.40 -20.37 41.86
CA THR C 25 -4.67 -21.27 40.76
C THR C 25 -5.67 -20.60 39.82
N VAL C 26 -6.00 -21.33 38.76
CA VAL C 26 -7.02 -20.89 37.82
C VAL C 26 -8.38 -20.80 38.53
N TRP C 27 -8.64 -21.72 39.47
CA TRP C 27 -9.88 -21.65 40.24
C TRP C 27 -9.94 -20.35 41.07
N ASP C 28 -8.82 -19.98 41.71
CA ASP C 28 -8.78 -18.75 42.50
C ASP C 28 -9.02 -17.51 41.62
N ARG C 29 -8.40 -17.48 40.44
CA ARG C 29 -8.59 -16.34 39.54
C ARG C 29 -10.03 -16.29 39.03
N LYS C 30 -10.63 -17.46 38.76
CA LYS C 30 -12.04 -17.50 38.37
C LYS C 30 -12.92 -16.93 39.48
N ALA C 31 -12.62 -17.29 40.73
CA ALA C 31 -13.37 -16.72 41.85
C ALA C 31 -13.18 -15.21 41.93
N ASP C 32 -11.95 -14.74 41.72
CA ASP C 32 -11.67 -13.30 41.78
C ASP C 32 -12.40 -12.54 40.69
N MET C 33 -12.62 -13.18 39.54
CA MET C 33 -13.35 -12.50 38.48
C MET C 33 -14.81 -12.29 38.84
N LYS C 34 -15.35 -13.04 39.79
CA LYS C 34 -16.74 -12.89 40.25
C LYS C 34 -17.74 -12.95 39.09
N VAL C 35 -18.81 -12.15 39.16
CA VAL C 35 -19.83 -12.16 38.12
C VAL C 35 -19.24 -11.56 36.85
N GLN C 36 -19.12 -12.37 35.81
CA GLN C 36 -18.53 -11.91 34.56
C GLN C 36 -19.52 -11.04 33.79
N CYS C 37 -18.97 -10.18 32.93
CA CYS C 37 -19.80 -9.19 32.26
C CYS C 37 -20.91 -9.85 31.44
N GLY C 38 -22.14 -9.41 31.68
CA GLY C 38 -23.28 -9.98 30.97
C GLY C 38 -23.25 -9.72 29.49
N PHE C 39 -22.82 -8.50 29.08
CA PHE C 39 -22.76 -8.17 27.66
C PHE C 39 -21.78 -9.07 26.92
N GLY C 40 -20.58 -9.22 27.48
CA GLY C 40 -19.59 -10.10 26.87
C GLY C 40 -20.02 -11.56 26.89
N SER C 41 -20.68 -11.98 27.97
CA SER C 41 -21.15 -13.36 28.07
C SER C 41 -22.20 -13.66 26.99
N ALA C 42 -23.07 -12.69 26.69
CA ALA C 42 -24.08 -12.89 25.66
C ALA C 42 -23.55 -12.59 24.25
N GLY C 43 -22.37 -12.00 24.12
CA GLY C 43 -21.81 -11.69 22.83
C GLY C 43 -22.35 -10.42 22.18
N VAL C 44 -23.02 -9.56 22.94
CA VAL C 44 -23.62 -8.33 22.43
C VAL C 44 -22.73 -7.11 22.63
N CYS C 45 -21.46 -7.32 23.01
CA CYS C 45 -20.49 -6.24 23.09
C CYS C 45 -19.62 -6.26 21.85
N CYS C 46 -19.32 -5.08 21.31
CA CYS C 46 -18.49 -4.97 20.13
C CYS C 46 -17.37 -3.97 20.38
N ARG C 47 -16.17 -4.32 19.90
CA ARG C 47 -15.03 -3.41 19.98
C ARG C 47 -14.27 -3.36 18.67
N ASN C 48 -14.97 -3.63 17.55
CA ASN C 48 -14.29 -3.76 16.27
C ASN C 48 -13.81 -2.43 15.70
N CYS C 49 -14.21 -1.30 16.25
CA CYS C 49 -13.68 -0.02 15.80
C CYS C 49 -13.63 0.94 16.98
N SER C 50 -12.88 2.03 16.82
CA SER C 50 -12.68 2.97 17.93
C SER C 50 -13.84 3.96 18.07
N MET C 51 -14.87 3.89 17.21
CA MET C 51 -16.12 4.54 17.58
C MET C 51 -16.69 3.91 18.84
N GLY C 52 -16.55 2.59 18.99
CA GLY C 52 -16.98 1.90 20.20
C GLY C 52 -16.08 2.18 21.40
N PRO C 53 -16.17 1.34 22.46
CA PRO C 53 -16.96 0.08 22.56
C PRO C 53 -18.47 0.27 22.54
N CYS C 54 -19.20 -0.65 21.88
CA CYS C 54 -20.66 -0.62 21.82
C CYS C 54 -21.21 -1.88 22.48
N ARG C 55 -22.22 -1.69 23.30
CA ARG C 55 -22.97 -2.79 23.88
C ARG C 55 -24.45 -2.55 23.61
N VAL C 56 -25.09 -3.56 23.08
CA VAL C 56 -26.51 -3.54 22.79
C VAL C 56 -27.19 -4.53 23.72
N SER C 57 -28.49 -4.39 23.86
CA SER C 57 -29.23 -5.21 24.80
C SER C 57 -29.24 -6.68 24.37
N PRO C 58 -28.92 -7.62 25.27
CA PRO C 58 -29.11 -9.03 24.95
C PRO C 58 -30.59 -9.43 24.86
N VAL C 59 -31.48 -8.57 25.33
CA VAL C 59 -32.93 -8.81 25.29
C VAL C 59 -33.52 -7.96 24.16
N PRO C 60 -34.03 -8.56 23.08
CA PRO C 60 -34.60 -7.73 22.01
C PRO C 60 -35.81 -6.94 22.47
N GLY C 61 -35.97 -5.74 21.90
CA GLY C 61 -37.08 -4.88 22.22
C GLY C 61 -36.89 -4.00 23.43
N LYS C 62 -35.75 -4.10 24.12
CA LYS C 62 -35.47 -3.33 25.32
C LYS C 62 -34.09 -2.71 25.18
N GLY C 63 -33.93 -1.52 25.76
CA GLY C 63 -32.61 -0.88 25.82
C GLY C 63 -32.06 -0.46 24.46
N VAL C 64 -30.74 -0.31 24.42
CA VAL C 64 -30.04 0.09 23.20
C VAL C 64 -30.07 -1.06 22.21
N GLU C 65 -30.48 -0.78 20.98
CA GLU C 65 -30.66 -1.80 19.97
C GLU C 65 -29.47 -1.93 19.03
N ARG C 66 -28.81 -0.83 18.67
CA ARG C 66 -27.78 -0.87 17.66
C ARG C 66 -26.50 -0.21 18.18
N GLY C 67 -25.37 -0.69 17.68
CA GLY C 67 -24.11 -0.02 17.89
C GLY C 67 -24.12 1.31 17.15
N ILE C 68 -23.01 2.05 17.31
CA ILE C 68 -22.91 3.40 16.76
C ILE C 68 -22.99 3.38 15.24
N CYS C 69 -22.35 2.41 14.61
CA CYS C 69 -22.42 2.23 13.16
C CYS C 69 -23.78 1.72 12.68
N GLY C 70 -24.66 1.33 13.60
CA GLY C 70 -25.95 0.75 13.27
C GLY C 70 -26.04 -0.76 13.30
N ALA C 71 -24.98 -1.46 13.71
CA ALA C 71 -24.99 -2.92 13.74
C ALA C 71 -25.93 -3.46 14.82
N THR C 72 -26.75 -4.45 14.46
CA THR C 72 -27.70 -5.05 15.38
C THR C 72 -27.02 -6.05 16.31
N ALA C 73 -27.78 -6.54 17.28
CA ALA C 73 -27.26 -7.58 18.17
C ALA C 73 -26.87 -8.82 17.37
N ASP C 74 -27.69 -9.21 16.39
CA ASP C 74 -27.35 -10.37 15.57
C ASP C 74 -26.05 -10.16 14.82
N VAL C 75 -25.83 -8.95 14.27
CA VAL C 75 -24.58 -8.68 13.56
C VAL C 75 -23.39 -8.77 14.51
N ILE C 76 -23.51 -8.16 15.70
CA ILE C 76 -22.40 -8.16 16.65
C ILE C 76 -22.08 -9.58 17.10
N VAL C 77 -23.12 -10.36 17.40
CA VAL C 77 -22.94 -11.75 17.82
C VAL C 77 -22.29 -12.56 16.71
N SER C 78 -22.79 -12.43 15.47
CA SER C 78 -22.27 -13.23 14.37
C SER C 78 -20.81 -12.89 14.09
N ARG C 79 -20.45 -11.61 14.13
CA ARG C 79 -19.05 -11.23 13.92
C ARG C 79 -18.14 -11.76 15.03
N ASN C 80 -18.58 -11.66 16.29
CA ASN C 80 -17.79 -12.21 17.39
C ASN C 80 -17.58 -13.71 17.22
N PHE C 81 -18.64 -14.44 16.87
CA PHE C 81 -18.52 -15.87 16.65
C PHE C 81 -17.55 -16.18 15.50
N ALA C 82 -17.65 -15.43 14.41
CA ALA C 82 -16.77 -15.64 13.26
C ALA C 82 -15.31 -15.41 13.62
N ARG C 83 -15.03 -14.40 14.44
CA ARG C 83 -13.66 -14.15 14.84
C ARG C 83 -13.12 -15.25 15.74
N MET C 84 -13.98 -15.82 16.60
CA MET C 84 -13.53 -16.99 17.36
C MET C 84 -13.15 -18.14 16.43
N VAL C 85 -13.99 -18.40 15.42
CA VAL C 85 -13.69 -19.46 14.47
C VAL C 85 -12.38 -19.17 13.74
N ALA C 86 -12.17 -17.92 13.33
CA ALA C 86 -10.95 -17.56 12.60
C ALA C 86 -9.72 -17.75 13.49
N ALA C 87 -9.81 -17.39 14.76
CA ALA C 87 -8.68 -17.58 15.66
C ALA C 87 -8.35 -19.07 15.85
N GLY C 88 -9.38 -19.90 16.06
CA GLY C 88 -9.15 -21.34 16.20
C GLY C 88 -8.54 -21.95 14.94
N THR C 89 -9.06 -21.54 13.78
CA THR C 89 -8.51 -22.00 12.51
C THR C 89 -7.06 -21.57 12.38
N ALA C 90 -6.74 -20.34 12.80
CA ALA C 90 -5.35 -19.89 12.72
C ALA C 90 -4.42 -20.73 13.58
N ALA C 91 -4.83 -21.04 14.81
CA ALA C 91 -3.99 -21.87 15.66
C ALA C 91 -3.73 -23.23 15.03
N HIS C 92 -4.80 -23.91 14.59
CA HIS C 92 -4.60 -25.24 14.00
C HIS C 92 -3.79 -25.18 12.71
N SER C 93 -4.03 -24.16 11.87
CA SER C 93 -3.34 -24.04 10.59
C SER C 93 -1.88 -23.72 10.78
N ASP C 94 -1.54 -22.91 11.78
CA ASP C 94 -0.13 -22.65 12.06
C ASP C 94 0.58 -23.92 12.52
N HIS C 95 -0.10 -24.73 13.34
CA HIS C 95 0.47 -26.02 13.72
C HIS C 95 0.74 -26.88 12.49
N GLY C 96 -0.25 -27.03 11.61
CA GLY C 96 -0.07 -27.83 10.42
C GLY C 96 0.98 -27.27 9.47
N ARG C 97 1.09 -25.95 9.38
CA ARG C 97 2.12 -25.32 8.55
C ARG C 97 3.51 -25.65 9.06
N SER C 98 3.72 -25.60 10.38
CA SER C 98 5.02 -26.00 10.93
C SER C 98 5.32 -27.45 10.60
N ILE C 99 4.32 -28.33 10.71
CA ILE C 99 4.54 -29.75 10.38
C ILE C 99 4.93 -29.90 8.91
N ALA C 100 4.23 -29.20 8.02
CA ALA C 100 4.56 -29.31 6.60
C ALA C 100 5.97 -28.80 6.32
N LEU C 101 6.36 -27.70 6.94
CA LEU C 101 7.73 -27.19 6.75
C LEU C 101 8.75 -28.20 7.27
N SER C 102 8.46 -28.86 8.40
CA SER C 102 9.36 -29.92 8.87
C SER C 102 9.44 -31.06 7.87
N LEU C 103 8.30 -31.43 7.28
CA LEU C 103 8.33 -32.48 6.26
C LEU C 103 9.21 -32.05 5.09
N TYR C 104 9.12 -30.78 4.69
CA TYR C 104 9.90 -30.30 3.56
C TYR C 104 11.40 -30.39 3.81
N HIS C 105 11.84 -30.40 5.07
CA HIS C 105 13.25 -30.42 5.41
C HIS C 105 13.76 -31.80 5.82
N THR C 106 12.97 -32.86 5.59
CA THR C 106 13.41 -34.21 5.96
C THR C 106 14.56 -34.67 5.05
N SER C 107 15.45 -35.47 5.64
CA SER C 107 16.56 -36.04 4.88
C SER C 107 16.90 -37.38 5.48
N LYS C 108 17.60 -38.19 4.69
CA LYS C 108 17.98 -39.53 5.13
C LYS C 108 18.90 -39.47 6.34
N ASP C 109 19.89 -38.57 6.34
CA ASP C 109 20.87 -38.48 7.39
C ASP C 109 20.63 -37.33 8.36
N GLY C 110 19.45 -36.70 8.31
CA GLY C 110 19.13 -35.60 9.18
C GLY C 110 18.43 -36.02 10.46
N ASP C 111 18.12 -35.02 11.28
CA ASP C 111 17.41 -35.27 12.53
C ASP C 111 15.97 -35.70 12.28
N ILE C 112 15.34 -35.20 11.22
CA ILE C 112 13.95 -35.50 10.89
C ILE C 112 13.96 -36.39 9.66
N LYS C 113 13.44 -37.60 9.80
CA LYS C 113 13.42 -38.59 8.73
C LYS C 113 11.97 -38.95 8.41
N VAL C 114 11.82 -39.89 7.47
CA VAL C 114 10.52 -40.49 7.15
C VAL C 114 10.50 -41.85 7.82
N LYS C 115 9.56 -42.04 8.75
CA LYS C 115 9.49 -43.30 9.50
C LYS C 115 8.38 -44.22 9.02
N ASP C 116 7.41 -43.70 8.27
CA ASP C 116 6.30 -44.51 7.74
C ASP C 116 6.21 -44.24 6.25
N GLU C 117 6.92 -45.06 5.47
CA GLU C 117 6.98 -44.87 4.02
C GLU C 117 5.66 -45.23 3.35
N ASN C 118 4.97 -46.26 3.86
CA ASN C 118 3.68 -46.63 3.28
C ASN C 118 2.66 -45.50 3.44
N LYS C 119 2.63 -44.90 4.63
CA LYS C 119 1.76 -43.77 4.87
C LYS C 119 2.10 -42.61 3.94
N LEU C 120 3.38 -42.34 3.75
CA LEU C 120 3.80 -41.27 2.84
C LEU C 120 3.36 -41.57 1.41
N LYS C 121 3.47 -42.82 0.97
CA LYS C 121 3.04 -43.15 -0.39
C LYS C 121 1.55 -42.99 -0.56
N GLU C 122 0.76 -43.39 0.44
CA GLU C 122 -0.69 -43.18 0.35
C GLU C 122 -1.05 -41.69 0.33
N VAL C 123 -0.38 -40.90 1.17
CA VAL C 123 -0.61 -39.45 1.17
C VAL C 123 -0.22 -38.84 -0.17
N ALA C 124 0.89 -39.31 -0.75
CA ALA C 124 1.34 -38.83 -2.05
C ALA C 124 0.32 -39.16 -3.13
N LYS C 125 -0.29 -40.33 -3.03
CA LYS C 125 -1.40 -40.68 -3.92
C LYS C 125 -2.55 -39.70 -3.73
N SER C 126 -2.84 -39.32 -2.50
CA SER C 126 -3.92 -38.35 -2.26
C SER C 126 -3.57 -36.97 -2.81
N PHE C 127 -2.29 -36.63 -2.93
CA PHE C 127 -1.86 -35.32 -3.43
C PHE C 127 -1.41 -35.38 -4.89
N ASN C 128 -1.69 -36.47 -5.59
CA ASN C 128 -1.29 -36.61 -6.99
C ASN C 128 0.23 -36.47 -7.16
N VAL C 129 0.99 -37.08 -6.26
CA VAL C 129 2.45 -37.09 -6.31
C VAL C 129 2.88 -38.48 -6.72
N GLU C 130 3.69 -38.57 -7.77
CA GLU C 130 4.16 -39.87 -8.24
C GLU C 130 5.14 -40.48 -7.23
N THR C 131 5.10 -41.81 -7.11
CA THR C 131 5.90 -42.52 -6.10
C THR C 131 6.74 -43.64 -6.71
N GLU C 132 6.26 -44.23 -7.80
CA GLU C 132 6.91 -45.42 -8.34
C GLU C 132 8.31 -45.11 -8.85
N GLY C 133 9.27 -45.91 -8.40
CA GLY C 133 10.65 -45.72 -8.81
C GLY C 133 11.22 -44.37 -8.44
N ARG C 134 10.90 -43.87 -7.26
CA ARG C 134 11.36 -42.56 -6.83
C ARG C 134 11.99 -42.67 -5.44
N ASP C 135 12.93 -41.78 -5.18
CA ASP C 135 13.53 -41.67 -3.87
C ASP C 135 12.49 -41.21 -2.84
N ILE C 136 12.57 -41.77 -1.64
CA ILE C 136 11.51 -41.53 -0.65
C ILE C 136 11.51 -40.07 -0.22
N TYR C 137 12.69 -39.44 -0.12
CA TYR C 137 12.75 -38.05 0.33
C TYR C 137 12.37 -37.07 -0.77
N ASP C 138 12.58 -37.42 -2.05
CA ASP C 138 12.02 -36.62 -3.14
C ASP C 138 10.50 -36.61 -3.07
N ILE C 139 9.91 -37.78 -2.84
CA ILE C 139 8.46 -37.87 -2.65
C ILE C 139 8.02 -37.03 -1.47
N ALA C 140 8.75 -37.13 -0.35
CA ALA C 140 8.37 -36.37 0.84
C ALA C 140 8.39 -34.87 0.56
N HIS C 141 9.40 -34.40 -0.15
CA HIS C 141 9.48 -32.97 -0.46
C HIS C 141 8.35 -32.54 -1.39
N ASP C 142 8.02 -33.35 -2.39
CA ASP C 142 6.90 -33.01 -3.26
C ASP C 142 5.58 -32.95 -2.47
N VAL C 143 5.37 -33.93 -1.58
CA VAL C 143 4.18 -33.94 -0.76
C VAL C 143 4.12 -32.71 0.13
N ALA C 144 5.25 -32.33 0.72
CA ALA C 144 5.29 -31.12 1.55
C ALA C 144 4.98 -29.88 0.73
N LYS C 145 5.47 -29.81 -0.50
CA LYS C 145 5.16 -28.66 -1.38
C LYS C 145 3.67 -28.57 -1.65
N GLU C 146 3.03 -29.70 -1.96
CA GLU C 146 1.58 -29.68 -2.20
C GLU C 146 0.81 -29.25 -0.94
N GLY C 147 1.22 -29.78 0.21
CA GLY C 147 0.56 -29.39 1.46
C GLY C 147 0.71 -27.91 1.75
N LEU C 148 1.90 -27.36 1.54
CA LEU C 148 2.14 -25.93 1.74
C LEU C 148 1.29 -25.11 0.78
N SER C 149 1.16 -25.56 -0.47
CA SER C 149 0.33 -24.84 -1.42
C SER C 149 -1.12 -24.80 -0.94
N ASN C 150 -1.58 -25.84 -0.22
CA ASN C 150 -2.93 -25.79 0.34
C ASN C 150 -3.13 -24.58 1.25
N TYR C 151 -2.07 -24.07 1.88
CA TYR C 151 -2.24 -22.95 2.81
C TYR C 151 -2.41 -21.61 2.11
N GLY C 152 -1.75 -21.38 0.98
CA GLY C 152 -1.72 -20.04 0.42
C GLY C 152 -1.91 -19.90 -1.07
N LYS C 153 -2.42 -20.93 -1.75
CA LYS C 153 -2.67 -20.83 -3.17
C LYS C 153 -3.79 -19.83 -3.45
N GLN C 154 -3.59 -18.99 -4.47
CA GLN C 154 -4.57 -17.98 -4.85
C GLN C 154 -5.34 -18.33 -6.13
N LEU C 155 -4.83 -19.28 -6.91
CA LEU C 155 -5.49 -19.78 -8.10
C LEU C 155 -5.71 -21.28 -7.96
N GLY C 156 -6.85 -21.75 -8.43
CA GLY C 156 -7.15 -23.17 -8.40
C GLY C 156 -7.85 -23.62 -7.14
N GLU C 157 -8.10 -24.93 -7.10
CA GLU C 157 -8.79 -25.57 -5.99
C GLU C 157 -7.80 -26.27 -5.07
N VAL C 158 -8.15 -26.32 -3.79
CA VAL C 158 -7.34 -26.98 -2.77
C VAL C 158 -7.48 -28.49 -2.87
N THR C 159 -6.60 -29.22 -2.18
CA THR C 159 -6.61 -30.68 -2.21
C THR C 159 -7.22 -31.19 -0.90
N LEU C 160 -8.20 -32.09 -1.02
CA LEU C 160 -8.92 -32.61 0.14
C LEU C 160 -8.75 -34.13 0.23
N PRO C 161 -8.81 -34.71 1.43
CA PRO C 161 -8.54 -36.15 1.57
C PRO C 161 -9.58 -36.99 0.85
N PRO C 162 -9.18 -38.19 0.36
CA PRO C 162 -10.16 -39.04 -0.34
C PRO C 162 -11.27 -39.57 0.54
N SER C 163 -11.13 -39.55 1.86
CA SER C 163 -12.19 -40.06 2.72
C SER C 163 -13.41 -39.14 2.75
N LEU C 164 -13.28 -37.89 2.30
CA LEU C 164 -14.39 -36.95 2.29
C LEU C 164 -15.39 -37.32 1.20
N PRO C 165 -16.66 -37.59 1.54
CA PRO C 165 -17.62 -38.04 0.50
C PRO C 165 -17.87 -36.99 -0.58
N GLU C 166 -18.10 -37.50 -1.79
CA GLU C 166 -18.39 -36.61 -2.92
C GLU C 166 -19.66 -35.81 -2.67
N LYS C 167 -20.66 -36.45 -2.03
CA LYS C 167 -21.90 -35.75 -1.75
C LYS C 167 -21.68 -34.57 -0.82
N ARG C 168 -20.83 -34.74 0.20
CA ARG C 168 -20.53 -33.63 1.10
C ARG C 168 -19.86 -32.48 0.37
N LYS C 169 -18.92 -32.78 -0.53
CA LYS C 169 -18.28 -31.73 -1.31
C LYS C 169 -19.28 -31.01 -2.21
N GLU C 170 -20.17 -31.74 -2.84
CA GLU C 170 -21.17 -31.11 -3.69
C GLU C 170 -22.11 -30.24 -2.88
N LEU C 171 -22.51 -30.71 -1.69
CA LEU C 171 -23.34 -29.90 -0.81
C LEU C 171 -22.63 -28.61 -0.41
N TRP C 172 -21.34 -28.70 -0.09
CA TRP C 172 -20.56 -27.51 0.25
C TRP C 172 -20.51 -26.52 -0.91
N ARG C 173 -20.28 -27.03 -2.13
CA ARG C 173 -20.23 -26.16 -3.31
C ARG C 173 -21.56 -25.46 -3.55
N LYS C 174 -22.66 -26.20 -3.42
CA LYS C 174 -23.98 -25.59 -3.59
C LYS C 174 -24.25 -24.54 -2.52
N LEU C 175 -23.82 -24.80 -1.29
CA LEU C 175 -24.07 -23.88 -0.20
C LEU C 175 -23.17 -22.65 -0.26
N GLY C 176 -22.05 -22.71 -0.95
CA GLY C 176 -21.10 -21.62 -1.00
C GLY C 176 -20.05 -21.63 0.09
N VAL C 177 -19.80 -22.76 0.73
CA VAL C 177 -18.82 -22.87 1.80
C VAL C 177 -17.66 -23.77 1.41
N TYR C 178 -17.51 -24.09 0.13
CA TYR C 178 -16.43 -24.95 -0.29
C TYR C 178 -15.09 -24.27 0.00
N PRO C 179 -14.17 -24.93 0.71
CA PRO C 179 -12.98 -24.23 1.21
C PRO C 179 -12.01 -23.78 0.13
N ARG C 180 -11.33 -22.67 0.42
CA ARG C 180 -10.17 -22.16 -0.31
C ARG C 180 -8.93 -22.36 0.58
N ALA C 181 -7.81 -21.77 0.18
CA ALA C 181 -6.57 -21.85 0.96
C ALA C 181 -6.80 -21.33 2.38
N VAL C 182 -6.14 -21.98 3.36
CA VAL C 182 -6.48 -21.78 4.77
C VAL C 182 -6.28 -20.32 5.18
N ASP C 183 -5.09 -19.78 4.92
CA ASP C 183 -4.81 -18.39 5.30
C ASP C 183 -5.73 -17.42 4.58
N ARG C 184 -6.09 -17.73 3.33
CA ARG C 184 -7.04 -16.91 2.59
C ARG C 184 -8.39 -16.86 3.29
N GLU C 185 -8.87 -18.00 3.82
CA GLU C 185 -10.17 -18.01 4.50
C GLU C 185 -10.11 -17.26 5.84
N ILE C 186 -9.02 -17.40 6.56
CA ILE C 186 -8.84 -16.63 7.79
C ILE C 186 -8.88 -15.13 7.49
N ALA C 187 -8.16 -14.73 6.44
CA ALA C 187 -8.14 -13.32 6.04
C ALA C 187 -9.52 -12.85 5.62
N ALA C 188 -10.27 -13.70 4.91
CA ALA C 188 -11.62 -13.34 4.48
C ALA C 188 -12.53 -13.09 5.68
N VAL C 189 -12.48 -13.96 6.68
CA VAL C 189 -13.30 -13.75 7.88
C VAL C 189 -12.91 -12.44 8.56
N MET C 190 -11.61 -12.22 8.74
CA MET C 190 -11.17 -10.99 9.40
C MET C 190 -11.58 -9.76 8.60
N HIS C 191 -11.54 -9.83 7.28
CA HIS C 191 -11.99 -8.72 6.45
C HIS C 191 -13.48 -8.47 6.60
N SER C 192 -14.29 -9.52 6.58
CA SER C 192 -15.75 -9.31 6.62
C SER C 192 -16.25 -8.89 7.99
N THR C 193 -15.50 -9.14 9.06
CA THR C 193 -15.91 -8.60 10.36
C THR C 193 -15.49 -7.13 10.58
N HIS C 194 -14.72 -6.54 9.69
CA HIS C 194 -14.31 -5.13 9.83
C HIS C 194 -15.53 -4.21 9.82
N ILE C 195 -15.41 -3.06 10.50
CA ILE C 195 -16.55 -2.15 10.60
C ILE C 195 -17.08 -1.84 9.22
N GLY C 196 -18.38 -1.92 9.05
CA GLY C 196 -19.01 -1.54 7.81
C GLY C 196 -18.79 -2.52 6.67
N CYS C 197 -18.57 -3.80 6.96
CA CYS C 197 -18.52 -4.81 5.90
C CYS C 197 -19.77 -5.66 5.97
N ASN C 198 -19.76 -6.78 6.68
CA ASN C 198 -20.82 -7.77 6.58
C ASN C 198 -21.71 -7.55 7.80
N ALA C 199 -23.00 -7.34 7.55
CA ALA C 199 -24.01 -7.08 8.56
C ALA C 199 -25.23 -7.94 8.28
N ASP C 200 -24.98 -9.23 8.04
CA ASP C 200 -26.02 -10.21 7.81
C ASP C 200 -25.60 -11.50 8.48
N ALA C 201 -26.38 -11.96 9.46
CA ALA C 201 -25.94 -13.07 10.31
C ALA C 201 -25.74 -14.37 9.51
N GLU C 202 -26.64 -14.68 8.59
CA GLU C 202 -26.54 -15.95 7.86
C GLU C 202 -25.27 -16.01 7.04
N ALA C 203 -24.97 -14.94 6.31
CA ALA C 203 -23.75 -14.89 5.51
C ALA C 203 -22.51 -14.95 6.39
N MET C 204 -22.55 -14.31 7.55
CA MET C 204 -21.42 -14.35 8.47
C MET C 204 -21.16 -15.76 8.97
N ILE C 205 -22.21 -16.48 9.36
CA ILE C 205 -22.08 -17.85 9.83
C ILE C 205 -21.55 -18.74 8.70
N LYS C 206 -22.03 -18.53 7.48
CA LYS C 206 -21.53 -19.33 6.35
C LYS C 206 -20.05 -19.08 6.09
N MET C 207 -19.61 -17.82 6.21
CA MET C 207 -18.18 -17.54 6.06
C MET C 207 -17.38 -18.25 7.15
N SER C 208 -17.89 -18.26 8.39
CA SER C 208 -17.17 -18.94 9.47
C SER C 208 -17.11 -20.46 9.23
N MET C 209 -18.19 -21.06 8.73
CA MET C 209 -18.17 -22.48 8.39
C MET C 209 -17.14 -22.75 7.30
N ARG C 210 -17.11 -21.90 6.28
CA ARG C 210 -16.13 -22.05 5.20
C ARG C 210 -14.72 -22.01 5.75
N CYS C 211 -14.45 -21.06 6.66
CA CYS C 211 -13.14 -20.97 7.28
C CYS C 211 -12.81 -22.22 8.10
N SER C 212 -13.77 -22.72 8.88
CA SER C 212 -13.51 -23.88 9.74
C SER C 212 -13.22 -25.14 8.94
N LEU C 213 -13.78 -25.24 7.73
CA LEU C 213 -13.49 -26.41 6.88
C LEU C 213 -12.00 -26.51 6.54
N THR C 214 -11.35 -25.38 6.30
CA THR C 214 -9.90 -25.37 6.05
C THR C 214 -9.11 -25.84 7.28
N ASP C 215 -9.70 -25.74 8.46
CA ASP C 215 -9.06 -26.34 9.65
C ASP C 215 -9.28 -27.85 9.66
N GLY C 216 -10.54 -28.28 9.62
CA GLY C 216 -10.85 -29.69 9.81
C GLY C 216 -10.26 -30.59 8.75
N TRP C 217 -10.41 -30.22 7.49
CA TRP C 217 -10.05 -31.11 6.40
C TRP C 217 -8.70 -30.80 5.77
N MET C 218 -8.10 -29.63 6.04
CA MET C 218 -6.80 -29.30 5.45
C MET C 218 -5.71 -29.13 6.50
N GLY C 219 -5.88 -28.20 7.45
CA GLY C 219 -4.84 -27.91 8.42
C GLY C 219 -4.59 -29.05 9.39
N SER C 220 -5.63 -29.41 10.16
CA SER C 220 -5.50 -30.49 11.12
C SER C 220 -5.22 -31.81 10.43
N PHE C 221 -5.85 -32.04 9.28
CA PHE C 221 -5.65 -33.30 8.56
C PHE C 221 -4.21 -33.45 8.09
N MET C 222 -3.68 -32.41 7.46
CA MET C 222 -2.30 -32.46 6.97
C MET C 222 -1.31 -32.52 8.12
N GLY C 223 -1.58 -31.78 9.20
CA GLY C 223 -0.71 -31.87 10.36
C GLY C 223 -0.64 -33.28 10.90
N THR C 224 -1.80 -33.92 11.05
CA THR C 224 -1.84 -35.29 11.56
C THR C 224 -1.12 -36.26 10.63
N GLU C 225 -1.41 -36.21 9.33
CA GLU C 225 -0.84 -37.20 8.42
C GLU C 225 0.67 -37.01 8.25
N PHE C 226 1.14 -35.76 8.20
CA PHE C 226 2.57 -35.51 8.09
C PHE C 226 3.28 -35.89 9.39
N SER C 227 2.62 -35.67 10.55
CA SER C 227 3.18 -36.13 11.81
C SER C 227 3.30 -37.65 11.82
N ASP C 228 2.31 -38.35 11.29
CA ASP C 228 2.43 -39.79 11.15
C ASP C 228 3.60 -40.17 10.26
N ILE C 229 3.76 -39.46 9.13
CA ILE C 229 4.84 -39.78 8.20
C ILE C 229 6.20 -39.61 8.87
N MET C 230 6.39 -38.53 9.59
CA MET C 230 7.70 -38.21 10.15
C MET C 230 7.98 -38.97 11.44
N PHE C 231 6.98 -39.14 12.32
CA PHE C 231 7.19 -39.69 13.64
C PHE C 231 6.57 -41.06 13.86
N GLY C 232 5.89 -41.61 12.84
CA GLY C 232 5.31 -42.94 12.97
C GLY C 232 3.82 -42.92 13.22
N THR C 233 3.11 -43.82 12.56
CA THR C 233 1.68 -43.97 12.78
C THR C 233 1.43 -44.58 14.15
N PRO C 234 0.56 -44.01 14.98
CA PRO C 234 0.31 -44.59 16.31
C PRO C 234 -0.30 -45.98 16.22
N HIS C 235 0.08 -46.84 17.15
CA HIS C 235 -0.54 -48.15 17.31
C HIS C 235 -0.88 -48.33 18.79
N SER C 236 -1.65 -49.37 19.08
CA SER C 236 -2.09 -49.59 20.46
C SER C 236 -0.87 -49.72 21.36
N ILE C 237 -0.88 -48.94 22.45
CA ILE C 237 0.27 -48.82 23.34
C ILE C 237 -0.22 -48.50 24.74
N ASP C 238 0.48 -49.00 25.74
CA ASP C 238 0.17 -48.77 27.14
C ASP C 238 0.88 -47.53 27.67
N THR C 239 0.26 -46.88 28.65
CA THR C 239 0.88 -45.73 29.30
C THR C 239 0.23 -45.57 30.68
N GLU C 240 0.71 -44.59 31.43
CA GLU C 240 0.14 -44.22 32.71
C GLU C 240 -0.25 -42.74 32.69
N ALA C 241 -1.28 -42.41 33.46
CA ALA C 241 -1.87 -41.08 33.42
C ALA C 241 -2.05 -40.56 34.85
N ASN C 242 -2.17 -39.23 34.95
CA ASN C 242 -2.39 -38.43 36.15
C ASN C 242 -1.09 -38.09 36.87
N LEU C 243 -1.18 -37.16 37.84
CA LEU C 243 0.02 -36.53 38.41
C LEU C 243 0.91 -37.49 39.16
N GLY C 244 0.42 -38.68 39.50
CA GLY C 244 1.22 -39.66 40.21
C GLY C 244 2.40 -40.16 39.40
N VAL C 245 2.42 -39.91 38.10
CA VAL C 245 3.52 -40.37 37.26
C VAL C 245 4.83 -39.64 37.55
N LEU C 246 4.79 -38.52 38.27
CA LEU C 246 6.01 -37.82 38.64
C LEU C 246 6.82 -38.65 39.63
N GLU C 247 8.14 -38.61 39.52
CA GLU C 247 9.04 -39.37 40.37
C GLU C 247 9.76 -38.41 41.32
N LYS C 248 9.75 -38.74 42.61
CA LYS C 248 10.47 -37.90 43.57
C LYS C 248 11.97 -38.00 43.36
N ASN C 249 12.48 -39.19 43.08
CA ASN C 249 13.92 -39.44 43.02
C ASN C 249 14.50 -39.30 41.62
N SER C 250 13.72 -38.86 40.64
CA SER C 250 14.21 -38.68 39.28
C SER C 250 14.02 -37.24 38.84
N VAL C 251 14.81 -36.84 37.84
CA VAL C 251 14.55 -35.58 37.17
C VAL C 251 13.18 -35.66 36.52
N ASN C 252 12.35 -34.63 36.71
CA ASN C 252 11.01 -34.59 36.13
C ASN C 252 10.97 -33.49 35.07
N VAL C 253 10.74 -33.88 33.84
CA VAL C 253 10.66 -32.97 32.70
C VAL C 253 9.26 -33.08 32.12
N VAL C 254 8.53 -31.99 32.16
CA VAL C 254 7.13 -31.96 31.73
C VAL C 254 7.06 -31.17 30.44
N LEU C 255 6.53 -31.82 29.39
CA LEU C 255 6.37 -31.21 28.07
C LEU C 255 4.93 -30.76 27.93
N HIS C 256 4.71 -29.47 27.74
CA HIS C 256 3.39 -28.86 27.68
C HIS C 256 3.28 -28.09 26.37
N GLY C 257 2.11 -28.13 25.73
CA GLY C 257 1.93 -27.44 24.47
C GLY C 257 1.34 -28.31 23.37
N HIS C 258 1.62 -27.98 22.10
CA HIS C 258 0.96 -28.65 20.99
C HIS C 258 1.87 -29.14 19.87
N GLU C 259 2.99 -28.47 19.62
CA GLU C 259 3.79 -28.79 18.43
C GLU C 259 4.67 -30.03 18.69
N PRO C 260 4.56 -31.08 17.88
CA PRO C 260 5.18 -32.36 18.26
C PRO C 260 6.67 -32.46 17.97
N LEU C 261 7.25 -31.65 17.09
CA LEU C 261 8.66 -31.84 16.75
C LEU C 261 9.55 -31.66 17.97
N LEU C 262 9.29 -30.63 18.78
CA LEU C 262 10.10 -30.40 19.97
C LEU C 262 10.00 -31.56 20.95
N SER C 263 8.80 -32.06 21.20
CA SER C 263 8.63 -33.15 22.17
C SER C 263 9.24 -34.44 21.64
N GLU C 264 9.14 -34.68 20.33
CA GLU C 264 9.81 -35.84 19.73
C GLU C 264 11.32 -35.74 19.93
N MET C 265 11.90 -34.56 19.68
CA MET C 265 13.34 -34.40 19.87
C MET C 265 13.75 -34.51 21.34
N VAL C 266 12.90 -34.04 22.26
CA VAL C 266 13.18 -34.19 23.69
C VAL C 266 13.15 -35.66 24.09
N VAL C 267 12.18 -36.43 23.57
CA VAL C 267 12.14 -37.85 23.87
C VAL C 267 13.40 -38.53 23.36
N GLU C 268 13.83 -38.19 22.14
CA GLU C 268 15.06 -38.76 21.61
C GLU C 268 16.28 -38.35 22.44
N ALA C 269 16.33 -37.09 22.87
CA ALA C 269 17.46 -36.62 23.66
C ALA C 269 17.51 -37.30 25.02
N ALA C 270 16.36 -37.68 25.59
CA ALA C 270 16.36 -38.30 26.91
C ALA C 270 17.11 -39.63 26.94
N SER C 271 17.28 -40.31 25.81
CA SER C 271 18.05 -41.54 25.73
C SER C 271 19.52 -41.28 25.40
N ASP C 272 19.94 -40.03 25.28
CA ASP C 272 21.33 -39.73 25.01
C ASP C 272 22.21 -40.17 26.19
N PRO C 273 23.28 -40.94 25.96
CA PRO C 273 24.09 -41.42 27.09
C PRO C 273 24.67 -40.32 27.94
N GLU C 274 25.08 -39.20 27.34
CA GLU C 274 25.66 -38.13 28.14
C GLU C 274 24.62 -37.52 29.07
N LEU C 275 23.38 -37.34 28.59
CA LEU C 275 22.34 -36.75 29.44
C LEU C 275 21.91 -37.71 30.55
N VAL C 276 21.84 -39.01 30.24
CA VAL C 276 21.52 -39.97 31.29
C VAL C 276 22.61 -39.99 32.35
N GLU C 277 23.88 -39.95 31.93
CA GLU C 277 24.99 -39.88 32.88
C GLU C 277 24.91 -38.59 33.70
N LEU C 278 24.57 -37.46 33.07
CA LEU C 278 24.44 -36.20 33.79
C LEU C 278 23.32 -36.26 34.82
N ALA C 279 22.19 -36.87 34.46
CA ALA C 279 21.10 -37.03 35.42
C ALA C 279 21.55 -37.88 36.61
N LYS C 280 22.32 -38.93 36.36
CA LYS C 280 22.88 -39.72 37.46
C LYS C 280 23.83 -38.89 38.31
N SER C 281 24.62 -38.03 37.68
CA SER C 281 25.64 -37.28 38.42
C SER C 281 25.02 -36.16 39.24
N VAL C 282 23.85 -35.65 38.87
CA VAL C 282 23.22 -34.61 39.67
C VAL C 282 22.43 -35.25 40.81
N GLY C 283 22.53 -36.56 40.96
CA GLY C 283 21.93 -37.23 42.09
C GLY C 283 20.55 -37.81 41.84
N ALA C 284 20.12 -37.89 40.60
CA ALA C 284 18.81 -38.46 40.28
C ALA C 284 18.96 -39.89 39.76
N ASP C 285 17.90 -40.68 39.93
CA ASP C 285 17.89 -42.05 39.41
C ASP C 285 17.88 -42.08 37.89
N GLY C 286 17.19 -41.12 37.27
CA GLY C 286 17.15 -41.08 35.83
C GLY C 286 16.33 -39.88 35.38
N ILE C 287 15.89 -39.92 34.13
CA ILE C 287 15.09 -38.87 33.53
C ILE C 287 13.67 -39.40 33.38
N ASN C 288 12.70 -38.65 33.88
CA ASN C 288 11.29 -39.01 33.80
C ASN C 288 10.61 -37.93 32.99
N LEU C 289 10.33 -38.25 31.72
CA LEU C 289 9.58 -37.37 30.83
C LEU C 289 8.08 -37.63 31.03
N CYS C 290 7.33 -36.56 31.20
CA CYS C 290 5.89 -36.61 31.33
C CYS C 290 5.31 -35.54 30.41
N GLY C 291 4.14 -35.83 29.85
CA GLY C 291 3.52 -34.91 28.91
C GLY C 291 2.23 -34.36 29.44
N MET C 292 1.82 -33.18 28.95
CA MET C 292 0.56 -32.58 29.30
C MET C 292 -0.12 -32.06 28.04
N CYS C 293 -1.45 -32.10 28.04
CA CYS C 293 -2.28 -31.56 26.94
C CYS C 293 -1.88 -32.28 25.65
N CYS C 294 -1.87 -31.57 24.52
CA CYS C 294 -1.78 -32.22 23.20
C CYS C 294 -0.39 -32.73 22.89
N THR C 295 0.66 -32.02 23.31
CA THR C 295 2.00 -32.56 23.09
C THR C 295 2.19 -33.83 23.89
N GLY C 296 1.66 -33.86 25.12
CA GLY C 296 1.63 -35.11 25.86
C GLY C 296 0.84 -36.18 25.13
N ASN C 297 -0.29 -35.80 24.52
CA ASN C 297 -1.05 -36.79 23.74
C ASN C 297 -0.23 -37.35 22.59
N GLU C 298 0.50 -36.49 21.86
CA GLU C 298 1.29 -36.96 20.72
C GLU C 298 2.38 -37.93 21.16
N VAL C 299 3.19 -37.52 22.14
CA VAL C 299 4.31 -38.39 22.55
C VAL C 299 3.78 -39.64 23.22
N SER C 300 2.60 -39.58 23.85
CA SER C 300 2.01 -40.77 24.45
C SER C 300 1.43 -41.72 23.41
N MET C 301 0.80 -41.18 22.37
CA MET C 301 0.28 -42.01 21.29
C MET C 301 1.40 -42.74 20.57
N ARG C 302 2.54 -42.07 20.39
CA ARG C 302 3.61 -42.65 19.58
C ARG C 302 4.70 -43.37 20.38
N HIS C 303 4.85 -43.10 21.67
CA HIS C 303 5.91 -43.70 22.43
C HIS C 303 5.50 -44.17 23.82
N GLY C 304 4.26 -43.96 24.23
CA GLY C 304 3.85 -44.36 25.57
C GLY C 304 4.36 -43.46 26.68
N ILE C 305 4.73 -42.22 26.35
CA ILE C 305 5.16 -41.27 27.38
C ILE C 305 4.02 -41.05 28.35
N LYS C 306 4.31 -41.08 29.64
CA LYS C 306 3.27 -40.91 30.66
C LYS C 306 2.64 -39.51 30.57
N ILE C 307 1.33 -39.45 30.80
CA ILE C 307 0.59 -38.20 30.71
C ILE C 307 0.41 -37.66 32.13
N ALA C 308 0.96 -36.48 32.39
CA ALA C 308 0.87 -35.91 33.73
C ALA C 308 -0.52 -35.33 34.00
N GLY C 309 -1.16 -34.72 33.01
CA GLY C 309 -2.49 -34.16 33.19
C GLY C 309 -2.91 -33.27 32.04
N ASN C 310 -4.20 -32.88 32.05
CA ASN C 310 -4.80 -32.04 31.01
C ASN C 310 -4.74 -30.56 31.42
N PHE C 311 -5.50 -29.72 30.70
CA PHE C 311 -5.36 -28.26 30.75
C PHE C 311 -5.38 -27.73 32.18
N MET C 312 -6.48 -27.88 32.90
CA MET C 312 -6.60 -27.21 34.20
C MET C 312 -5.74 -27.88 35.28
N GLN C 313 -4.93 -28.88 34.96
CA GLN C 313 -3.97 -29.44 35.91
C GLN C 313 -2.57 -28.89 35.76
N GLN C 314 -2.29 -28.12 34.71
CA GLN C 314 -0.90 -27.73 34.45
C GLN C 314 -0.29 -27.05 35.67
N GLU C 315 -0.97 -26.06 36.24
CA GLU C 315 -0.43 -25.40 37.43
C GLU C 315 -0.14 -26.38 38.56
N LEU C 316 -1.08 -27.32 38.79
CA LEU C 316 -0.90 -28.27 39.88
C LEU C 316 0.31 -29.14 39.67
N ALA C 317 0.70 -29.37 38.41
CA ALA C 317 1.94 -30.12 38.20
C ALA C 317 3.11 -29.43 38.88
N VAL C 318 3.18 -28.09 38.77
CA VAL C 318 4.24 -27.34 39.46
C VAL C 318 4.03 -27.36 40.97
N VAL C 319 2.78 -27.43 41.42
CA VAL C 319 2.49 -27.34 42.86
C VAL C 319 3.10 -28.53 43.61
N THR C 320 3.29 -29.67 42.92
CA THR C 320 3.94 -30.83 43.53
C THR C 320 5.33 -30.49 44.05
N GLY C 321 5.99 -29.51 43.45
CA GLY C 321 7.36 -29.21 43.79
C GLY C 321 8.39 -30.15 43.23
N ALA C 322 8.00 -31.02 42.29
CA ALA C 322 8.90 -32.03 41.75
C ALA C 322 9.26 -31.81 40.27
N VAL C 323 8.65 -30.83 39.60
CA VAL C 323 8.92 -30.56 38.19
C VAL C 323 10.23 -29.78 38.09
N ASP C 324 11.29 -30.45 37.64
CA ASP C 324 12.57 -29.79 37.44
C ASP C 324 12.59 -28.94 36.18
N GLY C 325 11.91 -29.37 35.14
CA GLY C 325 11.81 -28.56 33.95
C GLY C 325 10.41 -28.63 33.35
N LEU C 326 9.90 -27.48 32.92
CA LEU C 326 8.61 -27.39 32.27
C LEU C 326 8.84 -26.70 30.93
N ILE C 327 8.85 -27.48 29.85
CA ILE C 327 9.19 -27.03 28.52
C ILE C 327 7.89 -26.87 27.74
N VAL C 328 7.62 -25.66 27.27
CA VAL C 328 6.37 -25.34 26.59
C VAL C 328 6.64 -24.77 25.21
N ASP C 329 5.79 -25.11 24.23
CA ASP C 329 5.94 -24.49 22.91
C ASP C 329 4.88 -23.41 22.61
N VAL C 330 3.60 -23.76 22.45
CA VAL C 330 2.57 -22.80 22.03
C VAL C 330 1.21 -23.36 22.47
N GLN C 331 0.23 -22.47 22.70
CA GLN C 331 -1.19 -22.77 22.82
C GLN C 331 -1.53 -23.42 24.17
N CYS C 332 -2.56 -22.91 24.85
CA CYS C 332 -3.09 -23.50 26.10
C CYS C 332 -2.03 -23.58 27.20
N ILE C 333 -1.07 -22.66 27.17
CA ILE C 333 -0.03 -22.55 28.19
C ILE C 333 -0.45 -21.36 29.05
N MET C 334 -0.99 -21.63 30.23
CA MET C 334 -1.43 -20.55 31.10
C MET C 334 -0.24 -19.64 31.42
N PRO C 335 -0.32 -18.34 31.11
CA PRO C 335 0.82 -17.45 31.44
C PRO C 335 1.08 -17.38 32.93
N ALA C 336 0.09 -17.65 33.76
CA ALA C 336 0.29 -17.63 35.20
C ALA C 336 1.40 -18.59 35.63
N LEU C 337 1.70 -19.62 34.83
CA LEU C 337 2.81 -20.51 35.15
C LEU C 337 4.10 -19.73 35.42
N ALA C 338 4.36 -18.69 34.64
CA ALA C 338 5.57 -17.90 34.85
C ALA C 338 5.64 -17.38 36.28
N LYS C 339 4.54 -16.81 36.78
CA LYS C 339 4.50 -16.39 38.17
C LYS C 339 4.64 -17.58 39.11
N LEU C 340 3.91 -18.66 38.83
CA LEU C 340 3.83 -19.77 39.77
C LEU C 340 5.19 -20.43 39.97
N SER C 341 5.97 -20.59 38.91
CA SER C 341 7.28 -21.23 38.98
C SER C 341 8.27 -20.45 39.85
N LYS C 342 7.98 -19.18 40.15
CA LYS C 342 8.82 -18.41 41.06
C LYS C 342 8.75 -18.98 42.48
N SER C 343 7.63 -19.57 42.86
CA SER C 343 7.43 -20.13 44.19
C SER C 343 8.09 -21.51 44.34
N TYR C 344 8.67 -22.05 43.29
CA TYR C 344 9.35 -23.34 43.33
C TYR C 344 10.67 -23.19 42.57
N HIS C 345 11.41 -24.28 42.49
CA HIS C 345 12.69 -24.29 41.77
C HIS C 345 12.49 -24.46 40.26
N THR C 346 11.25 -24.68 39.81
CA THR C 346 11.01 -25.08 38.43
C THR C 346 11.53 -24.08 37.41
N LYS C 347 12.21 -24.60 36.39
CA LYS C 347 12.59 -23.82 35.21
C LYS C 347 11.43 -23.88 34.22
N PHE C 348 10.80 -22.74 34.00
CA PHE C 348 9.72 -22.60 33.03
C PHE C 348 10.34 -22.11 31.73
N ILE C 349 10.44 -23.00 30.74
CA ILE C 349 11.23 -22.74 29.53
C ILE C 349 10.28 -22.59 28.34
N THR C 350 10.24 -21.40 27.76
CA THR C 350 9.58 -21.18 26.48
C THR C 350 10.58 -21.43 25.36
N THR C 351 10.09 -21.99 24.25
CA THR C 351 10.96 -22.41 23.15
C THR C 351 10.53 -21.89 21.78
N SER C 352 9.38 -21.26 21.65
CA SER C 352 8.85 -20.88 20.36
C SER C 352 8.79 -19.37 20.22
N PRO C 353 9.24 -18.80 19.10
CA PRO C 353 9.05 -17.35 18.89
C PRO C 353 7.59 -16.96 18.81
N LYS C 354 6.68 -17.89 18.50
CA LYS C 354 5.27 -17.55 18.48
C LYS C 354 4.69 -17.30 19.88
N ALA C 355 5.28 -17.88 20.93
CA ALA C 355 4.75 -17.83 22.29
C ALA C 355 5.87 -17.38 23.23
N HIS C 356 6.08 -16.08 23.34
CA HIS C 356 6.92 -15.52 24.38
C HIS C 356 6.07 -15.28 25.62
N ILE C 357 6.60 -15.64 26.78
CA ILE C 357 5.92 -15.40 28.05
C ILE C 357 6.89 -14.64 28.95
N THR C 358 6.43 -13.49 29.45
CA THR C 358 7.29 -12.64 30.26
C THR C 358 7.70 -13.37 31.53
N ASP C 359 8.96 -13.18 31.93
CA ASP C 359 9.59 -13.75 33.11
C ASP C 359 9.80 -15.26 33.04
N SER C 360 9.65 -15.87 31.87
CA SER C 360 10.04 -17.25 31.65
C SER C 360 11.42 -17.26 31.02
N ILE C 361 12.10 -18.41 31.09
CA ILE C 361 13.41 -18.59 30.49
C ILE C 361 13.21 -18.99 29.03
N TYR C 362 13.72 -18.17 28.12
CA TYR C 362 13.50 -18.39 26.70
C TYR C 362 14.73 -19.07 26.09
N MET C 363 14.53 -20.27 25.56
CA MET C 363 15.55 -21.05 24.85
C MET C 363 14.94 -21.44 23.52
N GLU C 364 15.20 -20.65 22.48
CA GLU C 364 14.54 -20.86 21.21
C GLU C 364 14.87 -22.23 20.63
N PHE C 365 13.83 -23.01 20.34
CA PHE C 365 14.03 -24.32 19.73
C PHE C 365 14.44 -24.14 18.27
N ASP C 366 15.64 -24.60 17.93
CA ASP C 366 16.23 -24.42 16.60
C ASP C 366 15.78 -25.58 15.71
N GLU C 367 14.89 -25.29 14.76
CA GLU C 367 14.41 -26.31 13.83
C GLU C 367 15.50 -26.78 12.88
N GLU C 368 16.53 -25.98 12.65
CA GLU C 368 17.63 -26.38 11.77
C GLU C 368 18.45 -27.50 12.40
N ASN C 369 18.66 -27.46 13.71
CA ASN C 369 19.36 -28.53 14.42
C ASN C 369 18.47 -28.97 15.57
N PRO C 370 17.35 -29.65 15.26
CA PRO C 370 16.37 -29.94 16.34
C PRO C 370 16.94 -30.77 17.48
N LEU C 371 17.75 -31.78 17.18
CA LEU C 371 18.21 -32.69 18.23
C LEU C 371 19.18 -31.99 19.18
N ASP C 372 20.13 -31.22 18.64
CA ASP C 372 21.07 -30.50 19.49
C ASP C 372 20.37 -29.45 20.33
N SER C 373 19.42 -28.74 19.74
CA SER C 373 18.66 -27.75 20.49
C SER C 373 17.87 -28.40 21.62
N ALA C 374 17.21 -29.52 21.33
CA ALA C 374 16.47 -30.25 22.36
C ALA C 374 17.40 -30.74 23.46
N LYS C 375 18.60 -31.20 23.09
CA LYS C 375 19.57 -31.66 24.09
C LYS C 375 20.00 -30.52 25.00
N LYS C 376 20.21 -29.32 24.46
CA LYS C 376 20.57 -28.18 25.30
C LYS C 376 19.44 -27.84 26.29
N ILE C 377 18.21 -27.80 25.80
CA ILE C 377 17.06 -27.49 26.67
C ILE C 377 16.92 -28.54 27.77
N LEU C 378 17.04 -29.82 27.40
CA LEU C 378 16.92 -30.91 28.35
C LEU C 378 18.05 -30.88 29.37
N LYS C 379 19.23 -30.48 28.96
CA LYS C 379 20.36 -30.35 29.89
C LYS C 379 20.07 -29.27 30.92
N GLU C 380 19.48 -28.16 30.49
CA GLU C 380 19.07 -27.15 31.49
C GLU C 380 18.10 -27.74 32.50
N ALA C 381 17.09 -28.47 32.01
CA ALA C 381 16.13 -29.09 32.94
C ALA C 381 16.81 -30.06 33.91
N ILE C 382 17.74 -30.88 33.41
CA ILE C 382 18.43 -31.88 34.24
C ILE C 382 19.29 -31.19 35.30
N LEU C 383 20.03 -30.15 34.90
CA LEU C 383 20.87 -29.45 35.86
C LEU C 383 20.03 -28.77 36.93
N ASN C 384 18.79 -28.40 36.62
CA ASN C 384 17.94 -27.81 37.66
C ASN C 384 17.59 -28.79 38.79
N PHE C 385 17.82 -30.09 38.64
CA PHE C 385 17.48 -31.06 39.68
C PHE C 385 18.24 -30.78 40.98
N LYS C 386 19.41 -30.16 40.88
CA LYS C 386 20.18 -29.82 42.08
C LYS C 386 19.48 -28.79 42.95
N ASN C 387 18.58 -28.00 42.37
CA ASN C 387 17.83 -26.98 43.08
C ASN C 387 16.54 -27.52 43.67
N ARG C 388 16.28 -28.82 43.54
CA ARG C 388 15.08 -29.42 44.11
C ARG C 388 15.11 -29.28 45.63
N ASP C 389 13.96 -28.91 46.19
CA ASP C 389 13.78 -28.88 47.64
C ASP C 389 12.86 -30.05 47.95
N GLN C 390 13.44 -31.16 48.43
CA GLN C 390 12.65 -32.37 48.65
C GLN C 390 11.67 -32.21 49.82
N SER C 391 11.86 -31.24 50.71
CA SER C 391 10.92 -30.99 51.79
C SER C 391 9.63 -30.35 51.28
N LYS C 392 9.64 -29.72 50.12
CA LYS C 392 8.46 -29.13 49.51
C LYS C 392 7.76 -30.06 48.51
N VAL C 393 8.23 -31.30 48.38
CA VAL C 393 7.74 -32.20 47.36
C VAL C 393 6.57 -33.00 47.93
N MET C 394 5.48 -33.03 47.17
CA MET C 394 4.35 -33.89 47.49
C MET C 394 3.76 -34.36 46.16
N ILE C 395 3.96 -35.63 45.85
CA ILE C 395 3.43 -36.26 44.65
C ILE C 395 2.30 -37.20 45.07
N PRO C 396 1.05 -36.97 44.66
CA PRO C 396 -0.02 -37.92 45.02
C PRO C 396 0.28 -39.30 44.46
N GLU C 397 -0.03 -40.33 45.28
CA GLU C 397 0.11 -41.71 44.82
C GLU C 397 -1.12 -42.13 44.02
N LEU C 398 -1.46 -41.35 42.99
CA LEU C 398 -2.65 -41.58 42.18
C LEU C 398 -2.28 -41.49 40.70
N LYS C 399 -2.21 -42.64 40.06
CA LYS C 399 -1.99 -42.74 38.61
C LYS C 399 -2.78 -43.93 38.10
N CYS C 400 -3.10 -43.91 36.81
CA CYS C 400 -3.98 -44.90 36.24
C CYS C 400 -3.43 -45.43 34.93
N LYS C 401 -3.59 -46.74 34.71
CA LYS C 401 -3.16 -47.35 33.45
C LYS C 401 -4.11 -46.98 32.33
N ALA C 402 -3.55 -46.72 31.16
CA ALA C 402 -4.33 -46.34 30.00
C ALA C 402 -3.78 -47.02 28.77
N ILE C 403 -4.65 -47.24 27.79
CA ILE C 403 -4.29 -47.78 26.49
C ILE C 403 -4.73 -46.77 25.45
N LEU C 404 -3.86 -46.48 24.49
CA LEU C 404 -4.14 -45.45 23.50
C LEU C 404 -3.46 -45.86 22.20
N GLY C 405 -3.31 -44.91 21.27
CA GLY C 405 -2.70 -45.21 19.99
C GLY C 405 -3.66 -45.65 18.91
N TYR C 406 -4.94 -45.34 19.03
CA TYR C 406 -5.95 -45.81 18.08
C TYR C 406 -6.10 -44.84 16.92
N SER C 407 -5.10 -44.87 16.03
CA SER C 407 -5.25 -44.23 14.73
C SER C 407 -6.24 -45.05 13.90
N VAL C 408 -6.67 -44.46 12.78
CA VAL C 408 -7.56 -45.15 11.86
C VAL C 408 -6.92 -46.45 11.38
N GLU C 409 -5.62 -46.41 11.10
CA GLU C 409 -4.91 -47.61 10.68
C GLU C 409 -4.93 -48.67 11.78
N GLU C 410 -4.70 -48.26 13.03
CA GLU C 410 -4.72 -49.21 14.13
C GLU C 410 -6.12 -49.78 14.34
N ILE C 411 -7.15 -48.94 14.21
CA ILE C 411 -8.53 -49.41 14.35
C ILE C 411 -8.86 -50.43 13.26
N ILE C 412 -8.42 -50.17 12.03
CA ILE C 412 -8.66 -51.11 10.93
C ILE C 412 -7.93 -52.42 11.20
N ASN C 413 -6.69 -52.35 11.69
CA ASN C 413 -5.96 -53.56 12.03
C ASN C 413 -6.69 -54.37 13.10
N LYS C 414 -7.23 -53.70 14.12
CA LYS C 414 -8.00 -54.39 15.15
C LYS C 414 -9.27 -55.02 14.57
N LEU C 415 -9.96 -54.30 13.68
CA LEU C 415 -11.18 -54.80 13.08
C LEU C 415 -10.92 -56.01 12.19
N ASP C 416 -9.71 -56.14 11.66
CA ASP C 416 -9.39 -57.32 10.85
C ASP C 416 -9.56 -58.63 11.64
N LYS C 417 -9.51 -58.57 12.97
CA LYS C 417 -9.63 -59.78 13.78
C LYS C 417 -10.99 -60.44 13.59
N VAL C 418 -12.05 -59.66 13.45
CA VAL C 418 -13.41 -60.18 13.37
C VAL C 418 -13.87 -60.37 11.91
N VAL C 419 -12.93 -60.40 10.96
CA VAL C 419 -13.26 -60.61 9.55
C VAL C 419 -13.05 -62.09 9.24
N ASN C 420 -14.10 -62.74 8.74
CA ASN C 420 -13.95 -64.12 8.28
C ASN C 420 -13.05 -64.13 7.05
N THR C 421 -11.99 -64.94 7.10
CA THR C 421 -11.00 -64.94 6.02
C THR C 421 -11.63 -65.37 4.71
N GLN C 422 -12.57 -66.32 4.74
CA GLN C 422 -13.22 -66.80 3.53
C GLN C 422 -14.18 -65.78 2.93
N ILE C 423 -14.52 -64.71 3.65
CA ILE C 423 -15.43 -63.68 3.16
C ILE C 423 -14.68 -62.40 2.79
N GLY C 424 -14.02 -61.79 3.76
CA GLY C 424 -13.33 -60.54 3.53
C GLY C 424 -14.29 -59.39 3.32
N PRO C 425 -13.78 -58.25 2.84
CA PRO C 425 -12.37 -57.94 2.54
C PRO C 425 -11.61 -57.59 3.82
N MET C 426 -10.28 -57.57 3.76
CA MET C 426 -9.47 -57.16 4.87
C MET C 426 -9.10 -55.68 4.74
N GLN C 427 -8.64 -55.10 5.85
CA GLN C 427 -8.13 -53.74 5.88
C GLN C 427 -9.17 -52.70 5.42
N THR C 428 -10.38 -52.82 5.93
CA THR C 428 -11.44 -51.86 5.70
C THR C 428 -12.13 -51.54 7.02
N VAL C 429 -13.04 -50.58 6.99
CA VAL C 429 -13.83 -50.22 8.17
C VAL C 429 -15.13 -51.01 8.13
N LYS C 430 -15.18 -52.02 7.24
CA LYS C 430 -16.42 -52.76 7.06
C LYS C 430 -16.96 -53.42 8.33
N PRO C 431 -16.15 -54.05 9.19
CA PRO C 431 -16.73 -54.59 10.44
C PRO C 431 -17.42 -53.52 11.29
N LEU C 432 -16.84 -52.32 11.37
CA LEU C 432 -17.46 -51.22 12.12
C LEU C 432 -18.76 -50.78 11.46
N ALA C 433 -18.77 -50.68 10.13
CA ALA C 433 -19.99 -50.34 9.42
C ALA C 433 -21.05 -51.41 9.66
N ASP C 434 -20.65 -52.69 9.71
CA ASP C 434 -21.59 -53.77 9.94
C ASP C 434 -22.21 -53.70 11.33
N VAL C 435 -21.39 -53.47 12.36
CA VAL C 435 -21.94 -53.42 13.71
C VAL C 435 -22.85 -52.19 13.86
N LEU C 436 -22.52 -51.08 13.19
CA LEU C 436 -23.38 -49.90 13.25
C LEU C 436 -24.70 -50.14 12.50
N VAL C 437 -24.64 -50.76 11.32
CA VAL C 437 -25.86 -50.97 10.55
C VAL C 437 -26.77 -51.98 11.24
N SER C 438 -26.20 -53.07 11.77
CA SER C 438 -27.04 -54.08 12.40
C SER C 438 -27.70 -53.57 13.68
N GLY C 439 -27.19 -52.51 14.30
CA GLY C 439 -27.75 -52.03 15.53
C GLY C 439 -27.12 -52.60 16.78
N VAL C 440 -26.12 -53.48 16.65
CA VAL C 440 -25.39 -53.95 17.82
C VAL C 440 -24.74 -52.76 18.51
N LEU C 441 -24.17 -51.85 17.74
CA LEU C 441 -23.77 -50.54 18.22
C LEU C 441 -24.80 -49.51 17.74
N ARG C 442 -25.29 -48.70 18.68
CA ARG C 442 -26.28 -47.68 18.34
C ARG C 442 -25.64 -46.53 17.56
N GLY C 443 -24.37 -46.23 17.81
CA GLY C 443 -23.69 -45.18 17.09
C GLY C 443 -22.28 -44.99 17.63
N ALA C 444 -21.64 -43.94 17.11
CA ALA C 444 -20.29 -43.55 17.54
C ALA C 444 -20.31 -42.06 17.90
N ALA C 445 -19.64 -41.72 19.00
CA ALA C 445 -19.61 -40.35 19.48
C ALA C 445 -18.18 -39.94 19.78
N ALA C 446 -17.82 -38.73 19.36
CA ALA C 446 -16.51 -38.18 19.62
C ALA C 446 -16.62 -37.23 20.79
N VAL C 447 -15.82 -37.44 21.83
CA VAL C 447 -15.76 -36.59 23.01
C VAL C 447 -14.42 -35.88 22.96
N VAL C 448 -14.45 -34.55 22.84
CA VAL C 448 -13.29 -33.70 22.60
C VAL C 448 -13.43 -32.47 23.48
N GLY C 449 -12.36 -31.69 23.58
CA GLY C 449 -12.46 -30.39 24.21
C GLY C 449 -11.59 -30.27 25.45
N CYS C 450 -11.65 -29.09 26.04
CA CYS C 450 -10.80 -28.69 27.14
C CYS C 450 -11.50 -28.87 28.48
N ASN C 451 -10.93 -28.30 29.53
CA ASN C 451 -11.60 -28.06 30.79
C ASN C 451 -12.05 -26.60 30.80
N ASN C 452 -12.86 -26.24 31.77
CA ASN C 452 -13.34 -24.88 31.91
C ASN C 452 -13.73 -24.69 33.37
N PRO C 453 -13.25 -23.65 34.06
CA PRO C 453 -13.62 -23.48 35.48
C PRO C 453 -15.12 -23.35 35.69
N LYS C 454 -15.88 -23.01 34.65
CA LYS C 454 -17.33 -22.98 34.77
C LYS C 454 -17.95 -24.36 35.03
N VAL C 455 -17.24 -25.45 34.73
CA VAL C 455 -17.72 -26.81 34.97
C VAL C 455 -16.75 -27.48 35.95
N VAL C 456 -17.29 -28.29 36.86
CA VAL C 456 -16.49 -29.10 37.77
C VAL C 456 -15.54 -29.91 36.90
N GLN C 457 -14.24 -29.74 37.12
CA GLN C 457 -13.24 -30.23 36.18
C GLN C 457 -13.32 -31.74 35.99
N ASP C 458 -13.44 -32.16 34.72
CA ASP C 458 -13.52 -33.54 34.27
C ASP C 458 -14.88 -34.20 34.56
N SER C 459 -15.76 -33.52 35.30
CA SER C 459 -17.05 -34.14 35.64
C SER C 459 -17.88 -34.38 34.38
N ALA C 460 -18.03 -33.36 33.54
CA ALA C 460 -18.87 -33.48 32.35
C ALA C 460 -18.27 -34.50 31.38
N HIS C 461 -16.95 -34.48 31.17
CA HIS C 461 -16.32 -35.48 30.30
C HIS C 461 -16.66 -36.90 30.76
N ILE C 462 -16.43 -37.19 32.03
CA ILE C 462 -16.62 -38.55 32.53
C ILE C 462 -18.08 -38.97 32.47
N GLU C 463 -18.99 -38.08 32.91
CA GLU C 463 -20.41 -38.42 32.90
C GLU C 463 -20.92 -38.64 31.47
N THR C 464 -20.52 -37.77 30.54
CA THR C 464 -20.94 -37.94 29.15
C THR C 464 -20.43 -39.26 28.58
N ILE C 465 -19.16 -39.58 28.83
CA ILE C 465 -18.57 -40.80 28.27
C ILE C 465 -19.24 -42.04 28.84
N LYS C 466 -19.44 -42.06 30.16
CA LYS C 466 -20.06 -43.22 30.79
C LYS C 466 -21.49 -43.42 30.31
N GLY C 467 -22.26 -42.33 30.20
CA GLY C 467 -23.60 -42.45 29.67
C GLY C 467 -23.61 -42.98 28.25
N LEU C 468 -22.73 -42.47 27.40
CA LEU C 468 -22.72 -42.91 26.01
C LEU C 468 -22.36 -44.39 25.90
N ILE C 469 -21.32 -44.83 26.60
CA ILE C 469 -20.93 -46.24 26.45
C ILE C 469 -21.96 -47.16 27.13
N LYS C 470 -22.62 -46.68 28.18
CA LYS C 470 -23.70 -47.47 28.76
C LYS C 470 -24.84 -47.67 27.76
N ASN C 471 -25.07 -46.70 26.86
CA ASN C 471 -26.10 -46.78 25.83
C ASN C 471 -25.61 -47.43 24.53
N ASP C 472 -24.56 -48.25 24.60
CA ASP C 472 -24.00 -48.93 23.42
C ASP C 472 -23.63 -47.93 22.32
N VAL C 473 -23.06 -46.79 22.72
CA VAL C 473 -22.46 -45.87 21.78
C VAL C 473 -20.96 -45.95 22.00
N ILE C 474 -20.22 -46.36 20.97
CA ILE C 474 -18.78 -46.42 21.08
C ILE C 474 -18.24 -44.99 21.05
N VAL C 475 -17.25 -44.71 21.89
CA VAL C 475 -16.75 -43.35 22.10
C VAL C 475 -15.30 -43.29 21.65
N VAL C 476 -14.99 -42.29 20.83
CA VAL C 476 -13.61 -41.92 20.50
C VAL C 476 -13.31 -40.58 21.17
N VAL C 477 -12.11 -40.46 21.77
CA VAL C 477 -11.78 -39.30 22.57
C VAL C 477 -10.49 -38.67 22.07
N THR C 478 -10.42 -37.34 22.18
CA THR C 478 -9.20 -36.61 21.85
C THR C 478 -8.92 -35.55 22.92
N GLY C 479 -7.66 -35.15 23.00
CA GLY C 479 -7.30 -33.98 23.79
C GLY C 479 -7.49 -34.14 25.29
N CYS C 480 -7.91 -33.04 25.91
CA CYS C 480 -8.06 -33.03 27.36
C CYS C 480 -9.19 -33.95 27.83
N ALA C 481 -10.23 -34.13 27.01
CA ALA C 481 -11.25 -35.14 27.30
C ALA C 481 -10.66 -36.54 27.32
N ALA C 482 -9.79 -36.85 26.35
CA ALA C 482 -9.12 -38.14 26.34
C ALA C 482 -8.26 -38.31 27.58
N GLN C 483 -7.60 -37.24 28.00
CA GLN C 483 -6.77 -37.33 29.21
C GLN C 483 -7.62 -37.47 30.46
N ALA C 484 -8.81 -36.85 30.51
CA ALA C 484 -9.72 -37.08 31.62
C ALA C 484 -10.16 -38.54 31.67
N ALA C 485 -10.47 -39.11 30.51
CA ALA C 485 -10.81 -40.54 30.44
C ALA C 485 -9.63 -41.40 30.90
N ALA C 486 -8.40 -41.03 30.51
CA ALA C 486 -7.23 -41.78 30.93
C ALA C 486 -7.05 -41.75 32.44
N LYS C 487 -7.18 -40.56 33.03
CA LYS C 487 -7.02 -40.45 34.48
C LYS C 487 -8.09 -41.24 35.20
N TYR C 488 -9.31 -41.20 34.69
CA TYR C 488 -10.40 -41.89 35.37
C TYR C 488 -10.29 -43.40 35.30
N GLY C 489 -9.72 -43.95 34.23
CA GLY C 489 -9.61 -45.39 34.05
C GLY C 489 -10.49 -45.97 32.97
N LEU C 490 -11.07 -45.15 32.10
CA LEU C 490 -11.92 -45.64 31.03
C LEU C 490 -11.13 -46.24 29.87
N LEU C 491 -9.87 -45.86 29.70
CA LEU C 491 -9.01 -46.34 28.62
C LEU C 491 -8.42 -47.69 29.01
N GLN C 492 -9.27 -48.64 29.37
CA GLN C 492 -8.86 -49.97 29.80
C GLN C 492 -9.82 -51.00 29.21
N LYS C 493 -9.28 -52.17 28.88
CA LYS C 493 -10.13 -53.24 28.35
C LYS C 493 -11.14 -53.67 29.40
N GLU C 494 -10.72 -53.74 30.66
CA GLU C 494 -11.64 -54.07 31.76
C GLU C 494 -12.84 -53.11 31.79
N ALA C 495 -12.62 -51.85 31.41
CA ALA C 495 -13.72 -50.91 31.42
C ALA C 495 -14.91 -51.40 30.59
N ALA C 496 -14.66 -52.21 29.55
CA ALA C 496 -15.77 -52.71 28.75
C ALA C 496 -16.80 -53.45 29.61
N GLU C 497 -16.34 -54.34 30.50
CA GLU C 497 -17.28 -55.06 31.33
C GLU C 497 -17.72 -54.26 32.55
N LYS C 498 -17.13 -53.10 32.79
CA LYS C 498 -17.51 -52.33 33.96
C LYS C 498 -18.51 -51.22 33.65
N TYR C 499 -18.50 -50.68 32.44
CA TYR C 499 -19.31 -49.50 32.13
C TYR C 499 -20.18 -49.66 30.89
N ALA C 500 -19.74 -50.46 29.92
CA ALA C 500 -20.41 -50.52 28.64
C ALA C 500 -21.71 -51.31 28.71
N GLY C 501 -22.62 -51.02 27.78
CA GLY C 501 -23.84 -51.78 27.63
C GLY C 501 -23.56 -53.11 26.94
N PRO C 502 -24.61 -53.92 26.76
CA PRO C 502 -24.39 -55.28 26.22
C PRO C 502 -23.76 -55.32 24.84
N GLY C 503 -24.29 -54.54 23.88
CA GLY C 503 -23.75 -54.57 22.54
C GLY C 503 -22.32 -54.08 22.47
N LEU C 504 -22.02 -52.98 23.14
CA LEU C 504 -20.66 -52.45 23.15
C LEU C 504 -19.71 -53.39 23.89
N ALA C 505 -20.18 -54.02 24.98
CA ALA C 505 -19.34 -54.99 25.68
C ALA C 505 -19.01 -56.18 24.78
N THR C 506 -19.99 -56.68 24.03
CA THR C 506 -19.73 -57.75 23.08
C THR C 506 -18.73 -57.31 22.01
N VAL C 507 -18.91 -56.11 21.47
CA VAL C 507 -17.99 -55.62 20.44
C VAL C 507 -16.58 -55.51 21.00
N CYS C 508 -16.44 -54.96 22.21
CA CYS C 508 -15.12 -54.81 22.81
C CYS C 508 -14.47 -56.16 23.05
N LYS C 509 -15.24 -57.14 23.51
CA LYS C 509 -14.69 -58.47 23.70
C LYS C 509 -14.24 -59.10 22.39
N LEU C 510 -15.05 -58.96 21.34
CA LEU C 510 -14.71 -59.56 20.05
C LEU C 510 -13.49 -58.90 19.42
N VAL C 511 -13.40 -57.58 19.46
CA VAL C 511 -12.29 -56.86 18.82
C VAL C 511 -11.12 -56.68 19.76
N ASP C 512 -11.29 -56.92 21.06
CA ASP C 512 -10.22 -56.76 22.05
C ASP C 512 -9.75 -55.30 22.11
N ILE C 513 -10.68 -54.40 22.35
CA ILE C 513 -10.42 -52.97 22.47
C ILE C 513 -11.14 -52.45 23.70
N PRO C 514 -10.66 -51.34 24.28
CA PRO C 514 -11.45 -50.66 25.31
C PRO C 514 -12.69 -50.03 24.71
N PRO C 515 -13.74 -49.79 25.50
CA PRO C 515 -14.92 -49.11 24.97
C PRO C 515 -14.66 -47.65 24.56
N VAL C 516 -13.56 -47.05 25.02
CA VAL C 516 -13.22 -45.67 24.71
C VAL C 516 -11.88 -45.68 23.99
N LEU C 517 -11.84 -45.12 22.79
CA LEU C 517 -10.66 -45.19 21.94
C LEU C 517 -9.99 -43.82 21.90
N HIS C 518 -8.76 -43.74 22.40
CA HIS C 518 -8.01 -42.49 22.40
C HIS C 518 -7.38 -42.29 21.02
N MET C 519 -7.89 -41.34 20.24
CA MET C 519 -7.41 -41.14 18.88
C MET C 519 -6.37 -40.02 18.77
N GLY C 520 -5.94 -39.42 19.88
CA GLY C 520 -4.80 -38.54 19.86
C GLY C 520 -5.13 -37.12 20.33
N SER C 521 -4.44 -36.15 19.72
CA SER C 521 -4.52 -34.75 20.12
C SER C 521 -5.70 -34.08 19.43
N CYS C 522 -5.79 -32.75 19.59
CA CYS C 522 -6.89 -31.99 19.00
C CYS C 522 -6.82 -32.01 17.48
N VAL C 523 -5.62 -31.85 16.91
CA VAL C 523 -5.50 -31.96 15.46
C VAL C 523 -5.89 -33.36 15.00
N ASP C 524 -5.67 -34.38 15.83
CA ASP C 524 -6.07 -35.75 15.50
C ASP C 524 -7.58 -35.95 15.44
N ILE C 525 -8.36 -34.92 15.78
CA ILE C 525 -9.80 -34.99 15.46
C ILE C 525 -9.98 -35.20 13.96
N SER C 526 -9.01 -34.76 13.16
CA SER C 526 -9.08 -35.05 11.73
C SER C 526 -9.21 -36.55 11.51
N ARG C 527 -8.47 -37.37 12.28
CA ARG C 527 -8.62 -38.82 12.18
C ARG C 527 -10.09 -39.23 12.32
N ILE C 528 -10.79 -38.66 13.30
CA ILE C 528 -12.20 -38.97 13.49
C ILE C 528 -12.97 -38.68 12.21
N LEU C 529 -12.75 -37.48 11.66
CA LEU C 529 -13.37 -37.16 10.36
C LEU C 529 -13.05 -38.25 9.35
N ASP C 530 -11.77 -38.59 9.22
CA ASP C 530 -11.35 -39.64 8.30
C ASP C 530 -12.17 -40.90 8.52
N LEU C 531 -12.22 -41.38 9.77
CA LEU C 531 -12.95 -42.59 10.08
C LEU C 531 -14.41 -42.48 9.63
N VAL C 532 -15.08 -41.40 10.04
CA VAL C 532 -16.48 -41.25 9.68
C VAL C 532 -16.63 -41.24 8.17
N GLY C 533 -15.75 -40.50 7.49
CA GLY C 533 -15.82 -40.44 6.04
C GLY C 533 -15.76 -41.82 5.43
N ARG C 534 -14.80 -42.62 5.90
CA ARG C 534 -14.64 -43.97 5.36
C ARG C 534 -15.93 -44.75 5.54
N VAL C 535 -16.51 -44.69 6.74
CA VAL C 535 -17.77 -45.40 6.97
C VAL C 535 -18.82 -44.93 5.98
N ALA C 536 -18.93 -43.62 5.81
CA ALA C 536 -19.91 -43.08 4.87
C ALA C 536 -19.63 -43.58 3.47
N ASN C 537 -18.38 -43.54 3.04
CA ASN C 537 -18.03 -43.98 1.70
C ASN C 537 -18.28 -45.47 1.54
N LEU C 538 -18.22 -46.23 2.63
CA LEU C 538 -18.50 -47.65 2.51
C LEU C 538 -19.99 -47.90 2.38
N LEU C 539 -20.82 -47.02 2.96
CA LEU C 539 -22.26 -47.19 2.93
C LEU C 539 -22.92 -46.40 1.82
N GLY C 540 -22.16 -45.63 1.04
CA GLY C 540 -22.75 -44.85 -0.04
C GLY C 540 -23.70 -43.78 0.42
N VAL C 541 -23.44 -43.14 1.57
CA VAL C 541 -24.28 -42.09 2.11
C VAL C 541 -23.39 -40.92 2.52
N ASP C 542 -24.02 -39.78 2.78
CA ASP C 542 -23.34 -38.62 3.32
C ASP C 542 -23.12 -38.80 4.82
N MET C 543 -22.15 -38.06 5.36
CA MET C 543 -21.84 -38.18 6.79
C MET C 543 -22.98 -37.73 7.69
N SER C 544 -23.92 -36.92 7.18
CA SER C 544 -25.08 -36.48 7.94
C SER C 544 -26.16 -37.56 8.05
N ASP C 545 -26.05 -38.66 7.31
CA ASP C 545 -27.00 -39.75 7.41
C ASP C 545 -26.63 -40.79 8.48
N LEU C 546 -25.42 -40.69 9.06
CA LEU C 546 -24.94 -41.68 10.01
C LEU C 546 -25.34 -41.34 11.44
N PRO C 547 -25.51 -42.36 12.29
CA PRO C 547 -25.77 -42.10 13.74
C PRO C 547 -24.47 -41.80 14.48
N VAL C 548 -23.92 -40.62 14.21
CA VAL C 548 -22.67 -40.17 14.81
C VAL C 548 -22.93 -38.80 15.43
N ALA C 549 -22.09 -38.44 16.39
CA ALA C 549 -22.22 -37.15 17.06
C ALA C 549 -20.87 -36.75 17.64
N GLY C 550 -20.72 -35.47 17.93
CA GLY C 550 -19.56 -34.97 18.63
C GLY C 550 -20.01 -34.21 19.86
N VAL C 551 -19.20 -34.29 20.91
CA VAL C 551 -19.48 -33.64 22.18
C VAL C 551 -18.25 -32.88 22.65
N ALA C 552 -18.45 -31.67 23.14
CA ALA C 552 -17.40 -30.85 23.77
C ALA C 552 -17.93 -30.45 25.13
N PRO C 553 -17.88 -31.38 26.11
CA PRO C 553 -18.55 -31.11 27.40
C PRO C 553 -18.00 -29.90 28.15
N GLU C 554 -16.70 -29.61 28.05
CA GLU C 554 -16.06 -28.60 28.91
C GLU C 554 -15.11 -27.70 28.12
N TRP C 555 -15.48 -27.33 26.89
CA TRP C 555 -14.58 -26.59 26.01
C TRP C 555 -14.34 -25.16 26.51
N MET C 556 -13.16 -24.61 26.19
CA MET C 556 -12.83 -23.23 26.52
C MET C 556 -12.22 -22.43 25.37
N SER C 557 -11.50 -23.09 24.45
CA SER C 557 -10.63 -22.41 23.50
C SER C 557 -11.35 -22.03 22.22
N GLU C 558 -10.78 -21.06 21.51
CA GLU C 558 -11.25 -20.72 20.17
C GLU C 558 -11.06 -21.91 19.23
N LYS C 559 -10.02 -22.71 19.45
CA LYS C 559 -9.85 -23.93 18.67
C LYS C 559 -11.06 -24.85 18.81
N ALA C 560 -11.63 -24.96 20.01
CA ALA C 560 -12.82 -25.78 20.20
C ALA C 560 -13.99 -25.25 19.39
N VAL C 561 -14.14 -23.93 19.31
CA VAL C 561 -15.21 -23.33 18.51
C VAL C 561 -15.03 -23.70 17.04
N ALA C 562 -13.81 -23.54 16.53
CA ALA C 562 -13.57 -23.90 15.12
C ALA C 562 -13.82 -25.38 14.88
N ILE C 563 -13.44 -26.24 15.83
CA ILE C 563 -13.64 -27.69 15.71
C ILE C 563 -15.11 -28.02 15.63
N GLY C 564 -15.91 -27.50 16.57
CA GLY C 564 -17.33 -27.75 16.54
C GLY C 564 -17.97 -27.25 15.27
N THR C 565 -17.52 -26.09 14.78
CA THR C 565 -18.09 -25.54 13.56
C THR C 565 -17.81 -26.45 12.38
N TYR C 566 -16.56 -26.92 12.22
CA TYR C 566 -16.30 -27.76 11.04
C TYR C 566 -16.89 -29.16 11.21
N VAL C 567 -17.05 -29.65 12.44
CA VAL C 567 -17.71 -30.94 12.64
C VAL C 567 -19.18 -30.84 12.23
N VAL C 568 -19.85 -29.76 12.63
CA VAL C 568 -21.24 -29.55 12.20
C VAL C 568 -21.30 -29.36 10.69
N THR C 569 -20.37 -28.57 10.12
CA THR C 569 -20.39 -28.32 8.68
C THR C 569 -20.13 -29.60 7.89
N SER C 570 -19.35 -30.54 8.43
CA SER C 570 -19.14 -31.83 7.79
C SER C 570 -20.37 -32.73 7.88
N GLY C 571 -21.37 -32.38 8.69
CA GLY C 571 -22.59 -33.15 8.77
C GLY C 571 -22.71 -33.99 10.04
N ILE C 572 -22.10 -33.55 11.15
CA ILE C 572 -22.11 -34.29 12.41
C ILE C 572 -22.66 -33.37 13.49
N ASP C 573 -23.78 -33.77 14.09
CA ASP C 573 -24.38 -33.00 15.18
C ASP C 573 -23.40 -32.86 16.35
N THR C 574 -23.34 -31.66 16.92
CA THR C 574 -22.38 -31.36 17.98
C THR C 574 -23.10 -30.80 19.20
N TRP C 575 -22.81 -31.38 20.36
CA TRP C 575 -23.30 -30.92 21.65
C TRP C 575 -22.19 -30.12 22.34
N LEU C 576 -22.55 -28.95 22.85
CA LEU C 576 -21.62 -28.09 23.58
C LEU C 576 -22.04 -28.04 25.04
N GLY C 577 -21.13 -28.46 25.92
CA GLY C 577 -21.39 -28.43 27.35
C GLY C 577 -21.18 -27.08 28.01
N VAL C 578 -20.61 -26.12 27.29
CA VAL C 578 -20.43 -24.74 27.74
C VAL C 578 -21.07 -23.83 26.69
N ALA C 579 -21.97 -22.96 27.14
CA ALA C 579 -22.67 -22.08 26.20
C ALA C 579 -21.69 -21.12 25.53
N PRO C 580 -21.68 -21.02 24.20
CA PRO C 580 -20.85 -19.99 23.54
C PRO C 580 -21.53 -18.64 23.63
N PRO C 581 -20.77 -17.51 23.56
CA PRO C 581 -21.40 -16.19 23.72
C PRO C 581 -22.26 -15.77 22.52
N VAL C 582 -23.41 -16.43 22.38
CA VAL C 582 -24.34 -16.14 21.28
C VAL C 582 -25.78 -15.93 21.75
N THR C 583 -26.06 -16.07 23.04
CA THR C 583 -27.45 -15.96 23.51
C THR C 583 -28.02 -14.57 23.29
N GLY C 584 -27.16 -13.56 23.15
CA GLY C 584 -27.64 -12.22 22.90
C GLY C 584 -28.22 -12.01 21.51
N GLY C 585 -27.84 -12.85 20.53
CA GLY C 585 -28.38 -12.74 19.19
C GLY C 585 -29.34 -13.87 18.86
N PRO C 586 -30.66 -13.57 18.89
CA PRO C 586 -31.64 -14.63 18.61
C PRO C 586 -31.49 -15.25 17.24
N GLU C 587 -31.15 -14.45 16.23
CA GLU C 587 -30.97 -15.00 14.89
C GLU C 587 -29.79 -15.96 14.83
N VAL C 588 -28.68 -15.64 15.52
CA VAL C 588 -27.51 -16.52 15.53
C VAL C 588 -27.82 -17.83 16.25
N VAL C 589 -28.55 -17.76 17.37
CA VAL C 589 -28.97 -18.97 18.08
C VAL C 589 -29.83 -19.83 17.14
N ASP C 590 -30.77 -19.20 16.45
CA ASP C 590 -31.64 -19.93 15.54
C ASP C 590 -30.87 -20.56 14.38
N ILE C 591 -29.87 -19.86 13.85
CA ILE C 591 -29.03 -20.41 12.77
C ILE C 591 -28.26 -21.63 13.26
N LEU C 592 -27.58 -21.49 14.41
CA LEU C 592 -26.68 -22.53 14.89
C LEU C 592 -27.43 -23.77 15.35
N THR C 593 -28.59 -23.60 15.96
CA THR C 593 -29.29 -24.71 16.58
C THR C 593 -30.47 -25.20 15.76
N ASN C 594 -31.00 -24.38 14.83
CA ASN C 594 -32.12 -24.82 14.00
C ASN C 594 -31.83 -24.82 12.51
N LYS C 595 -31.40 -23.70 11.92
CA LYS C 595 -31.34 -23.59 10.45
C LYS C 595 -30.15 -24.32 9.85
N MET C 596 -29.15 -24.61 10.68
CA MET C 596 -27.98 -25.31 10.18
C MET C 596 -28.37 -26.68 9.66
N GLU C 597 -29.40 -27.30 10.22
CA GLU C 597 -29.76 -28.63 9.76
C GLU C 597 -30.24 -28.58 8.32
N ASP C 598 -30.94 -27.50 7.94
CA ASP C 598 -31.34 -27.33 6.54
C ASP C 598 -30.13 -27.14 5.64
N TRP C 599 -29.08 -26.50 6.16
CA TRP C 599 -27.92 -26.25 5.30
C TRP C 599 -27.04 -27.49 5.12
N VAL C 600 -26.57 -28.09 6.22
CA VAL C 600 -25.56 -29.12 6.16
C VAL C 600 -26.02 -30.44 6.79
N GLY C 601 -27.30 -30.52 7.19
CA GLY C 601 -27.84 -31.74 7.76
C GLY C 601 -27.47 -32.00 9.21
N ALA C 602 -26.74 -31.10 9.85
CA ALA C 602 -26.39 -31.23 11.26
C ALA C 602 -26.57 -29.85 11.90
N LYS C 603 -26.48 -29.80 13.22
CA LYS C 603 -26.68 -28.55 13.95
C LYS C 603 -26.05 -28.65 15.33
N PHE C 604 -25.91 -27.51 15.99
CA PHE C 604 -25.40 -27.44 17.34
C PHE C 604 -26.51 -27.74 18.35
N PHE C 605 -26.14 -28.38 19.46
CA PHE C 605 -26.98 -28.59 20.62
C PHE C 605 -26.24 -28.00 21.82
N ILE C 606 -26.90 -27.09 22.54
CA ILE C 606 -26.32 -26.51 23.75
C ILE C 606 -26.99 -27.16 24.95
N GLU C 607 -26.20 -27.90 25.74
CA GLU C 607 -26.74 -28.63 26.88
C GLU C 607 -25.65 -28.72 27.93
N THR C 608 -25.88 -28.06 29.08
CA THR C 608 -24.93 -28.03 30.19
C THR C 608 -25.11 -29.16 31.18
N ASP C 609 -26.16 -29.97 31.05
CA ASP C 609 -26.38 -31.12 31.91
C ASP C 609 -25.91 -32.36 31.17
N PRO C 610 -24.85 -33.04 31.62
CA PRO C 610 -24.33 -34.19 30.83
C PRO C 610 -25.33 -35.33 30.66
N HIS C 611 -26.14 -35.64 31.67
CA HIS C 611 -27.12 -36.72 31.54
C HIS C 611 -28.16 -36.38 30.47
N LYS C 612 -28.65 -35.14 30.47
CA LYS C 612 -29.57 -34.71 29.43
C LYS C 612 -28.91 -34.74 28.06
N ALA C 613 -27.64 -34.36 27.99
CA ALA C 613 -26.91 -34.43 26.72
C ALA C 613 -26.83 -35.85 26.19
N VAL C 614 -26.56 -36.81 27.07
CA VAL C 614 -26.51 -38.21 26.64
C VAL C 614 -27.88 -38.65 26.12
N GLU C 615 -28.94 -38.29 26.84
CA GLU C 615 -30.30 -38.64 26.37
C GLU C 615 -30.59 -38.04 25.00
N GLN C 616 -30.26 -36.76 24.81
CA GLN C 616 -30.50 -36.10 23.53
C GLN C 616 -29.68 -36.75 22.41
N ILE C 617 -28.43 -37.11 22.71
CA ILE C 617 -27.59 -37.74 21.70
C ILE C 617 -28.19 -39.08 21.29
N VAL C 618 -28.65 -39.88 22.25
CA VAL C 618 -29.26 -41.17 21.94
C VAL C 618 -30.52 -40.99 21.09
N ASN C 619 -31.37 -40.02 21.46
CA ASN C 619 -32.59 -39.79 20.69
C ASN C 619 -32.28 -39.35 19.26
N ARG C 620 -31.32 -38.44 19.10
CA ARG C 620 -30.94 -37.96 17.77
C ARG C 620 -30.35 -39.08 16.92
N MET C 621 -29.50 -39.92 17.52
CA MET C 621 -28.95 -41.06 16.80
C MET C 621 -30.05 -42.03 16.38
N ASN C 622 -31.03 -42.27 17.25
CA ASN C 622 -32.11 -43.18 16.90
C ASN C 622 -32.94 -42.62 15.75
N GLU C 623 -33.23 -41.32 15.78
CA GLU C 623 -34.03 -40.76 14.69
C GLU C 623 -33.24 -40.77 13.38
N LYS C 624 -31.93 -40.55 13.42
CA LYS C 624 -31.14 -40.67 12.19
C LYS C 624 -31.08 -42.13 11.71
N ARG C 625 -31.04 -43.09 12.64
CA ARG C 625 -31.11 -44.49 12.24
C ARG C 625 -32.43 -44.81 11.55
N LYS C 626 -33.54 -44.32 12.12
CA LYS C 626 -34.84 -44.57 11.50
C LYS C 626 -34.94 -43.90 10.14
N LYS C 627 -34.33 -42.74 9.98
CA LYS C 627 -34.25 -42.14 8.67
C LYS C 627 -33.47 -43.01 7.70
N LEU C 628 -32.35 -43.58 8.15
CA LEU C 628 -31.52 -44.42 7.31
C LEU C 628 -32.08 -45.83 7.10
N GLY C 629 -33.07 -46.24 7.89
CA GLY C 629 -33.65 -47.55 7.77
C GLY C 629 -32.95 -48.64 8.56
N ILE C 630 -31.93 -48.32 9.35
CA ILE C 630 -31.22 -49.31 10.15
C ILE C 630 -31.77 -49.36 11.58
N LYS D 3 -21.95 19.69 22.44
CA LYS D 3 -20.95 20.14 21.44
C LYS D 3 -21.54 20.10 20.03
N ALA D 4 -20.91 20.81 19.10
CA ALA D 4 -21.32 20.80 17.71
C ALA D 4 -21.07 19.43 17.09
N LYS D 5 -21.95 19.03 16.17
CA LYS D 5 -21.80 17.75 15.51
C LYS D 5 -20.79 17.80 14.37
N SER D 6 -20.63 18.96 13.72
CA SER D 6 -19.73 19.08 12.59
C SER D 6 -19.39 20.54 12.40
N ILE D 7 -18.29 20.79 11.67
CA ILE D 7 -17.96 22.14 11.22
C ILE D 7 -18.50 22.43 9.83
N ASP D 8 -19.03 21.43 9.13
CA ASP D 8 -19.53 21.59 7.77
C ASP D 8 -20.98 22.05 7.77
N GLN D 9 -21.25 23.16 7.09
CA GLN D 9 -22.59 23.75 7.12
C GLN D 9 -23.61 22.86 6.42
N ALA D 10 -23.25 22.23 5.30
CA ALA D 10 -24.17 21.32 4.63
C ALA D 10 -24.53 20.14 5.53
N THR D 11 -23.54 19.62 6.26
CA THR D 11 -23.79 18.58 7.25
C THR D 11 -24.79 19.04 8.29
N LEU D 12 -24.66 20.27 8.78
CA LEU D 12 -25.57 20.79 9.79
C LEU D 12 -27.00 20.95 9.26
N GLN D 13 -27.13 21.45 8.03
CA GLN D 13 -28.46 21.58 7.44
C GLN D 13 -29.14 20.21 7.30
N LEU D 14 -28.39 19.21 6.84
CA LEU D 14 -28.98 17.87 6.71
C LEU D 14 -29.26 17.22 8.06
N LEU D 15 -28.48 17.54 9.10
CA LEU D 15 -28.82 17.05 10.44
C LEU D 15 -30.12 17.65 10.94
N ASP D 16 -30.34 18.94 10.67
CA ASP D 16 -31.64 19.53 10.99
C ASP D 16 -32.76 18.82 10.23
N LYS D 17 -32.53 18.54 8.94
CA LYS D 17 -33.54 17.82 8.17
C LYS D 17 -33.81 16.42 8.74
N ALA D 18 -32.75 15.72 9.13
CA ALA D 18 -32.92 14.37 9.69
C ALA D 18 -33.69 14.41 10.99
N LYS D 19 -33.45 15.44 11.81
CA LYS D 19 -34.26 15.64 13.00
C LYS D 19 -35.72 15.88 12.64
N GLN D 20 -35.99 16.70 11.62
CA GLN D 20 -37.37 16.95 11.21
C GLN D 20 -38.03 15.70 10.62
N ASP D 21 -37.25 14.84 9.97
CA ASP D 21 -37.78 13.63 9.35
C ASP D 21 -37.93 12.48 10.33
N GLY D 22 -37.46 12.63 11.55
CA GLY D 22 -37.61 11.55 12.51
C GLY D 22 -36.69 10.37 12.29
N VAL D 23 -35.56 10.56 11.61
CA VAL D 23 -34.61 9.47 11.40
C VAL D 23 -33.40 9.71 12.30
N GLU D 24 -32.73 8.62 12.67
CA GLU D 24 -31.58 8.71 13.55
C GLU D 24 -30.29 8.58 12.76
N THR D 25 -29.26 9.28 13.21
CA THR D 25 -27.97 9.29 12.56
C THR D 25 -26.95 8.59 13.46
N VAL D 26 -25.71 8.60 12.98
CA VAL D 26 -24.60 8.08 13.77
C VAL D 26 -24.41 8.91 15.04
N TRP D 27 -24.65 10.23 14.95
CA TRP D 27 -24.57 11.07 16.14
C TRP D 27 -25.63 10.66 17.16
N ASP D 28 -26.85 10.37 16.72
CA ASP D 28 -27.90 9.94 17.66
C ASP D 28 -27.55 8.62 18.32
N ARG D 29 -27.01 7.67 17.56
CA ARG D 29 -26.62 6.38 18.16
C ARG D 29 -25.46 6.56 19.13
N LYS D 30 -24.52 7.45 18.81
CA LYS D 30 -23.43 7.74 19.74
C LYS D 30 -23.98 8.32 21.04
N ALA D 31 -24.96 9.21 20.94
CA ALA D 31 -25.60 9.74 22.14
C ALA D 31 -26.30 8.64 22.92
N ASP D 32 -26.99 7.73 22.23
CA ASP D 32 -27.69 6.64 22.88
C ASP D 32 -26.73 5.71 23.61
N MET D 33 -25.52 5.54 23.08
CA MET D 33 -24.55 4.69 23.75
C MET D 33 -24.10 5.27 25.09
N LYS D 34 -24.25 6.58 25.30
CA LYS D 34 -23.88 7.23 26.56
C LYS D 34 -22.43 6.93 26.97
N VAL D 35 -22.18 6.77 28.28
CA VAL D 35 -20.83 6.51 28.75
C VAL D 35 -20.43 5.11 28.32
N GLN D 36 -19.41 5.03 27.47
CA GLN D 36 -18.97 3.74 26.95
C GLN D 36 -18.14 2.99 28.01
N CYS D 37 -18.11 1.67 27.88
CA CYS D 37 -17.50 0.86 28.92
C CYS D 37 -16.04 1.23 29.12
N GLY D 38 -15.69 1.49 30.38
CA GLY D 38 -14.33 1.88 30.70
C GLY D 38 -13.31 0.80 30.44
N PHE D 39 -13.67 -0.47 30.73
CA PHE D 39 -12.75 -1.57 30.50
C PHE D 39 -12.41 -1.72 29.02
N GLY D 40 -13.43 -1.70 28.17
CA GLY D 40 -13.20 -1.79 26.74
C GLY D 40 -12.48 -0.57 26.19
N SER D 41 -12.77 0.62 26.74
CA SER D 41 -12.09 1.83 26.29
C SER D 41 -10.61 1.78 26.61
N ALA D 42 -10.23 1.22 27.77
CA ALA D 42 -8.83 1.09 28.13
C ALA D 42 -8.17 -0.15 27.54
N GLY D 43 -8.93 -1.07 26.96
CA GLY D 43 -8.37 -2.28 26.37
C GLY D 43 -8.03 -3.37 27.35
N VAL D 44 -8.55 -3.31 28.59
CA VAL D 44 -8.26 -4.28 29.64
C VAL D 44 -9.35 -5.36 29.74
N CYS D 45 -10.26 -5.43 28.77
CA CYS D 45 -11.24 -6.49 28.70
C CYS D 45 -10.77 -7.53 27.70
N CYS D 46 -10.94 -8.81 28.03
CA CYS D 46 -10.56 -9.89 27.15
C CYS D 46 -11.72 -10.86 26.95
N ARG D 47 -11.90 -11.32 25.72
CA ARG D 47 -12.92 -12.33 25.43
C ARG D 47 -12.35 -13.42 24.52
N ASN D 48 -11.05 -13.65 24.58
CA ASN D 48 -10.41 -14.57 23.66
C ASN D 48 -10.71 -16.04 23.93
N CYS D 49 -11.31 -16.38 25.07
CA CYS D 49 -11.72 -17.76 25.31
C CYS D 49 -12.97 -17.76 26.17
N SER D 50 -13.66 -18.90 26.21
CA SER D 50 -14.92 -18.98 26.93
C SER D 50 -14.75 -19.20 28.43
N MET D 51 -13.50 -19.29 28.93
CA MET D 51 -13.31 -19.10 30.37
C MET D 51 -13.73 -17.69 30.77
N GLY D 52 -13.44 -16.70 29.91
CA GLY D 52 -13.87 -15.33 30.13
C GLY D 52 -15.37 -15.13 29.95
N PRO D 53 -15.83 -13.86 29.81
CA PRO D 53 -15.03 -12.62 29.67
C PRO D 53 -14.24 -12.22 30.92
N CYS D 54 -13.02 -11.71 30.73
CA CYS D 54 -12.18 -11.24 31.83
C CYS D 54 -11.93 -9.75 31.68
N ARG D 55 -12.07 -9.03 32.77
CA ARG D 55 -11.69 -7.63 32.84
C ARG D 55 -10.77 -7.45 34.03
N VAL D 56 -9.64 -6.81 33.77
CA VAL D 56 -8.66 -6.49 34.78
C VAL D 56 -8.64 -4.98 34.94
N SER D 57 -8.07 -4.53 36.04
CA SER D 57 -8.08 -3.12 36.38
C SER D 57 -7.23 -2.33 35.39
N PRO D 58 -7.75 -1.22 34.83
CA PRO D 58 -6.88 -0.32 34.05
C PRO D 58 -5.87 0.43 34.91
N VAL D 59 -6.03 0.41 36.23
CA VAL D 59 -5.11 1.07 37.16
C VAL D 59 -4.24 0.00 37.80
N PRO D 60 -2.92 -0.04 37.53
CA PRO D 60 -2.08 -1.07 38.16
C PRO D 60 -2.05 -0.93 39.67
N GLY D 61 -1.99 -2.08 40.35
CA GLY D 61 -1.93 -2.13 41.79
C GLY D 61 -3.26 -2.09 42.50
N LYS D 62 -4.36 -2.00 41.77
CA LYS D 62 -5.71 -1.93 42.31
C LYS D 62 -6.58 -2.97 41.63
N GLY D 63 -7.51 -3.55 42.39
CA GLY D 63 -8.50 -4.44 41.81
C GLY D 63 -7.93 -5.74 41.27
N VAL D 64 -8.69 -6.35 40.35
CA VAL D 64 -8.29 -7.60 39.72
C VAL D 64 -7.13 -7.33 38.79
N GLU D 65 -6.07 -8.12 38.92
CA GLU D 65 -4.84 -7.92 38.16
C GLU D 65 -4.74 -8.82 36.93
N ARG D 66 -5.22 -10.06 37.01
CA ARG D 66 -5.02 -11.02 35.94
C ARG D 66 -6.35 -11.61 35.50
N GLY D 67 -6.41 -11.99 34.23
CA GLY D 67 -7.51 -12.78 33.74
C GLY D 67 -7.44 -14.18 34.33
N ILE D 68 -8.42 -15.01 33.97
CA ILE D 68 -8.52 -16.34 34.55
C ILE D 68 -7.32 -17.21 34.19
N CYS D 69 -6.87 -17.14 32.95
CA CYS D 69 -5.68 -17.86 32.50
C CYS D 69 -4.39 -17.31 33.10
N GLY D 70 -4.44 -16.15 33.77
CA GLY D 70 -3.26 -15.49 34.31
C GLY D 70 -2.73 -14.33 33.48
N ALA D 71 -3.38 -13.96 32.40
CA ALA D 71 -2.89 -12.88 31.54
C ALA D 71 -2.99 -11.52 32.22
N THR D 72 -1.91 -10.73 32.15
CA THR D 72 -1.88 -9.40 32.75
C THR D 72 -2.60 -8.37 31.88
N ALA D 73 -2.72 -7.16 32.42
CA ALA D 73 -3.31 -6.08 31.65
C ALA D 73 -2.48 -5.80 30.41
N ASP D 74 -1.15 -5.82 30.53
CA ASP D 74 -0.32 -5.59 29.36
C ASP D 74 -0.55 -6.65 28.29
N VAL D 75 -0.68 -7.91 28.70
CA VAL D 75 -0.92 -8.99 27.74
C VAL D 75 -2.27 -8.78 27.03
N ILE D 76 -3.31 -8.46 27.82
CA ILE D 76 -4.66 -8.28 27.24
C ILE D 76 -4.66 -7.11 26.27
N VAL D 77 -4.03 -6.00 26.67
CA VAL D 77 -3.96 -4.83 25.82
C VAL D 77 -3.18 -5.13 24.54
N SER D 78 -2.03 -5.79 24.67
CA SER D 78 -1.20 -6.06 23.49
C SER D 78 -1.91 -6.99 22.51
N ARG D 79 -2.61 -8.02 23.02
CA ARG D 79 -3.35 -8.91 22.14
C ARG D 79 -4.50 -8.19 21.45
N ASN D 80 -5.24 -7.35 22.17
CA ASN D 80 -6.32 -6.58 21.55
C ASN D 80 -5.77 -5.67 20.45
N PHE D 81 -4.67 -4.99 20.72
CA PHE D 81 -4.06 -4.13 19.71
C PHE D 81 -3.62 -4.93 18.48
N ALA D 82 -3.00 -6.09 18.72
CA ALA D 82 -2.53 -6.94 17.61
C ALA D 82 -3.70 -7.41 16.75
N ARG D 83 -4.82 -7.74 17.35
CA ARG D 83 -5.99 -8.18 16.58
C ARG D 83 -6.56 -7.02 15.77
N MET D 84 -6.53 -5.80 16.30
CA MET D 84 -6.95 -4.65 15.48
C MET D 84 -6.04 -4.52 14.25
N VAL D 85 -4.73 -4.65 14.45
CA VAL D 85 -3.80 -4.58 13.32
C VAL D 85 -4.09 -5.68 12.32
N ALA D 86 -4.34 -6.90 12.79
CA ALA D 86 -4.60 -8.03 11.89
C ALA D 86 -5.87 -7.79 11.09
N ALA D 87 -6.92 -7.25 11.72
CA ALA D 87 -8.15 -6.98 11.00
C ALA D 87 -7.94 -5.92 9.92
N GLY D 88 -7.23 -4.82 10.25
CA GLY D 88 -6.95 -3.80 9.26
C GLY D 88 -6.13 -4.32 8.10
N THR D 89 -5.11 -5.12 8.41
CA THR D 89 -4.29 -5.75 7.38
C THR D 89 -5.14 -6.64 6.50
N ALA D 90 -6.08 -7.40 7.10
CA ALA D 90 -6.94 -8.26 6.31
C ALA D 90 -7.80 -7.47 5.34
N ALA D 91 -8.39 -6.37 5.79
CA ALA D 91 -9.21 -5.56 4.90
C ALA D 91 -8.39 -5.06 3.70
N HIS D 92 -7.23 -4.45 3.98
CA HIS D 92 -6.42 -3.92 2.88
C HIS D 92 -5.91 -5.03 1.95
N SER D 93 -5.51 -6.18 2.53
CA SER D 93 -4.97 -7.26 1.73
C SER D 93 -6.04 -7.91 0.85
N ASP D 94 -7.27 -8.01 1.37
CA ASP D 94 -8.35 -8.54 0.53
C ASP D 94 -8.63 -7.60 -0.64
N HIS D 95 -8.61 -6.29 -0.39
CA HIS D 95 -8.74 -5.33 -1.50
C HIS D 95 -7.66 -5.54 -2.55
N GLY D 96 -6.40 -5.60 -2.12
CA GLY D 96 -5.30 -5.80 -3.05
C GLY D 96 -5.39 -7.13 -3.78
N ARG D 97 -5.86 -8.18 -3.10
CA ARG D 97 -6.01 -9.49 -3.72
C ARG D 97 -7.05 -9.45 -4.84
N SER D 98 -8.18 -8.77 -4.60
CA SER D 98 -9.16 -8.62 -5.68
C SER D 98 -8.56 -7.87 -6.86
N ILE D 99 -7.79 -6.82 -6.60
CA ILE D 99 -7.15 -6.09 -7.70
C ILE D 99 -6.19 -6.99 -8.47
N ALA D 100 -5.40 -7.80 -7.76
CA ALA D 100 -4.45 -8.68 -8.44
C ALA D 100 -5.18 -9.72 -9.30
N LEU D 101 -6.28 -10.27 -8.79
CA LEU D 101 -7.07 -11.22 -9.60
C LEU D 101 -7.63 -10.53 -10.84
N SER D 102 -8.13 -9.29 -10.68
CA SER D 102 -8.62 -8.56 -11.86
C SER D 102 -7.51 -8.35 -12.87
N LEU D 103 -6.30 -8.03 -12.40
CA LEU D 103 -5.16 -7.91 -13.31
C LEU D 103 -4.89 -9.23 -14.02
N TYR D 104 -4.97 -10.35 -13.29
CA TYR D 104 -4.75 -11.64 -13.90
C TYR D 104 -5.77 -11.93 -15.00
N HIS D 105 -6.98 -11.39 -14.89
CA HIS D 105 -8.03 -11.63 -15.88
C HIS D 105 -8.14 -10.51 -16.93
N THR D 106 -7.06 -9.79 -17.20
CA THR D 106 -7.11 -8.74 -18.23
C THR D 106 -6.91 -9.32 -19.61
N SER D 107 -7.54 -8.70 -20.60
CA SER D 107 -7.38 -9.11 -21.99
C SER D 107 -7.56 -7.91 -22.88
N LYS D 108 -7.08 -8.05 -24.11
CA LYS D 108 -7.15 -6.96 -25.08
C LYS D 108 -8.60 -6.62 -25.41
N ASP D 109 -9.45 -7.63 -25.62
CA ASP D 109 -10.82 -7.41 -26.03
C ASP D 109 -11.82 -7.56 -24.89
N GLY D 110 -11.35 -7.62 -23.64
CA GLY D 110 -12.24 -7.79 -22.51
C GLY D 110 -12.66 -6.46 -21.89
N ASP D 111 -13.46 -6.57 -20.83
CA ASP D 111 -13.92 -5.39 -20.11
C ASP D 111 -12.79 -4.71 -19.35
N ILE D 112 -11.81 -5.50 -18.87
CA ILE D 112 -10.69 -4.98 -18.09
C ILE D 112 -9.44 -5.09 -18.96
N LYS D 113 -8.84 -3.95 -19.26
CA LYS D 113 -7.67 -3.88 -20.12
C LYS D 113 -6.50 -3.28 -19.34
N VAL D 114 -5.38 -3.11 -20.03
CA VAL D 114 -4.21 -2.42 -19.50
C VAL D 114 -4.21 -1.03 -20.12
N LYS D 115 -4.35 -0.01 -19.28
CA LYS D 115 -4.41 1.36 -19.77
C LYS D 115 -3.11 2.13 -19.62
N ASP D 116 -2.21 1.66 -18.76
CA ASP D 116 -0.92 2.31 -18.55
C ASP D 116 0.19 1.26 -18.74
N GLU D 117 0.64 1.11 -19.97
CA GLU D 117 1.65 0.10 -20.28
C GLU D 117 3.00 0.44 -19.69
N ASN D 118 3.35 1.74 -19.64
CA ASN D 118 4.63 2.13 -19.05
C ASN D 118 4.68 1.77 -17.57
N LYS D 119 3.59 2.05 -16.85
CA LYS D 119 3.52 1.68 -15.45
C LYS D 119 3.62 0.17 -15.27
N LEU D 120 2.94 -0.58 -16.15
CA LEU D 120 3.03 -2.04 -16.06
C LEU D 120 4.45 -2.52 -16.28
N LYS D 121 5.16 -1.93 -17.25
CA LYS D 121 6.55 -2.36 -17.49
C LYS D 121 7.45 -2.04 -16.31
N GLU D 122 7.26 -0.87 -15.68
CA GLU D 122 8.05 -0.56 -14.49
C GLU D 122 7.75 -1.52 -13.34
N VAL D 123 6.48 -1.84 -13.14
CA VAL D 123 6.09 -2.79 -12.10
C VAL D 123 6.67 -4.17 -12.40
N ALA D 124 6.66 -4.57 -13.67
CA ALA D 124 7.25 -5.84 -14.07
C ALA D 124 8.74 -5.88 -13.79
N LYS D 125 9.41 -4.77 -14.03
CA LYS D 125 10.81 -4.64 -13.62
C LYS D 125 10.95 -4.86 -12.12
N SER D 126 10.05 -4.27 -11.33
CA SER D 126 10.11 -4.45 -9.87
C SER D 126 9.83 -5.90 -9.46
N PHE D 127 9.10 -6.66 -10.26
CA PHE D 127 8.78 -8.05 -9.95
C PHE D 127 9.66 -9.05 -10.70
N ASN D 128 10.72 -8.59 -11.34
CA ASN D 128 11.61 -9.46 -12.11
C ASN D 128 10.86 -10.20 -13.21
N VAL D 129 9.98 -9.49 -13.92
CA VAL D 129 9.23 -10.02 -15.05
C VAL D 129 9.80 -9.40 -16.33
N GLU D 130 10.22 -10.24 -17.27
CA GLU D 130 10.75 -9.75 -18.53
C GLU D 130 9.66 -9.08 -19.35
N THR D 131 10.02 -8.00 -20.04
CA THR D 131 9.06 -7.23 -20.84
C THR D 131 9.47 -7.05 -22.30
N GLU D 132 10.76 -7.16 -22.64
CA GLU D 132 11.21 -6.84 -23.99
C GLU D 132 10.71 -7.87 -24.98
N GLY D 133 10.10 -7.37 -26.07
CA GLY D 133 9.59 -8.26 -27.10
C GLY D 133 8.52 -9.21 -26.60
N ARG D 134 7.65 -8.74 -25.71
CA ARG D 134 6.60 -9.58 -25.16
C ARG D 134 5.25 -8.90 -25.32
N ASP D 135 4.21 -9.73 -25.44
CA ASP D 135 2.84 -9.23 -25.46
C ASP D 135 2.50 -8.58 -24.12
N ILE D 136 1.76 -7.47 -24.17
CA ILE D 136 1.53 -6.69 -22.97
C ILE D 136 0.68 -7.47 -21.98
N TYR D 137 -0.27 -8.27 -22.46
CA TYR D 137 -1.14 -9.03 -21.56
C TYR D 137 -0.45 -10.26 -20.98
N ASP D 138 0.51 -10.84 -21.70
CA ASP D 138 1.35 -11.88 -21.08
C ASP D 138 2.14 -11.30 -19.91
N ILE D 139 2.70 -10.10 -20.11
CA ILE D 139 3.39 -9.41 -19.02
C ILE D 139 2.44 -9.14 -17.86
N ALA D 140 1.23 -8.68 -18.16
CA ALA D 140 0.27 -8.38 -17.10
C ALA D 140 -0.06 -9.62 -16.30
N HIS D 141 -0.24 -10.76 -16.98
CA HIS D 141 -0.56 -11.99 -16.28
C HIS D 141 0.61 -12.45 -15.41
N ASP D 142 1.84 -12.35 -15.92
CA ASP D 142 2.99 -12.71 -15.10
C ASP D 142 3.10 -11.82 -13.87
N VAL D 143 2.89 -10.51 -14.06
CA VAL D 143 2.94 -9.58 -12.93
C VAL D 143 1.87 -9.92 -11.91
N ALA D 144 0.66 -10.24 -12.37
CA ALA D 144 -0.41 -10.62 -11.45
C ALA D 144 -0.06 -11.89 -10.69
N LYS D 145 0.56 -12.86 -11.36
CA LYS D 145 0.99 -14.09 -10.69
C LYS D 145 2.00 -13.80 -9.58
N GLU D 146 2.98 -12.94 -9.85
CA GLU D 146 3.96 -12.59 -8.82
C GLU D 146 3.29 -11.88 -7.65
N GLY D 147 2.38 -10.95 -7.94
CA GLY D 147 1.66 -10.25 -6.89
C GLY D 147 0.83 -11.20 -6.03
N LEU D 148 0.13 -12.13 -6.66
CA LEU D 148 -0.65 -13.13 -5.92
C LEU D 148 0.26 -14.01 -5.06
N SER D 149 1.43 -14.37 -5.57
CA SER D 149 2.34 -15.16 -4.76
C SER D 149 2.78 -14.39 -3.52
N ASN D 150 2.85 -13.05 -3.61
CA ASN D 150 3.16 -12.27 -2.40
C ASN D 150 2.14 -12.54 -1.28
N TYR D 151 0.91 -12.90 -1.60
CA TYR D 151 -0.10 -13.08 -0.56
C TYR D 151 0.06 -14.40 0.19
N GLY D 152 0.47 -15.47 -0.48
CA GLY D 152 0.39 -16.78 0.14
C GLY D 152 1.57 -17.71 -0.04
N LYS D 153 2.73 -17.19 -0.45
CA LYS D 153 3.92 -18.03 -0.58
C LYS D 153 4.39 -18.52 0.78
N GLN D 154 4.73 -19.81 0.86
CA GLN D 154 5.21 -20.41 2.10
C GLN D 154 6.72 -20.63 2.13
N LEU D 155 7.36 -20.61 0.96
CA LEU D 155 8.81 -20.72 0.84
C LEU D 155 9.34 -19.48 0.13
N GLY D 156 10.52 -19.02 0.57
CA GLY D 156 11.16 -17.89 -0.05
C GLY D 156 10.75 -16.56 0.55
N GLU D 157 11.31 -15.50 -0.03
CA GLU D 157 11.09 -14.14 0.42
C GLU D 157 10.09 -13.45 -0.49
N VAL D 158 9.33 -12.51 0.09
CA VAL D 158 8.35 -11.74 -0.64
C VAL D 158 9.03 -10.65 -1.47
N THR D 159 8.29 -10.02 -2.38
CA THR D 159 8.83 -8.97 -3.24
C THR D 159 8.37 -7.61 -2.74
N LEU D 160 9.32 -6.68 -2.57
CA LEU D 160 9.03 -5.36 -2.04
C LEU D 160 9.40 -4.27 -3.04
N PRO D 161 8.74 -3.12 -3.01
CA PRO D 161 8.99 -2.10 -4.03
C PRO D 161 10.39 -1.55 -3.96
N PRO D 162 10.98 -1.14 -5.10
CA PRO D 162 12.35 -0.59 -5.07
C PRO D 162 12.49 0.70 -4.29
N SER D 163 11.41 1.43 -4.03
CA SER D 163 11.52 2.69 -3.30
C SER D 163 11.86 2.48 -1.82
N LEU D 164 11.69 1.28 -1.30
CA LEU D 164 11.99 0.99 0.10
C LEU D 164 13.50 0.96 0.34
N PRO D 165 14.04 1.81 1.23
CA PRO D 165 15.51 1.85 1.40
C PRO D 165 16.09 0.55 1.92
N GLU D 166 17.32 0.25 1.47
CA GLU D 166 17.99 -0.95 1.92
C GLU D 166 18.23 -0.92 3.42
N LYS D 167 18.51 0.27 3.96
CA LYS D 167 18.73 0.39 5.40
C LYS D 167 17.48 0.00 6.19
N ARG D 168 16.30 0.41 5.71
CA ARG D 168 15.06 0.03 6.38
C ARG D 168 14.84 -1.48 6.35
N LYS D 169 15.15 -2.11 5.21
CA LYS D 169 15.04 -3.57 5.13
C LYS D 169 15.96 -4.25 6.12
N GLU D 170 17.21 -3.78 6.20
CA GLU D 170 18.16 -4.39 7.11
C GLU D 170 17.76 -4.17 8.57
N LEU D 171 17.24 -2.99 8.88
CA LEU D 171 16.74 -2.75 10.23
C LEU D 171 15.59 -3.69 10.58
N TRP D 172 14.66 -3.90 9.64
CA TRP D 172 13.56 -4.83 9.85
C TRP D 172 14.07 -6.25 10.09
N ARG D 173 15.04 -6.69 9.28
CA ARG D 173 15.60 -8.03 9.44
C ARG D 173 16.26 -8.20 10.80
N LYS D 174 17.02 -7.21 11.23
CA LYS D 174 17.67 -7.31 12.53
C LYS D 174 16.64 -7.30 13.66
N LEU D 175 15.57 -6.53 13.50
CA LEU D 175 14.55 -6.46 14.55
C LEU D 175 13.67 -7.69 14.59
N GLY D 176 13.60 -8.46 13.51
CA GLY D 176 12.72 -9.61 13.44
C GLY D 176 11.33 -9.33 12.93
N VAL D 177 11.10 -8.21 12.24
CA VAL D 177 9.79 -7.85 11.72
C VAL D 177 9.76 -7.85 10.20
N TYR D 178 10.77 -8.43 9.57
CA TYR D 178 10.80 -8.45 8.12
C TYR D 178 9.59 -9.24 7.59
N PRO D 179 8.79 -8.67 6.69
CA PRO D 179 7.50 -9.30 6.35
C PRO D 179 7.62 -10.62 5.59
N ARG D 180 6.63 -11.49 5.82
CA ARG D 180 6.36 -12.70 5.05
C ARG D 180 5.08 -12.47 4.23
N ALA D 181 4.56 -13.52 3.62
CA ALA D 181 3.31 -13.43 2.86
C ALA D 181 2.18 -12.88 3.72
N VAL D 182 1.31 -12.07 3.10
CA VAL D 182 0.36 -11.25 3.86
C VAL D 182 -0.58 -12.11 4.69
N ASP D 183 -1.23 -13.10 4.04
CA ASP D 183 -2.17 -13.95 4.76
C ASP D 183 -1.46 -14.75 5.85
N ARG D 184 -0.22 -15.16 5.59
CA ARG D 184 0.57 -15.86 6.60
C ARG D 184 0.78 -15.00 7.83
N GLU D 185 1.06 -13.70 7.66
CA GLU D 185 1.27 -12.82 8.81
C GLU D 185 -0.02 -12.57 9.57
N ILE D 186 -1.14 -12.42 8.86
CA ILE D 186 -2.44 -12.30 9.52
C ILE D 186 -2.72 -13.55 10.36
N ALA D 187 -2.47 -14.72 9.78
CA ALA D 187 -2.70 -15.97 10.49
C ALA D 187 -1.78 -16.09 11.71
N ALA D 188 -0.52 -15.66 11.57
CA ALA D 188 0.40 -15.71 12.70
C ALA D 188 -0.07 -14.82 13.84
N VAL D 189 -0.53 -13.61 13.54
CA VAL D 189 -1.04 -12.74 14.60
C VAL D 189 -2.25 -13.37 15.27
N MET D 190 -3.18 -13.92 14.47
CA MET D 190 -4.35 -14.56 15.07
C MET D 190 -3.95 -15.77 15.92
N HIS D 191 -2.92 -16.50 15.50
CA HIS D 191 -2.47 -17.64 16.28
C HIS D 191 -1.88 -17.21 17.62
N SER D 192 -1.02 -16.19 17.61
CA SER D 192 -0.31 -15.82 18.85
C SER D 192 -1.20 -15.14 19.88
N THR D 193 -2.36 -14.61 19.48
CA THR D 193 -3.31 -14.06 20.45
C THR D 193 -4.25 -15.11 21.04
N HIS D 194 -4.24 -16.34 20.54
CA HIS D 194 -5.06 -17.41 21.11
C HIS D 194 -4.69 -17.67 22.57
N ILE D 195 -5.67 -18.11 23.36
CA ILE D 195 -5.45 -18.31 24.80
C ILE D 195 -4.22 -19.17 24.99
N GLY D 196 -3.35 -18.76 25.90
CA GLY D 196 -2.21 -19.58 26.23
C GLY D 196 -1.10 -19.59 25.20
N CYS D 197 -1.00 -18.56 24.36
CA CYS D 197 0.15 -18.43 23.47
C CYS D 197 1.07 -17.29 23.91
N ASN D 198 1.11 -16.20 23.15
CA ASN D 198 2.00 -15.07 23.44
C ASN D 198 1.45 -14.27 24.62
N ALA D 199 2.21 -14.23 25.71
CA ALA D 199 1.94 -13.42 26.90
C ALA D 199 3.13 -12.51 27.21
N ASP D 200 3.62 -11.81 26.19
CA ASP D 200 4.72 -10.85 26.32
C ASP D 200 4.45 -9.68 25.40
N ALA D 201 4.23 -8.49 25.97
CA ALA D 201 3.75 -7.35 25.20
C ALA D 201 4.73 -6.93 24.11
N GLU D 202 6.03 -6.93 24.41
CA GLU D 202 7.00 -6.48 23.41
C GLU D 202 6.97 -7.36 22.16
N ALA D 203 6.97 -8.68 22.36
CA ALA D 203 6.91 -9.61 21.24
C ALA D 203 5.60 -9.49 20.50
N MET D 204 4.50 -9.26 21.23
CA MET D 204 3.20 -9.10 20.59
C MET D 204 3.16 -7.88 19.68
N ILE D 205 3.69 -6.75 20.16
CA ILE D 205 3.75 -5.52 19.37
C ILE D 205 4.63 -5.74 18.14
N LYS D 206 5.75 -6.44 18.29
CA LYS D 206 6.62 -6.72 17.14
C LYS D 206 5.89 -7.58 16.10
N MET D 207 5.13 -8.57 16.54
CA MET D 207 4.35 -9.37 15.59
C MET D 207 3.34 -8.50 14.85
N SER D 208 2.69 -7.57 15.56
CA SER D 208 1.71 -6.69 14.92
C SER D 208 2.39 -5.76 13.89
N MET D 209 3.59 -5.24 14.22
CA MET D 209 4.34 -4.44 13.26
C MET D 209 4.69 -5.25 12.02
N ARG D 210 5.14 -6.49 12.22
CA ARG D 210 5.46 -7.37 11.11
C ARG D 210 4.25 -7.58 10.22
N CYS D 211 3.08 -7.81 10.82
CA CYS D 211 1.85 -7.95 10.05
C CYS D 211 1.50 -6.69 9.28
N SER D 212 1.62 -5.52 9.92
CA SER D 212 1.24 -4.26 9.28
C SER D 212 2.13 -3.94 8.08
N LEU D 213 3.39 -4.40 8.11
CA LEU D 213 4.27 -4.16 6.97
C LEU D 213 3.75 -4.82 5.70
N THR D 214 3.16 -6.02 5.81
CA THR D 214 2.54 -6.68 4.66
C THR D 214 1.36 -5.89 4.12
N ASP D 215 0.75 -5.03 4.94
CA ASP D 215 -0.28 -4.13 4.41
C ASP D 215 0.36 -2.96 3.67
N GLY D 216 1.23 -2.23 4.36
CA GLY D 216 1.75 -0.98 3.81
C GLY D 216 2.55 -1.19 2.53
N TRP D 217 3.45 -2.16 2.53
CA TRP D 217 4.39 -2.30 1.42
C TRP D 217 4.02 -3.37 0.42
N MET D 218 3.07 -4.26 0.74
CA MET D 218 2.68 -5.30 -0.20
C MET D 218 1.23 -5.19 -0.64
N GLY D 219 0.28 -5.24 0.30
CA GLY D 219 -1.13 -5.25 -0.04
C GLY D 219 -1.60 -3.94 -0.64
N SER D 220 -1.48 -2.85 0.13
CA SER D 220 -1.89 -1.54 -0.35
C SER D 220 -1.05 -1.11 -1.55
N PHE D 221 0.25 -1.41 -1.51
CA PHE D 221 1.13 -1.00 -2.60
C PHE D 221 0.74 -1.68 -3.91
N MET D 222 0.55 -3.00 -3.86
CA MET D 222 0.16 -3.74 -5.06
C MET D 222 -1.23 -3.36 -5.53
N GLY D 223 -2.15 -3.15 -4.59
CA GLY D 223 -3.47 -2.71 -4.99
C GLY D 223 -3.41 -1.40 -5.74
N THR D 224 -2.66 -0.43 -5.21
CA THR D 224 -2.53 0.88 -5.86
C THR D 224 -1.89 0.76 -7.23
N GLU D 225 -0.76 0.05 -7.33
CA GLU D 225 -0.04 0.01 -8.60
C GLU D 225 -0.80 -0.76 -9.67
N PHE D 226 -1.47 -1.86 -9.28
CA PHE D 226 -2.28 -2.60 -10.25
C PHE D 226 -3.51 -1.81 -10.66
N SER D 227 -4.09 -1.04 -9.73
CA SER D 227 -5.19 -0.15 -10.09
C SER D 227 -4.74 0.89 -11.08
N ASP D 228 -3.53 1.44 -10.88
CA ASP D 228 -2.99 2.36 -11.87
C ASP D 228 -2.81 1.68 -13.23
N ILE D 229 -2.30 0.45 -13.24
CA ILE D 229 -2.08 -0.26 -14.49
C ILE D 229 -3.39 -0.46 -15.23
N MET D 230 -4.43 -0.88 -14.52
CA MET D 230 -5.69 -1.24 -15.19
C MET D 230 -6.55 -0.01 -15.50
N PHE D 231 -6.61 0.98 -14.61
CA PHE D 231 -7.53 2.08 -14.74
C PHE D 231 -6.86 3.42 -15.03
N GLY D 232 -5.53 3.45 -15.12
CA GLY D 232 -4.84 4.68 -15.44
C GLY D 232 -4.20 5.34 -14.23
N THR D 233 -3.00 5.86 -14.42
CA THR D 233 -2.33 6.60 -13.36
C THR D 233 -3.01 7.94 -13.16
N PRO D 234 -3.35 8.34 -11.94
CA PRO D 234 -4.00 9.64 -11.73
C PRO D 234 -3.10 10.79 -12.13
N HIS D 235 -3.71 11.85 -12.67
CA HIS D 235 -3.04 13.10 -12.96
C HIS D 235 -3.90 14.24 -12.44
N SER D 236 -3.34 15.45 -12.48
CA SER D 236 -4.06 16.63 -11.98
C SER D 236 -5.40 16.74 -12.66
N ILE D 237 -6.46 16.86 -11.86
CA ILE D 237 -7.82 16.87 -12.37
C ILE D 237 -8.70 17.66 -11.40
N ASP D 238 -9.68 18.37 -11.97
CA ASP D 238 -10.63 19.16 -11.20
C ASP D 238 -11.87 18.32 -10.86
N THR D 239 -12.50 18.66 -9.74
CA THR D 239 -13.73 18.00 -9.33
C THR D 239 -14.47 18.95 -8.38
N GLU D 240 -15.66 18.52 -7.96
CA GLU D 240 -16.46 19.22 -6.97
C GLU D 240 -16.71 18.30 -5.78
N ALA D 241 -16.86 18.88 -4.60
CA ALA D 241 -16.98 18.12 -3.36
C ALA D 241 -18.13 18.68 -2.54
N ASN D 242 -18.61 17.83 -1.62
CA ASN D 242 -19.67 18.04 -0.64
C ASN D 242 -21.06 17.74 -1.22
N LEU D 243 -22.08 17.67 -0.33
CA LEU D 243 -23.38 17.12 -0.70
C LEU D 243 -24.11 17.94 -1.75
N GLY D 244 -23.68 19.18 -1.99
CA GLY D 244 -24.31 20.02 -2.99
C GLY D 244 -24.17 19.49 -4.40
N VAL D 245 -23.28 18.53 -4.64
CA VAL D 245 -23.10 17.98 -5.97
C VAL D 245 -24.30 17.17 -6.45
N LEU D 246 -25.21 16.79 -5.55
CA LEU D 246 -26.42 16.08 -5.96
C LEU D 246 -27.31 17.00 -6.78
N GLU D 247 -27.97 16.42 -7.78
CA GLU D 247 -28.84 17.15 -8.69
C GLU D 247 -30.29 16.77 -8.41
N LYS D 248 -31.14 17.78 -8.26
CA LYS D 248 -32.56 17.51 -8.04
C LYS D 248 -33.21 16.92 -9.29
N ASN D 249 -32.85 17.44 -10.47
CA ASN D 249 -33.49 17.08 -11.72
C ASN D 249 -32.82 15.94 -12.46
N SER D 250 -31.82 15.29 -11.86
CA SER D 250 -31.13 14.18 -12.49
C SER D 250 -31.21 12.94 -11.59
N VAL D 251 -31.04 11.77 -12.21
CA VAL D 251 -30.81 10.56 -11.44
C VAL D 251 -29.52 10.73 -10.65
N ASN D 252 -29.56 10.43 -9.35
CA ASN D 252 -28.36 10.54 -8.52
C ASN D 252 -27.94 9.13 -8.08
N VAL D 253 -26.76 8.71 -8.53
CA VAL D 253 -26.21 7.40 -8.20
C VAL D 253 -24.97 7.63 -7.35
N VAL D 254 -25.00 7.15 -6.12
CA VAL D 254 -23.94 7.37 -5.16
C VAL D 254 -23.17 6.06 -4.99
N LEU D 255 -21.86 6.10 -5.25
CA LEU D 255 -20.99 4.93 -5.13
C LEU D 255 -20.23 5.03 -3.81
N HIS D 256 -20.43 4.05 -2.94
CA HIS D 256 -19.87 4.04 -1.60
C HIS D 256 -19.10 2.74 -1.40
N GLY D 257 -17.95 2.80 -0.71
CA GLY D 257 -17.15 1.61 -0.50
C GLY D 257 -15.68 1.77 -0.86
N HIS D 258 -15.01 0.68 -1.24
CA HIS D 258 -13.57 0.72 -1.46
C HIS D 258 -13.10 0.04 -2.74
N GLU D 259 -13.83 -0.94 -3.26
CA GLU D 259 -13.34 -1.69 -4.42
C GLU D 259 -13.51 -0.88 -5.70
N PRO D 260 -12.43 -0.64 -6.45
CA PRO D 260 -12.53 0.30 -7.58
C PRO D 260 -13.08 -0.32 -8.86
N LEU D 261 -13.03 -1.64 -9.05
CA LEU D 261 -13.49 -2.20 -10.31
C LEU D 261 -14.97 -1.93 -10.54
N LEU D 262 -15.80 -2.10 -9.51
CA LEU D 262 -17.22 -1.84 -9.66
C LEU D 262 -17.49 -0.39 -10.02
N SER D 263 -16.84 0.55 -9.34
CA SER D 263 -17.09 1.97 -9.60
C SER D 263 -16.57 2.36 -10.97
N GLU D 264 -15.44 1.80 -11.40
CA GLU D 264 -14.97 2.03 -12.76
C GLU D 264 -15.98 1.54 -13.78
N MET D 265 -16.53 0.34 -13.59
CA MET D 265 -17.53 -0.18 -14.54
C MET D 265 -18.81 0.64 -14.50
N VAL D 266 -19.21 1.14 -13.33
CA VAL D 266 -20.39 2.00 -13.25
C VAL D 266 -20.16 3.31 -13.99
N VAL D 267 -18.96 3.90 -13.86
CA VAL D 267 -18.65 5.11 -14.60
C VAL D 267 -18.73 4.85 -16.09
N GLU D 268 -18.15 3.73 -16.54
CA GLU D 268 -18.22 3.39 -17.95
C GLU D 268 -19.66 3.15 -18.41
N ALA D 269 -20.47 2.49 -17.59
CA ALA D 269 -21.85 2.23 -17.96
C ALA D 269 -22.68 3.51 -18.02
N ALA D 270 -22.33 4.52 -17.22
CA ALA D 270 -23.10 5.76 -17.23
C ALA D 270 -23.07 6.47 -18.58
N SER D 271 -22.06 6.23 -19.41
CA SER D 271 -21.98 6.80 -20.76
C SER D 271 -22.64 5.90 -21.80
N ASP D 272 -23.22 4.77 -21.41
CA ASP D 272 -23.90 3.90 -22.35
C ASP D 272 -25.11 4.62 -22.96
N PRO D 273 -25.25 4.65 -24.30
CA PRO D 273 -26.38 5.39 -24.89
C PRO D 273 -27.74 4.89 -24.43
N GLU D 274 -27.89 3.59 -24.21
CA GLU D 274 -29.19 3.08 -23.80
C GLU D 274 -29.54 3.57 -22.41
N LEU D 275 -28.58 3.58 -21.49
CA LEU D 275 -28.85 4.02 -20.13
C LEU D 275 -29.11 5.53 -20.06
N VAL D 276 -28.40 6.31 -20.87
CA VAL D 276 -28.67 7.75 -20.93
C VAL D 276 -30.07 8.00 -21.47
N GLU D 277 -30.45 7.27 -22.52
CA GLU D 277 -31.81 7.39 -23.05
C GLU D 277 -32.84 6.97 -22.00
N LEU D 278 -32.56 5.92 -21.25
CA LEU D 278 -33.47 5.47 -20.19
C LEU D 278 -33.62 6.52 -19.10
N ALA D 279 -32.52 7.16 -18.72
CA ALA D 279 -32.60 8.24 -17.73
C ALA D 279 -33.46 9.39 -18.26
N LYS D 280 -33.31 9.72 -19.55
CA LYS D 280 -34.18 10.73 -20.13
C LYS D 280 -35.65 10.29 -20.12
N SER D 281 -35.90 9.00 -20.33
CA SER D 281 -37.28 8.53 -20.47
C SER D 281 -38.01 8.49 -19.12
N VAL D 282 -37.28 8.46 -18.00
CA VAL D 282 -37.94 8.43 -16.70
C VAL D 282 -38.11 9.85 -16.19
N GLY D 283 -37.82 10.84 -17.03
CA GLY D 283 -38.05 12.23 -16.68
C GLY D 283 -36.89 12.92 -16.01
N ALA D 284 -35.67 12.38 -16.12
CA ALA D 284 -34.50 12.99 -15.51
C ALA D 284 -33.66 13.68 -16.58
N ASP D 285 -32.93 14.71 -16.16
CA ASP D 285 -32.04 15.42 -17.07
C ASP D 285 -30.87 14.56 -17.52
N GLY D 286 -30.44 13.62 -16.68
CA GLY D 286 -29.34 12.76 -17.02
C GLY D 286 -28.95 11.93 -15.82
N ILE D 287 -27.74 11.39 -15.86
CA ILE D 287 -27.19 10.56 -14.81
C ILE D 287 -26.11 11.37 -14.10
N ASN D 288 -26.20 11.46 -12.78
CA ASN D 288 -25.22 12.19 -11.97
C ASN D 288 -24.62 11.17 -11.02
N LEU D 289 -23.40 10.72 -11.36
CA LEU D 289 -22.64 9.84 -10.49
C LEU D 289 -21.88 10.67 -9.46
N CYS D 290 -21.98 10.28 -8.20
CA CYS D 290 -21.26 10.90 -7.11
C CYS D 290 -20.63 9.78 -6.28
N GLY D 291 -19.45 10.06 -5.73
CA GLY D 291 -18.72 9.06 -4.97
C GLY D 291 -18.60 9.47 -3.52
N MET D 292 -18.44 8.47 -2.66
CA MET D 292 -18.21 8.68 -1.24
C MET D 292 -17.07 7.79 -0.76
N CYS D 293 -16.33 8.30 0.23
CA CYS D 293 -15.23 7.54 0.88
C CYS D 293 -14.21 7.15 -0.20
N CYS D 294 -13.62 5.95 -0.10
CA CYS D 294 -12.45 5.61 -0.90
C CYS D 294 -12.79 5.28 -2.34
N THR D 295 -13.94 4.65 -2.60
CA THR D 295 -14.32 4.43 -3.99
C THR D 295 -14.58 5.75 -4.68
N GLY D 296 -15.21 6.70 -3.97
CA GLY D 296 -15.30 8.05 -4.49
C GLY D 296 -13.94 8.66 -4.72
N ASN D 297 -12.98 8.43 -3.82
CA ASN D 297 -11.63 8.95 -4.05
C ASN D 297 -11.02 8.36 -5.32
N GLU D 298 -11.18 7.05 -5.55
CA GLU D 298 -10.59 6.44 -6.75
C GLU D 298 -11.19 7.01 -8.03
N VAL D 299 -12.53 7.02 -8.13
CA VAL D 299 -13.13 7.48 -9.37
C VAL D 299 -12.90 8.99 -9.54
N SER D 300 -12.74 9.73 -8.44
CA SER D 300 -12.45 11.15 -8.54
C SER D 300 -11.01 11.41 -8.96
N MET D 301 -10.06 10.64 -8.43
CA MET D 301 -8.67 10.78 -8.84
C MET D 301 -8.49 10.46 -10.32
N ARG D 302 -9.22 9.48 -10.83
CA ARG D 302 -9.00 9.03 -12.20
C ARG D 302 -9.94 9.63 -13.24
N HIS D 303 -11.09 10.16 -12.84
CA HIS D 303 -12.05 10.68 -13.80
C HIS D 303 -12.70 11.99 -13.39
N GLY D 304 -12.39 12.52 -12.21
CA GLY D 304 -13.03 13.75 -11.78
C GLY D 304 -14.47 13.59 -11.33
N ILE D 305 -14.88 12.38 -10.94
CA ILE D 305 -16.23 12.17 -10.43
C ILE D 305 -16.40 13.00 -9.16
N LYS D 306 -17.53 13.68 -9.05
CA LYS D 306 -17.78 14.53 -7.89
C LYS D 306 -17.85 13.70 -6.61
N ILE D 307 -17.32 14.25 -5.52
CA ILE D 307 -17.30 13.56 -4.23
C ILE D 307 -18.45 14.09 -3.39
N ALA D 308 -19.37 13.21 -3.05
CA ALA D 308 -20.54 13.62 -2.27
C ALA D 308 -20.18 13.85 -0.81
N GLY D 309 -19.28 13.04 -0.22
CA GLY D 309 -18.89 13.22 1.17
C GLY D 309 -18.08 12.05 1.69
N ASN D 310 -17.56 12.21 2.91
CA ASN D 310 -16.73 11.21 3.58
C ASN D 310 -17.59 10.37 4.55
N PHE D 311 -16.94 9.60 5.42
CA PHE D 311 -17.56 8.55 6.20
C PHE D 311 -18.82 9.03 6.92
N MET D 312 -18.70 9.95 7.86
CA MET D 312 -19.87 10.30 8.69
C MET D 312 -20.91 11.12 7.95
N GLN D 313 -20.76 11.36 6.64
CA GLN D 313 -21.80 11.98 5.84
C GLN D 313 -22.66 10.99 5.07
N GLN D 314 -22.31 9.71 5.04
CA GLN D 314 -23.01 8.79 4.16
C GLN D 314 -24.52 8.81 4.43
N GLU D 315 -24.92 8.70 5.70
CA GLU D 315 -26.35 8.74 6.02
C GLU D 315 -27.01 10.03 5.52
N LEU D 316 -26.32 11.16 5.73
CA LEU D 316 -26.91 12.44 5.32
C LEU D 316 -27.11 12.50 3.82
N ALA D 317 -26.31 11.77 3.06
CA ALA D 317 -26.56 11.74 1.62
C ALA D 317 -27.96 11.22 1.33
N VAL D 318 -28.40 10.18 2.05
CA VAL D 318 -29.76 9.67 1.89
C VAL D 318 -30.78 10.66 2.44
N VAL D 319 -30.40 11.44 3.46
CA VAL D 319 -31.37 12.34 4.11
C VAL D 319 -31.84 13.43 3.15
N THR D 320 -31.02 13.77 2.13
CA THR D 320 -31.44 14.73 1.12
C THR D 320 -32.73 14.30 0.42
N GLY D 321 -32.97 13.00 0.31
CA GLY D 321 -34.10 12.51 -0.45
C GLY D 321 -33.90 12.49 -1.94
N ALA D 322 -32.67 12.69 -2.42
CA ALA D 322 -32.37 12.77 -3.83
C ALA D 322 -31.53 11.61 -4.36
N VAL D 323 -31.11 10.68 -3.49
CA VAL D 323 -30.30 9.53 -3.90
C VAL D 323 -31.23 8.44 -4.42
N ASP D 324 -31.25 8.22 -5.73
CA ASP D 324 -32.04 7.17 -6.34
C ASP D 324 -31.42 5.80 -6.11
N GLY D 325 -30.10 5.69 -6.24
CA GLY D 325 -29.44 4.42 -6.01
C GLY D 325 -28.14 4.60 -5.25
N LEU D 326 -27.96 3.85 -4.16
CA LEU D 326 -26.74 3.89 -3.38
C LEU D 326 -26.09 2.51 -3.52
N ILE D 327 -25.01 2.44 -4.29
CA ILE D 327 -24.36 1.18 -4.63
C ILE D 327 -23.13 1.05 -3.74
N VAL D 328 -23.04 -0.04 -2.97
CA VAL D 328 -21.96 -0.22 -2.01
C VAL D 328 -21.23 -1.53 -2.26
N ASP D 329 -19.89 -1.53 -2.16
CA ASP D 329 -19.18 -2.81 -2.24
C ASP D 329 -18.78 -3.40 -0.88
N VAL D 330 -17.81 -2.81 -0.16
CA VAL D 330 -17.27 -3.37 1.09
C VAL D 330 -16.67 -2.24 1.91
N GLN D 331 -16.64 -2.42 3.24
CA GLN D 331 -15.85 -1.62 4.18
C GLN D 331 -16.44 -0.22 4.42
N CYS D 332 -16.58 0.17 5.69
CA CYS D 332 -17.02 1.52 6.08
C CYS D 332 -18.40 1.87 5.52
N ILE D 333 -19.24 0.84 5.34
CA ILE D 333 -20.61 1.00 4.90
C ILE D 333 -21.45 0.81 6.16
N MET D 334 -21.96 1.91 6.72
CA MET D 334 -22.76 1.81 7.94
C MET D 334 -23.98 0.93 7.68
N PRO D 335 -24.16 -0.16 8.42
CA PRO D 335 -25.35 -1.01 8.19
C PRO D 335 -26.65 -0.26 8.43
N ALA D 336 -26.64 0.78 9.26
CA ALA D 336 -27.85 1.54 9.50
C ALA D 336 -28.43 2.10 8.21
N LEU D 337 -27.60 2.27 7.17
CA LEU D 337 -28.12 2.73 5.88
C LEU D 337 -29.34 1.94 5.44
N ALA D 338 -29.30 0.61 5.60
CA ALA D 338 -30.46 -0.19 5.19
C ALA D 338 -31.74 0.31 5.85
N LYS D 339 -31.73 0.42 7.18
CA LYS D 339 -32.88 0.95 7.88
C LYS D 339 -33.25 2.34 7.37
N LEU D 340 -32.24 3.21 7.22
CA LEU D 340 -32.50 4.58 6.77
C LEU D 340 -33.14 4.61 5.39
N SER D 341 -32.76 3.68 4.51
CA SER D 341 -33.28 3.65 3.14
C SER D 341 -34.77 3.37 3.10
N LYS D 342 -35.34 2.82 4.17
CA LYS D 342 -36.78 2.58 4.21
C LYS D 342 -37.55 3.88 4.33
N SER D 343 -36.95 4.92 4.91
CA SER D 343 -37.62 6.20 5.10
C SER D 343 -37.63 7.04 3.82
N TYR D 344 -36.96 6.59 2.76
CA TYR D 344 -36.92 7.30 1.49
C TYR D 344 -37.12 6.29 0.37
N HIS D 345 -37.13 6.78 -0.86
CA HIS D 345 -37.26 5.91 -2.03
C HIS D 345 -35.96 5.20 -2.39
N THR D 346 -34.85 5.54 -1.73
CA THR D 346 -33.53 5.10 -2.14
C THR D 346 -33.40 3.58 -2.23
N LYS D 347 -32.84 3.10 -3.34
CA LYS D 347 -32.48 1.70 -3.48
C LYS D 347 -31.06 1.51 -2.95
N PHE D 348 -30.94 0.78 -1.85
CA PHE D 348 -29.65 0.49 -1.22
C PHE D 348 -29.17 -0.87 -1.74
N ILE D 349 -28.15 -0.87 -2.59
CA ILE D 349 -27.75 -2.05 -3.35
C ILE D 349 -26.38 -2.51 -2.85
N THR D 350 -26.35 -3.71 -2.27
CA THR D 350 -25.09 -4.39 -1.99
C THR D 350 -24.71 -5.24 -3.20
N THR D 351 -23.41 -5.33 -3.46
CA THR D 351 -22.91 -5.99 -4.65
C THR D 351 -21.84 -7.03 -4.40
N SER D 352 -21.31 -7.15 -3.18
CA SER D 352 -20.19 -8.04 -2.93
C SER D 352 -20.59 -9.18 -2.01
N PRO D 353 -20.17 -10.42 -2.31
CA PRO D 353 -20.45 -11.52 -1.39
C PRO D 353 -19.78 -11.36 -0.04
N LYS D 354 -18.76 -10.52 0.07
CA LYS D 354 -18.10 -10.29 1.34
C LYS D 354 -18.87 -9.35 2.26
N ALA D 355 -19.85 -8.62 1.75
CA ALA D 355 -20.50 -7.52 2.48
C ALA D 355 -22.01 -7.57 2.33
N HIS D 356 -22.61 -8.73 2.58
CA HIS D 356 -24.07 -8.80 2.67
C HIS D 356 -24.57 -7.92 3.80
N ILE D 357 -25.65 -7.18 3.55
CA ILE D 357 -26.30 -6.36 4.56
C ILE D 357 -27.79 -6.69 4.59
N THR D 358 -28.31 -7.03 5.77
CA THR D 358 -29.70 -7.45 5.88
C THR D 358 -30.63 -6.31 5.47
N ASP D 359 -31.69 -6.67 4.72
CA ASP D 359 -32.73 -5.78 4.24
C ASP D 359 -32.26 -4.82 3.15
N SER D 360 -31.09 -5.03 2.56
CA SER D 360 -30.65 -4.31 1.39
C SER D 360 -30.94 -5.17 0.16
N ILE D 361 -31.00 -4.52 -0.99
CA ILE D 361 -31.18 -5.20 -2.28
C ILE D 361 -29.83 -5.73 -2.73
N TYR D 362 -29.72 -7.04 -2.88
CA TYR D 362 -28.45 -7.66 -3.24
C TYR D 362 -28.43 -7.97 -4.73
N MET D 363 -27.47 -7.36 -5.43
CA MET D 363 -27.24 -7.58 -6.86
C MET D 363 -25.75 -7.86 -7.00
N GLU D 364 -25.40 -9.15 -7.00
CA GLU D 364 -24.00 -9.52 -6.97
C GLU D 364 -23.26 -9.00 -8.20
N PHE D 365 -22.18 -8.26 -7.96
CA PHE D 365 -21.37 -7.75 -9.05
C PHE D 365 -20.56 -8.90 -9.65
N ASP D 366 -20.81 -9.22 -10.92
CA ASP D 366 -20.19 -10.33 -11.62
C ASP D 366 -18.90 -9.85 -12.25
N GLU D 367 -17.77 -10.34 -11.74
CA GLU D 367 -16.46 -9.96 -12.29
C GLU D 367 -16.16 -10.65 -13.60
N GLU D 368 -16.87 -11.73 -13.93
CA GLU D 368 -16.69 -12.37 -15.23
C GLU D 368 -17.18 -11.46 -16.35
N ASN D 369 -18.28 -10.75 -16.13
CA ASN D 369 -18.81 -9.78 -17.10
C ASN D 369 -19.03 -8.46 -16.37
N PRO D 370 -17.93 -7.78 -15.99
CA PRO D 370 -18.11 -6.59 -15.13
C PRO D 370 -18.97 -5.50 -15.74
N LEU D 371 -18.85 -5.24 -17.04
CA LEU D 371 -19.58 -4.13 -17.64
C LEU D 371 -21.09 -4.39 -17.68
N ASP D 372 -21.49 -5.60 -18.08
CA ASP D 372 -22.92 -5.93 -18.12
C ASP D 372 -23.52 -5.93 -16.72
N SER D 373 -22.79 -6.45 -15.75
CA SER D 373 -23.25 -6.44 -14.37
C SER D 373 -23.44 -5.01 -13.85
N ALA D 374 -22.46 -4.14 -14.12
CA ALA D 374 -22.58 -2.73 -13.74
C ALA D 374 -23.76 -2.07 -14.44
N LYS D 375 -23.99 -2.42 -15.70
CA LYS D 375 -25.11 -1.85 -16.45
C LYS D 375 -26.45 -2.23 -15.84
N LYS D 376 -26.62 -3.49 -15.44
CA LYS D 376 -27.90 -3.87 -14.84
C LYS D 376 -28.11 -3.22 -13.48
N ILE D 377 -27.05 -3.12 -12.67
CA ILE D 377 -27.16 -2.42 -11.38
C ILE D 377 -27.53 -0.96 -11.59
N LEU D 378 -26.87 -0.31 -12.54
CA LEU D 378 -27.14 1.10 -12.84
C LEU D 378 -28.53 1.30 -13.39
N LYS D 379 -29.03 0.33 -14.16
CA LYS D 379 -30.39 0.41 -14.68
C LYS D 379 -31.40 0.35 -13.54
N GLU D 380 -31.15 -0.49 -12.53
CA GLU D 380 -32.03 -0.47 -11.36
C GLU D 380 -32.03 0.90 -10.69
N ALA D 381 -30.85 1.49 -10.52
CA ALA D 381 -30.78 2.82 -9.91
C ALA D 381 -31.55 3.86 -10.74
N ILE D 382 -31.40 3.82 -12.08
CA ILE D 382 -32.07 4.79 -12.96
C ILE D 382 -33.58 4.61 -12.90
N LEU D 383 -34.06 3.38 -12.95
CA LEU D 383 -35.50 3.15 -12.90
C LEU D 383 -36.09 3.61 -11.56
N ASN D 384 -35.28 3.60 -10.49
CA ASN D 384 -35.81 4.10 -9.22
C ASN D 384 -36.11 5.60 -9.22
N PHE D 385 -35.67 6.34 -10.24
CA PHE D 385 -35.93 7.80 -10.28
C PHE D 385 -37.42 8.09 -10.34
N LYS D 386 -38.20 7.16 -10.89
CA LYS D 386 -39.65 7.37 -10.95
C LYS D 386 -40.30 7.39 -9.58
N ASN D 387 -39.65 6.80 -8.58
CA ASN D 387 -40.14 6.76 -7.21
C ASN D 387 -39.67 7.95 -6.39
N ARG D 388 -38.97 8.90 -7.01
CA ARG D 388 -38.53 10.10 -6.30
C ARG D 388 -39.73 10.90 -5.83
N ASP D 389 -39.67 11.37 -4.58
CA ASP D 389 -40.66 12.29 -4.03
C ASP D 389 -39.97 13.64 -3.95
N GLN D 390 -40.26 14.52 -4.92
CA GLN D 390 -39.57 15.81 -4.98
C GLN D 390 -39.94 16.75 -3.83
N SER D 391 -41.07 16.51 -3.15
CA SER D 391 -41.45 17.31 -1.99
C SER D 391 -40.58 17.03 -0.77
N LYS D 392 -39.94 15.85 -0.72
CA LYS D 392 -39.04 15.49 0.36
C LYS D 392 -37.57 15.81 0.05
N VAL D 393 -37.30 16.44 -1.08
CA VAL D 393 -35.93 16.67 -1.53
C VAL D 393 -35.42 17.98 -0.95
N MET D 394 -34.24 17.94 -0.37
CA MET D 394 -33.54 19.15 0.06
C MET D 394 -32.05 18.90 -0.15
N ILE D 395 -31.49 19.56 -1.15
CA ILE D 395 -30.06 19.49 -1.45
C ILE D 395 -29.44 20.83 -1.06
N PRO D 396 -28.61 20.91 -0.03
CA PRO D 396 -27.99 22.20 0.31
C PRO D 396 -27.12 22.71 -0.84
N GLU D 397 -27.21 24.02 -1.09
CA GLU D 397 -26.43 24.64 -2.17
C GLU D 397 -25.01 24.95 -1.68
N LEU D 398 -24.31 23.89 -1.27
CA LEU D 398 -22.96 23.98 -0.73
C LEU D 398 -22.08 22.94 -1.39
N LYS D 399 -21.27 23.39 -2.35
CA LYS D 399 -20.32 22.57 -3.07
C LYS D 399 -19.01 23.34 -3.14
N CYS D 400 -17.90 22.62 -3.28
CA CYS D 400 -16.59 23.27 -3.29
C CYS D 400 -15.71 22.68 -4.38
N LYS D 401 -15.00 23.56 -5.09
CA LYS D 401 -14.07 23.11 -6.12
C LYS D 401 -12.82 22.51 -5.50
N ALA D 402 -12.34 21.42 -6.09
CA ALA D 402 -11.16 20.73 -5.59
C ALA D 402 -10.30 20.28 -6.76
N ILE D 403 -9.00 20.16 -6.50
CA ILE D 403 -8.02 19.65 -7.45
C ILE D 403 -7.35 18.45 -6.79
N LEU D 404 -7.21 17.36 -7.53
CA LEU D 404 -6.66 16.12 -6.99
C LEU D 404 -5.92 15.41 -8.10
N GLY D 405 -5.63 14.13 -7.89
CA GLY D 405 -4.88 13.36 -8.87
C GLY D 405 -3.38 13.37 -8.70
N TYR D 406 -2.89 13.67 -7.50
CA TYR D 406 -1.45 13.80 -7.28
C TYR D 406 -0.84 12.45 -6.90
N SER D 407 -0.70 11.60 -7.91
CA SER D 407 0.13 10.41 -7.76
C SER D 407 1.60 10.84 -7.73
N VAL D 408 2.46 9.90 -7.35
CA VAL D 408 3.90 10.17 -7.34
C VAL D 408 4.36 10.58 -8.73
N GLU D 409 3.84 9.93 -9.77
CA GLU D 409 4.19 10.29 -11.14
C GLU D 409 3.74 11.72 -11.45
N GLU D 410 2.52 12.08 -11.05
CA GLU D 410 2.04 13.44 -11.30
C GLU D 410 2.87 14.46 -10.54
N ILE D 411 3.23 14.15 -9.29
CA ILE D 411 4.06 15.05 -8.49
C ILE D 411 5.42 15.25 -9.16
N ILE D 412 6.02 14.17 -9.66
CA ILE D 412 7.31 14.28 -10.35
C ILE D 412 7.17 15.13 -11.61
N ASN D 413 6.09 14.92 -12.37
CA ASN D 413 5.85 15.74 -13.55
C ASN D 413 5.74 17.23 -13.18
N LYS D 414 5.03 17.54 -12.10
CA LYS D 414 4.92 18.94 -11.66
C LYS D 414 6.28 19.49 -11.23
N LEU D 415 7.06 18.69 -10.51
CA LEU D 415 8.37 19.14 -10.06
C LEU D 415 9.33 19.38 -11.22
N ASP D 416 9.10 18.73 -12.37
CA ASP D 416 9.97 18.96 -13.52
C ASP D 416 9.96 20.42 -13.98
N LYS D 417 8.93 21.19 -13.64
CA LYS D 417 8.90 22.58 -14.10
C LYS D 417 10.02 23.41 -13.47
N VAL D 418 10.36 23.15 -12.21
CA VAL D 418 11.34 23.98 -11.49
C VAL D 418 12.74 23.40 -11.65
N VAL D 419 12.94 22.51 -12.62
CA VAL D 419 14.25 21.92 -12.91
C VAL D 419 14.90 22.73 -14.03
N ASN D 420 16.09 23.25 -13.77
CA ASN D 420 16.85 23.92 -14.84
C ASN D 420 17.28 22.87 -15.86
N THR D 421 16.98 23.11 -17.13
CA THR D 421 17.24 22.12 -18.18
C THR D 421 18.74 21.87 -18.30
N GLN D 422 19.56 22.90 -18.16
CA GLN D 422 21.00 22.75 -18.27
C GLN D 422 21.62 22.00 -17.10
N ILE D 423 20.89 21.78 -16.02
CA ILE D 423 21.40 21.07 -14.84
C ILE D 423 20.80 19.67 -14.75
N GLY D 424 19.48 19.57 -14.62
CA GLY D 424 18.80 18.31 -14.44
C GLY D 424 19.11 17.69 -13.09
N PRO D 425 18.80 16.40 -12.93
CA PRO D 425 18.13 15.51 -13.89
C PRO D 425 16.63 15.73 -13.91
N MET D 426 15.94 15.17 -14.90
CA MET D 426 14.48 15.26 -14.98
C MET D 426 13.86 13.99 -14.41
N GLN D 427 12.57 14.07 -14.12
CA GLN D 427 11.76 12.93 -13.67
C GLN D 427 12.32 12.29 -12.40
N THR D 428 12.67 13.12 -11.41
CA THR D 428 13.09 12.66 -10.10
C THR D 428 12.36 13.48 -9.05
N VAL D 429 12.54 13.10 -7.78
CA VAL D 429 11.96 13.83 -6.67
C VAL D 429 12.98 14.86 -6.18
N LYS D 430 14.04 15.07 -6.97
CA LYS D 430 15.12 15.93 -6.52
C LYS D 430 14.69 17.34 -6.17
N PRO D 431 13.82 18.03 -6.92
CA PRO D 431 13.38 19.37 -6.47
C PRO D 431 12.74 19.36 -5.08
N LEU D 432 11.93 18.33 -4.78
CA LEU D 432 11.32 18.21 -3.46
C LEU D 432 12.37 17.98 -2.39
N ALA D 433 13.33 17.10 -2.68
CA ALA D 433 14.43 16.88 -1.75
C ALA D 433 15.21 18.16 -1.52
N ASP D 434 15.40 18.96 -2.57
CA ASP D 434 16.14 20.22 -2.45
C ASP D 434 15.40 21.21 -1.55
N VAL D 435 14.10 21.37 -1.77
CA VAL D 435 13.37 22.34 -0.94
C VAL D 435 13.32 21.87 0.51
N LEU D 436 13.24 20.56 0.74
CA LEU D 436 13.27 20.04 2.11
C LEU D 436 14.64 20.23 2.76
N VAL D 437 15.72 19.95 2.02
CA VAL D 437 17.05 20.06 2.61
C VAL D 437 17.40 21.52 2.88
N SER D 438 17.07 22.42 1.95
CA SER D 438 17.41 23.82 2.13
C SER D 438 16.64 24.45 3.30
N GLY D 439 15.52 23.88 3.70
CA GLY D 439 14.72 24.46 4.76
C GLY D 439 13.63 25.40 4.29
N VAL D 440 13.49 25.60 2.97
CA VAL D 440 12.37 26.39 2.46
C VAL D 440 11.06 25.72 2.86
N LEU D 441 11.01 24.39 2.76
CA LEU D 441 9.95 23.59 3.37
C LEU D 441 10.52 22.94 4.63
N ARG D 442 9.80 23.08 5.74
CA ARG D 442 10.24 22.49 7.00
C ARG D 442 10.06 20.98 6.99
N GLY D 443 9.06 20.48 6.28
CA GLY D 443 8.86 19.04 6.19
C GLY D 443 7.60 18.73 5.39
N ALA D 444 7.25 17.44 5.39
CA ALA D 444 6.06 16.93 4.74
C ALA D 444 5.27 16.08 5.72
N ALA D 445 3.95 16.25 5.73
CA ALA D 445 3.09 15.55 6.66
C ALA D 445 1.93 14.93 5.91
N ALA D 446 1.62 13.68 6.25
CA ALA D 446 0.50 12.97 5.65
C ALA D 446 -0.66 13.03 6.65
N VAL D 447 -1.80 13.52 6.19
CA VAL D 447 -3.03 13.59 6.97
C VAL D 447 -3.99 12.58 6.36
N VAL D 448 -4.36 11.56 7.16
CA VAL D 448 -5.13 10.40 6.73
C VAL D 448 -6.15 10.08 7.81
N GLY D 449 -7.08 9.20 7.50
CA GLY D 449 -7.96 8.67 8.53
C GLY D 449 -9.40 9.02 8.27
N CYS D 450 -10.25 8.54 9.18
CA CYS D 450 -11.69 8.61 9.08
C CYS D 450 -12.25 9.80 9.85
N ASN D 451 -13.56 9.80 10.05
CA ASN D 451 -14.22 10.64 11.03
C ASN D 451 -14.50 9.76 12.25
N ASN D 452 -14.92 10.38 13.34
CA ASN D 452 -15.24 9.64 14.56
C ASN D 452 -16.18 10.51 15.37
N PRO D 453 -17.35 10.01 15.81
CA PRO D 453 -18.28 10.87 16.57
C PRO D 453 -17.64 11.43 17.84
N LYS D 454 -16.56 10.83 18.33
CA LYS D 454 -15.85 11.38 19.48
C LYS D 454 -15.23 12.75 19.19
N VAL D 455 -15.00 13.12 17.92
CA VAL D 455 -14.44 14.40 17.54
C VAL D 455 -15.48 15.13 16.68
N VAL D 456 -15.57 16.45 16.86
CA VAL D 456 -16.42 17.29 16.01
C VAL D 456 -15.99 17.02 14.57
N GLN D 457 -16.94 16.57 13.74
CA GLN D 457 -16.60 16.01 12.44
C GLN D 457 -15.86 17.01 11.56
N ASP D 458 -14.70 16.59 11.05
CA ASP D 458 -13.82 17.34 10.15
C ASP D 458 -13.07 18.48 10.85
N SER D 459 -13.37 18.74 12.12
CA SER D 459 -12.70 19.83 12.83
C SER D 459 -11.21 19.55 12.96
N ALA D 460 -10.86 18.37 13.47
CA ALA D 460 -9.46 18.04 13.70
C ALA D 460 -8.68 17.97 12.38
N HIS D 461 -9.27 17.38 11.33
CA HIS D 461 -8.61 17.35 10.03
C HIS D 461 -8.27 18.76 9.57
N ILE D 462 -9.26 19.66 9.55
CA ILE D 462 -9.04 21.00 9.01
C ILE D 462 -8.04 21.77 9.86
N GLU D 463 -8.18 21.71 11.19
CA GLU D 463 -7.27 22.45 12.06
C GLU D 463 -5.83 21.94 11.93
N THR D 464 -5.65 20.62 11.89
CA THR D 464 -4.32 20.06 11.73
C THR D 464 -3.71 20.49 10.40
N ILE D 465 -4.48 20.41 9.31
CA ILE D 465 -3.95 20.75 7.99
C ILE D 465 -3.57 22.23 7.91
N LYS D 466 -4.44 23.11 8.41
CA LYS D 466 -4.16 24.54 8.36
C LYS D 466 -2.94 24.89 9.20
N GLY D 467 -2.82 24.31 10.39
CA GLY D 467 -1.64 24.55 11.19
C GLY D 467 -0.37 24.10 10.50
N LEU D 468 -0.40 22.90 9.91
CA LEU D 468 0.81 22.38 9.25
C LEU D 468 1.23 23.25 8.08
N ILE D 469 0.27 23.63 7.21
CA ILE D 469 0.67 24.42 6.03
C ILE D 469 1.05 25.83 6.44
N LYS D 470 0.46 26.36 7.51
CA LYS D 470 0.90 27.66 8.02
C LYS D 470 2.35 27.60 8.50
N ASN D 471 2.81 26.45 9.00
CA ASN D 471 4.18 26.26 9.45
C ASN D 471 5.12 25.77 8.35
N ASP D 472 4.79 26.03 7.07
CA ASP D 472 5.60 25.63 5.92
C ASP D 472 5.87 24.13 5.94
N VAL D 473 4.85 23.34 6.30
CA VAL D 473 4.88 21.91 6.15
C VAL D 473 3.92 21.57 5.02
N ILE D 474 4.44 20.99 3.94
CA ILE D 474 3.58 20.58 2.84
C ILE D 474 2.80 19.35 3.28
N VAL D 475 1.52 19.29 2.93
CA VAL D 475 0.60 18.28 3.42
C VAL D 475 0.13 17.43 2.24
N VAL D 476 0.22 16.11 2.38
CA VAL D 476 -0.41 15.17 1.47
C VAL D 476 -1.57 14.51 2.23
N VAL D 477 -2.71 14.36 1.57
CA VAL D 477 -3.92 13.87 2.23
C VAL D 477 -4.47 12.66 1.50
N THR D 478 -5.07 11.74 2.26
CA THR D 478 -5.76 10.60 1.68
C THR D 478 -7.08 10.38 2.40
N GLY D 479 -7.99 9.69 1.71
CA GLY D 479 -9.20 9.18 2.35
C GLY D 479 -10.16 10.26 2.81
N CYS D 480 -10.80 9.99 3.95
CA CYS D 480 -11.82 10.91 4.46
C CYS D 480 -11.22 12.25 4.90
N ALA D 481 -9.96 12.26 5.35
CA ALA D 481 -9.27 13.53 5.60
C ALA D 481 -9.12 14.33 4.32
N ALA D 482 -8.75 13.67 3.23
CA ALA D 482 -8.65 14.34 1.94
C ALA D 482 -10.00 14.91 1.54
N GLN D 483 -11.07 14.15 1.79
CA GLN D 483 -12.40 14.64 1.42
C GLN D 483 -12.83 15.79 2.33
N ALA D 484 -12.43 15.79 3.61
CA ALA D 484 -12.68 16.95 4.45
C ALA D 484 -11.96 18.18 3.93
N ALA D 485 -10.71 18.02 3.50
CA ALA D 485 -9.97 19.11 2.89
C ALA D 485 -10.66 19.59 1.62
N ALA D 486 -11.16 18.67 0.80
CA ALA D 486 -11.87 19.04 -0.43
C ALA D 486 -13.12 19.85 -0.13
N LYS D 487 -13.92 19.39 0.84
CA LYS D 487 -15.13 20.11 1.20
C LYS D 487 -14.81 21.50 1.72
N TYR D 488 -13.76 21.61 2.53
CA TYR D 488 -13.43 22.90 3.12
C TYR D 488 -12.90 23.90 2.10
N GLY D 489 -12.22 23.44 1.05
CA GLY D 489 -11.63 24.33 0.06
C GLY D 489 -10.13 24.42 0.09
N LEU D 490 -9.44 23.51 0.78
CA LEU D 490 -7.99 23.53 0.84
C LEU D 490 -7.34 22.99 -0.42
N LEU D 491 -8.05 22.17 -1.20
CA LEU D 491 -7.53 21.57 -2.43
C LEU D 491 -7.68 22.56 -3.59
N GLN D 492 -7.12 23.74 -3.40
CA GLN D 492 -7.19 24.80 -4.40
C GLN D 492 -5.85 25.53 -4.46
N LYS D 493 -5.50 25.99 -5.66
CA LYS D 493 -4.27 26.77 -5.82
C LYS D 493 -4.34 28.04 -4.99
N GLU D 494 -5.50 28.69 -4.98
CA GLU D 494 -5.69 29.92 -4.20
C GLU D 494 -5.39 29.67 -2.72
N ALA D 495 -5.67 28.46 -2.23
CA ALA D 495 -5.40 28.17 -0.83
C ALA D 495 -3.95 28.45 -0.45
N ALA D 496 -3.02 28.34 -1.40
CA ALA D 496 -1.63 28.62 -1.10
C ALA D 496 -1.44 30.02 -0.53
N GLU D 497 -2.05 31.02 -1.16
CA GLU D 497 -1.92 32.38 -0.67
C GLU D 497 -2.86 32.70 0.48
N LYS D 498 -3.78 31.79 0.79
CA LYS D 498 -4.74 32.09 1.86
C LYS D 498 -4.33 31.46 3.20
N TYR D 499 -3.63 30.34 3.18
CA TYR D 499 -3.35 29.60 4.42
C TYR D 499 -1.88 29.27 4.63
N ALA D 500 -1.13 29.11 3.56
CA ALA D 500 0.24 28.62 3.69
C ALA D 500 1.18 29.70 4.20
N GLY D 501 2.28 29.26 4.82
CA GLY D 501 3.33 30.16 5.23
C GLY D 501 4.18 30.59 4.04
N PRO D 502 5.19 31.42 4.30
CA PRO D 502 5.95 32.00 3.18
C PRO D 502 6.68 30.98 2.31
N GLY D 503 7.40 30.03 2.92
CA GLY D 503 8.13 29.06 2.13
C GLY D 503 7.22 28.17 1.32
N LEU D 504 6.14 27.68 1.93
CA LEU D 504 5.19 26.82 1.21
C LEU D 504 4.45 27.61 0.14
N ALA D 505 4.11 28.87 0.41
CA ALA D 505 3.46 29.69 -0.62
C ALA D 505 4.38 29.89 -1.82
N THR D 506 5.66 30.15 -1.57
CA THR D 506 6.62 30.26 -2.67
C THR D 506 6.72 28.96 -3.44
N VAL D 507 6.79 27.82 -2.74
CA VAL D 507 6.90 26.54 -3.43
C VAL D 507 5.64 26.28 -4.28
N CYS D 508 4.47 26.56 -3.73
CA CYS D 508 3.24 26.35 -4.47
C CYS D 508 3.18 27.24 -5.70
N LYS D 509 3.61 28.49 -5.58
CA LYS D 509 3.63 29.36 -6.74
C LYS D 509 4.60 28.87 -7.80
N LEU D 510 5.79 28.42 -7.39
CA LEU D 510 6.81 27.96 -8.34
C LEU D 510 6.37 26.69 -9.05
N VAL D 511 5.79 25.73 -8.32
CA VAL D 511 5.40 24.45 -8.90
C VAL D 511 3.97 24.45 -9.42
N ASP D 512 3.17 25.46 -9.08
CA ASP D 512 1.77 25.55 -9.50
C ASP D 512 0.95 24.36 -8.99
N ILE D 513 0.97 24.19 -7.67
CA ILE D 513 0.22 23.14 -6.98
C ILE D 513 -0.51 23.74 -5.80
N PRO D 514 -1.57 23.10 -5.33
CA PRO D 514 -2.17 23.51 -4.04
C PRO D 514 -1.22 23.16 -2.91
N PRO D 515 -1.34 23.85 -1.77
CA PRO D 515 -0.52 23.47 -0.61
C PRO D 515 -0.87 22.09 -0.05
N VAL D 516 -2.03 21.54 -0.39
CA VAL D 516 -2.49 20.24 0.09
C VAL D 516 -2.68 19.35 -1.13
N LEU D 517 -1.99 18.21 -1.16
CA LEU D 517 -1.99 17.34 -2.32
C LEU D 517 -2.81 16.08 -2.01
N HIS D 518 -3.90 15.89 -2.75
CA HIS D 518 -4.76 14.71 -2.57
C HIS D 518 -4.13 13.53 -3.30
N MET D 519 -3.60 12.57 -2.56
CA MET D 519 -2.90 11.43 -3.17
C MET D 519 -3.79 10.20 -3.32
N GLY D 520 -5.08 10.27 -2.99
CA GLY D 520 -6.02 9.22 -3.33
C GLY D 520 -6.68 8.59 -2.12
N SER D 521 -6.95 7.30 -2.22
CA SER D 521 -7.72 6.57 -1.21
C SER D 521 -6.80 6.07 -0.10
N CYS D 522 -7.33 5.24 0.79
CA CYS D 522 -6.56 4.74 1.93
C CYS D 522 -5.48 3.75 1.50
N VAL D 523 -5.72 2.97 0.45
CA VAL D 523 -4.63 2.13 -0.08
C VAL D 523 -3.56 3.01 -0.73
N ASP D 524 -3.95 4.17 -1.28
CA ASP D 524 -3.00 5.09 -1.90
C ASP D 524 -2.05 5.74 -0.90
N ILE D 525 -2.22 5.48 0.40
CA ILE D 525 -1.18 5.83 1.37
C ILE D 525 0.13 5.15 0.99
N SER D 526 0.04 4.00 0.31
CA SER D 526 1.26 3.38 -0.20
C SER D 526 2.03 4.38 -1.07
N ARG D 527 1.33 5.16 -1.90
CA ARG D 527 2.00 6.20 -2.68
C ARG D 527 2.85 7.09 -1.78
N ILE D 528 2.29 7.52 -0.64
CA ILE D 528 3.04 8.36 0.28
C ILE D 528 4.33 7.66 0.68
N LEU D 529 4.19 6.39 1.10
CA LEU D 529 5.40 5.60 1.39
C LEU D 529 6.37 5.66 0.23
N ASP D 530 5.88 5.37 -0.96
CA ASP D 530 6.70 5.42 -2.16
C ASP D 530 7.44 6.75 -2.25
N LEU D 531 6.70 7.86 -2.16
CA LEU D 531 7.30 9.19 -2.25
C LEU D 531 8.40 9.34 -1.22
N VAL D 532 8.09 9.05 0.05
CA VAL D 532 9.08 9.22 1.11
C VAL D 532 10.29 8.36 0.82
N GLY D 533 10.06 7.11 0.41
CA GLY D 533 11.17 6.22 0.12
C GLY D 533 12.08 6.82 -0.92
N ARG D 534 11.49 7.33 -2.01
CA ARG D 534 12.28 7.94 -3.07
C ARG D 534 13.15 9.05 -2.51
N VAL D 535 12.54 9.93 -1.72
CA VAL D 535 13.30 11.03 -1.13
C VAL D 535 14.47 10.48 -0.32
N ALA D 536 14.19 9.47 0.51
CA ALA D 536 15.24 8.88 1.31
C ALA D 536 16.33 8.30 0.42
N ASN D 537 15.95 7.57 -0.61
CA ASN D 537 16.93 6.97 -1.50
C ASN D 537 17.72 8.03 -2.25
N LEU D 538 17.13 9.20 -2.46
CA LEU D 538 17.88 10.25 -3.13
C LEU D 538 18.89 10.88 -2.19
N LEU D 539 18.60 10.89 -0.89
CA LEU D 539 19.47 11.51 0.09
C LEU D 539 20.40 10.52 0.77
N GLY D 540 20.28 9.23 0.45
CA GLY D 540 21.16 8.23 1.06
C GLY D 540 20.96 8.08 2.56
N VAL D 541 19.72 8.22 3.04
CA VAL D 541 19.40 8.06 4.45
C VAL D 541 18.19 7.16 4.58
N ASP D 542 17.93 6.71 5.81
CA ASP D 542 16.72 5.96 6.12
C ASP D 542 15.54 6.91 6.24
N MET D 543 14.33 6.36 6.13
CA MET D 543 13.13 7.19 6.20
C MET D 543 12.92 7.82 7.57
N SER D 544 13.54 7.26 8.62
CA SER D 544 13.45 7.82 9.97
C SER D 544 14.35 9.03 10.16
N ASP D 545 15.23 9.34 9.21
CA ASP D 545 16.07 10.54 9.30
C ASP D 545 15.42 11.77 8.69
N LEU D 546 14.28 11.61 8.00
CA LEU D 546 13.65 12.73 7.30
C LEU D 546 12.68 13.49 8.20
N PRO D 547 12.50 14.79 7.94
CA PRO D 547 11.46 15.56 8.68
C PRO D 547 10.08 15.33 8.11
N VAL D 548 9.55 14.13 8.32
CA VAL D 548 8.25 13.72 7.82
C VAL D 548 7.43 13.21 8.99
N ALA D 549 6.12 13.21 8.83
CA ALA D 549 5.22 12.73 9.89
C ALA D 549 3.90 12.32 9.26
N GLY D 550 3.16 11.51 10.00
CA GLY D 550 1.80 11.16 9.61
C GLY D 550 0.84 11.50 10.73
N VAL D 551 -0.37 11.92 10.35
CA VAL D 551 -1.40 12.31 11.30
C VAL D 551 -2.70 11.61 10.94
N ALA D 552 -3.39 11.10 11.96
CA ALA D 552 -4.72 10.52 11.84
C ALA D 552 -5.62 11.23 12.83
N PRO D 553 -6.05 12.46 12.52
CA PRO D 553 -6.75 13.27 13.53
C PRO D 553 -8.04 12.65 14.04
N GLU D 554 -8.80 11.92 13.21
CA GLU D 554 -10.16 11.48 13.57
C GLU D 554 -10.40 10.02 13.17
N TRP D 555 -9.40 9.15 13.33
CA TRP D 555 -9.50 7.77 12.86
C TRP D 555 -10.51 6.95 13.68
N MET D 556 -11.11 5.95 13.05
CA MET D 556 -12.03 5.05 13.72
C MET D 556 -11.80 3.57 13.41
N SER D 557 -11.24 3.24 12.25
CA SER D 557 -11.25 1.89 11.72
C SER D 557 -10.01 1.09 12.14
N GLU D 558 -10.15 -0.23 12.10
CA GLU D 558 -8.99 -1.10 12.27
C GLU D 558 -7.97 -0.87 11.17
N LYS D 559 -8.43 -0.55 9.96
CA LYS D 559 -7.50 -0.19 8.90
C LYS D 559 -6.61 0.98 9.30
N ALA D 560 -7.17 1.98 9.99
CA ALA D 560 -6.37 3.10 10.45
C ALA D 560 -5.30 2.66 11.44
N VAL D 561 -5.63 1.71 12.32
CA VAL D 561 -4.64 1.19 13.26
C VAL D 561 -3.50 0.52 12.51
N ALA D 562 -3.84 -0.34 11.55
CA ALA D 562 -2.79 -1.01 10.77
C ALA D 562 -1.94 0.01 10.00
N ILE D 563 -2.56 1.05 9.46
CA ILE D 563 -1.84 2.08 8.71
C ILE D 563 -0.85 2.79 9.60
N GLY D 564 -1.31 3.27 10.76
CA GLY D 564 -0.40 3.93 11.68
C GLY D 564 0.73 3.04 12.11
N THR D 565 0.43 1.75 12.34
CA THR D 565 1.46 0.82 12.77
C THR D 565 2.53 0.65 11.68
N TYR D 566 2.12 0.48 10.42
CA TYR D 566 3.16 0.29 9.41
C TYR D 566 3.87 1.60 9.06
N VAL D 567 3.20 2.75 9.22
CA VAL D 567 3.88 4.03 9.00
C VAL D 567 4.95 4.24 10.07
N VAL D 568 4.64 3.95 11.33
CA VAL D 568 5.66 4.03 12.38
C VAL D 568 6.76 3.01 12.14
N THR D 569 6.39 1.78 11.77
CA THR D 569 7.39 0.73 11.54
C THR D 569 8.30 1.09 10.37
N SER D 570 7.79 1.81 9.37
CA SER D 570 8.62 2.28 8.26
C SER D 570 9.56 3.40 8.67
N GLY D 571 9.38 4.00 9.85
CA GLY D 571 10.28 5.04 10.32
C GLY D 571 9.68 6.44 10.25
N ILE D 572 8.35 6.57 10.36
CA ILE D 572 7.67 7.85 10.27
C ILE D 572 6.83 8.03 11.53
N ASP D 573 7.13 9.08 12.30
CA ASP D 573 6.37 9.39 13.50
C ASP D 573 4.90 9.63 13.16
N THR D 574 4.00 9.08 13.99
CA THR D 574 2.57 9.17 13.73
C THR D 574 1.85 9.75 14.93
N TRP D 575 1.03 10.76 14.68
CA TRP D 575 0.16 11.37 15.67
C TRP D 575 -1.25 10.82 15.51
N LEU D 576 -1.86 10.41 16.62
CA LEU D 576 -3.23 9.90 16.63
C LEU D 576 -4.12 10.89 17.35
N GLY D 577 -5.14 11.38 16.66
CA GLY D 577 -6.08 12.31 17.26
C GLY D 577 -7.18 11.66 18.10
N VAL D 578 -7.29 10.34 18.04
CA VAL D 578 -8.21 9.55 18.86
C VAL D 578 -7.39 8.51 19.60
N ALA D 579 -7.54 8.47 20.92
CA ALA D 579 -6.76 7.52 21.72
C ALA D 579 -7.15 6.09 21.37
N PRO D 580 -6.19 5.22 21.06
CA PRO D 580 -6.52 3.78 20.88
C PRO D 580 -6.68 3.10 22.23
N PRO D 581 -7.45 2.00 22.30
CA PRO D 581 -7.70 1.35 23.62
C PRO D 581 -6.47 0.64 24.18
N VAL D 582 -5.48 1.42 24.63
CA VAL D 582 -4.25 0.90 25.19
C VAL D 582 -3.89 1.52 26.53
N THR D 583 -4.66 2.51 27.02
CA THR D 583 -4.28 3.21 28.24
C THR D 583 -4.29 2.28 29.45
N GLY D 584 -5.00 1.16 29.38
CA GLY D 584 -5.01 0.21 30.47
C GLY D 584 -3.71 -0.55 30.64
N GLY D 585 -2.91 -0.69 29.57
CA GLY D 585 -1.62 -1.36 29.66
C GLY D 585 -0.44 -0.40 29.65
N PRO D 586 0.15 -0.14 30.83
CA PRO D 586 1.28 0.81 30.88
C PRO D 586 2.46 0.38 30.02
N GLU D 587 2.75 -0.92 29.98
CA GLU D 587 3.86 -1.40 29.15
C GLU D 587 3.59 -1.14 27.67
N VAL D 588 2.34 -1.36 27.22
CA VAL D 588 2.00 -1.13 25.81
C VAL D 588 2.09 0.35 25.46
N VAL D 589 1.62 1.22 26.36
CA VAL D 589 1.75 2.66 26.13
C VAL D 589 3.22 3.04 26.01
N ASP D 590 4.04 2.51 26.91
CA ASP D 590 5.48 2.80 26.89
C ASP D 590 6.14 2.29 25.61
N ILE D 591 5.74 1.11 25.13
CA ILE D 591 6.30 0.57 23.89
C ILE D 591 5.92 1.45 22.70
N LEU D 592 4.63 1.79 22.58
CA LEU D 592 4.14 2.51 21.40
C LEU D 592 4.65 3.94 21.34
N THR D 593 4.77 4.60 22.50
CA THR D 593 5.09 6.02 22.51
C THR D 593 6.54 6.31 22.90
N ASN D 594 7.23 5.37 23.54
CA ASN D 594 8.62 5.59 23.93
C ASN D 594 9.60 4.59 23.32
N LYS D 595 9.38 3.29 23.53
CA LYS D 595 10.40 2.30 23.15
C LYS D 595 10.47 2.08 21.66
N MET D 596 9.38 2.34 20.95
CA MET D 596 9.36 2.13 19.50
C MET D 596 10.47 2.91 18.81
N GLU D 597 10.79 4.11 19.31
CA GLU D 597 11.84 4.89 18.68
C GLU D 597 13.18 4.17 18.70
N ASP D 598 13.46 3.36 19.73
CA ASP D 598 14.69 2.59 19.75
C ASP D 598 14.70 1.49 18.70
N TRP D 599 13.52 0.96 18.35
CA TRP D 599 13.46 -0.15 17.40
C TRP D 599 13.53 0.35 15.96
N VAL D 600 12.63 1.25 15.59
CA VAL D 600 12.46 1.63 14.19
C VAL D 600 12.70 3.11 13.94
N GLY D 601 13.12 3.86 14.97
CA GLY D 601 13.43 5.27 14.81
C GLY D 601 12.24 6.20 14.79
N ALA D 602 11.02 5.69 14.96
CA ALA D 602 9.81 6.49 15.02
C ALA D 602 8.95 5.95 16.14
N LYS D 603 7.87 6.67 16.47
CA LYS D 603 6.98 6.27 17.56
C LYS D 603 5.64 6.96 17.39
N PHE D 604 4.65 6.48 18.15
CA PHE D 604 3.32 7.07 18.17
C PHE D 604 3.28 8.28 19.11
N PHE D 605 2.48 9.26 18.73
CA PHE D 605 2.14 10.41 19.57
C PHE D 605 0.62 10.43 19.69
N ILE D 606 0.11 10.46 20.92
CA ILE D 606 -1.33 10.54 21.16
C ILE D 606 -1.63 11.96 21.59
N GLU D 607 -2.41 12.69 20.78
CA GLU D 607 -2.70 14.09 21.06
C GLU D 607 -4.07 14.39 20.47
N THR D 608 -5.05 14.68 21.35
CA THR D 608 -6.42 14.98 20.95
C THR D 608 -6.66 16.45 20.68
N ASP D 609 -5.69 17.31 20.95
CA ASP D 609 -5.80 18.73 20.67
C ASP D 609 -5.06 19.00 19.36
N PRO D 610 -5.74 19.40 18.29
CA PRO D 610 -5.03 19.57 16.99
C PRO D 610 -3.95 20.64 17.02
N HIS D 611 -4.16 21.76 17.71
CA HIS D 611 -3.13 22.80 17.78
C HIS D 611 -1.88 22.29 18.47
N LYS D 612 -2.05 21.58 19.58
CA LYS D 612 -0.90 20.97 20.25
C LYS D 612 -0.22 19.94 19.36
N ALA D 613 -1.00 19.17 18.61
CA ALA D 613 -0.43 18.20 17.68
C ALA D 613 0.43 18.90 16.62
N VAL D 614 -0.04 20.01 16.07
CA VAL D 614 0.75 20.75 15.09
C VAL D 614 2.05 21.23 15.71
N GLU D 615 1.98 21.78 16.92
CA GLU D 615 3.18 22.24 17.61
C GLU D 615 4.17 21.09 17.81
N GLN D 616 3.69 19.94 18.26
CA GLN D 616 4.56 18.79 18.50
C GLN D 616 5.17 18.29 17.19
N ILE D 617 4.38 18.29 16.12
CA ILE D 617 4.91 17.84 14.82
C ILE D 617 6.03 18.77 14.37
N VAL D 618 5.83 20.09 14.50
CA VAL D 618 6.88 21.03 14.10
C VAL D 618 8.13 20.85 14.94
N ASN D 619 7.97 20.68 16.26
CA ASN D 619 9.14 20.49 17.12
C ASN D 619 9.89 19.20 16.77
N ARG D 620 9.17 18.12 16.54
CA ARG D 620 9.80 16.85 16.20
C ARG D 620 10.52 16.94 14.85
N MET D 621 9.90 17.60 13.86
CA MET D 621 10.55 17.79 12.57
C MET D 621 11.81 18.61 12.70
N ASN D 622 11.79 19.67 13.52
CA ASN D 622 12.99 20.47 13.73
C ASN D 622 14.07 19.64 14.41
N GLU D 623 13.68 18.79 15.37
CA GLU D 623 14.66 17.92 16.01
C GLU D 623 15.32 16.99 14.99
N LYS D 624 14.52 16.39 14.11
CA LYS D 624 15.10 15.49 13.12
C LYS D 624 15.94 16.25 12.09
N ARG D 625 15.56 17.49 11.77
CA ARG D 625 16.40 18.31 10.90
C ARG D 625 17.74 18.60 11.53
N LYS D 626 17.74 18.93 12.82
CA LYS D 626 19.00 19.19 13.52
C LYS D 626 19.85 17.94 13.61
N LYS D 627 19.22 16.78 13.77
CA LYS D 627 19.97 15.53 13.68
C LYS D 627 20.58 15.34 12.30
N LEU D 628 19.84 15.63 11.25
CA LEU D 628 20.30 15.44 9.88
C LEU D 628 21.26 16.53 9.41
N GLY D 629 21.37 17.64 10.14
CA GLY D 629 22.24 18.72 9.74
C GLY D 629 21.64 19.75 8.81
N ILE D 630 20.36 19.63 8.47
CA ILE D 630 19.72 20.58 7.57
C ILE D 630 18.93 21.65 8.34
#